data_3M13
#
_entry.id   3M13
#
_cell.length_a   99.296
_cell.length_b   69.298
_cell.length_c   111.427
_cell.angle_alpha   90.000
_cell.angle_beta   93.400
_cell.angle_gamma   90.000
#
_symmetry.space_group_name_H-M   'P 1 21 1'
#
loop_
_entity.id
_entity.type
_entity.pdbx_description
1 polymer 'Monomeric sarcosine oxidase'
2 non-polymer 'FLAVIN-ADENINE DINUCLEOTIDE'
3 non-polymer 'CHLORIDE ION'
4 non-polymer 'PHOSPHATE ION'
5 water water
#
_entity_poly.entity_id   1
_entity_poly.type   'polypeptide(L)'
_entity_poly.pdbx_seq_one_letter_code
;STHFDVIVVGAGSMGMAAGYQLAKQGVKTLLVDAFDPPHTNGSHHGDTRIIRHAYGEGREYVPLALRSQELWYELEKETH
HKIFTKTGVLVFGPKGESAFVAETMEAAKEHSLTVDLLEGDEINKRWPGITVPENYNAIFEPNSGVLFSENCIRAYRELA
EARGAKVLTHTRVEDFDISPDSVKIETANGSYTADKLIVSMGAWNSKLLSKLNLDIPLQPYRQVVGFFESDESKYSNDID
FPGFMVEVPNGIYYGFPSFGGCGLRLGYHTFGQKIDPDTINREFGVYPEDESNLRAFLEEYMPGANGELKRGAVCMYTKT
LDEHFIIDLHPEHSNVVIAAGFSGHGFKFSSGVGEVLSQLALTGKTEHDISIFSINRPALKESLQKTTI
;
_entity_poly.pdbx_strand_id   A,B,C,D
#
loop_
_chem_comp.id
_chem_comp.type
_chem_comp.name
_chem_comp.formula
CL non-polymer 'CHLORIDE ION' 'Cl -1'
FAD non-polymer 'FLAVIN-ADENINE DINUCLEOTIDE' 'C27 H33 N9 O15 P2'
PO4 non-polymer 'PHOSPHATE ION' 'O4 P -3'
#
# COMPACT_ATOMS: atom_id res chain seq x y z
N SER A 1 -2.81 -60.78 -17.55
CA SER A 1 -1.84 -61.14 -18.65
C SER A 1 -0.62 -60.17 -18.67
N THR A 2 -0.43 -59.49 -17.53
CA THR A 2 0.39 -58.27 -17.43
C THR A 2 1.57 -58.59 -16.46
N HIS A 3 2.70 -58.91 -17.09
CA HIS A 3 3.87 -59.27 -16.34
C HIS A 3 4.96 -58.24 -16.60
N PHE A 4 5.50 -57.69 -15.52
CA PHE A 4 6.47 -56.63 -15.66
C PHE A 4 7.84 -57.08 -15.19
N ASP A 5 8.89 -56.36 -15.58
CA ASP A 5 10.20 -56.66 -15.03
C ASP A 5 10.21 -56.24 -13.57
N VAL A 6 9.66 -55.03 -13.29
CA VAL A 6 9.65 -54.47 -11.91
C VAL A 6 8.32 -53.84 -11.59
N ILE A 7 7.83 -54.06 -10.36
CA ILE A 7 6.68 -53.30 -9.94
C ILE A 7 7.07 -52.39 -8.79
N VAL A 8 6.62 -51.13 -8.84
CA VAL A 8 6.87 -50.18 -7.74
C VAL A 8 5.55 -49.90 -7.03
N VAL A 9 5.46 -50.30 -5.76
CA VAL A 9 4.26 -50.01 -5.01
C VAL A 9 4.37 -48.66 -4.22
N GLY A 10 3.65 -47.65 -4.66
CA GLY A 10 3.81 -46.35 -4.10
C GLY A 10 4.69 -45.53 -4.97
N ALA A 11 4.06 -44.71 -5.82
CA ALA A 11 4.83 -43.99 -6.79
C ALA A 11 4.90 -42.54 -6.37
N GLY A 12 5.48 -42.27 -5.20
CA GLY A 12 5.54 -40.93 -4.63
C GLY A 12 6.96 -40.46 -4.81
N SER A 13 7.48 -39.76 -3.80
CA SER A 13 8.84 -39.21 -3.86
C SER A 13 9.87 -40.24 -4.30
N MET A 14 9.91 -41.39 -3.60
CA MET A 14 10.97 -42.37 -3.82
C MET A 14 10.60 -43.23 -5.01
N GLY A 15 9.36 -43.65 -5.06
CA GLY A 15 8.95 -44.61 -6.09
C GLY A 15 8.99 -44.07 -7.51
N MET A 16 8.59 -42.80 -7.66
CA MET A 16 8.61 -42.18 -8.96
C MET A 16 10.01 -41.94 -9.46
N ALA A 17 10.94 -41.56 -8.58
CA ALA A 17 12.38 -41.46 -8.95
C ALA A 17 12.89 -42.83 -9.31
N ALA A 18 12.60 -43.84 -8.45
CA ALA A 18 13.02 -45.19 -8.82
C ALA A 18 12.43 -45.54 -10.24
N GLY A 19 11.15 -45.32 -10.48
CA GLY A 19 10.55 -45.71 -11.77
C GLY A 19 11.22 -45.06 -12.97
N TYR A 20 11.60 -43.80 -12.78
CA TYR A 20 12.32 -43.05 -13.84
C TYR A 20 13.68 -43.68 -14.09
N GLN A 21 14.41 -44.02 -13.01
CA GLN A 21 15.70 -44.76 -13.17
C GLN A 21 15.62 -46.10 -13.97
N LEU A 22 14.60 -46.87 -13.64
CA LEU A 22 14.40 -48.14 -14.23
C LEU A 22 13.97 -47.95 -15.69
N ALA A 23 13.01 -47.07 -15.93
CA ALA A 23 12.40 -47.00 -17.30
C ALA A 23 13.44 -46.50 -18.27
N LYS A 24 14.36 -45.67 -17.75
CA LYS A 24 15.48 -45.02 -18.50
C LYS A 24 16.40 -46.05 -19.02
N GLN A 25 16.48 -47.16 -18.30
CA GLN A 25 17.26 -48.27 -18.80
C GLN A 25 16.47 -49.29 -19.55
N GLY A 26 15.25 -48.98 -20.02
CA GLY A 26 14.52 -49.97 -20.81
C GLY A 26 14.02 -51.13 -19.93
N VAL A 27 13.99 -50.94 -18.60
CA VAL A 27 13.29 -51.93 -17.71
C VAL A 27 11.74 -51.74 -17.77
N LYS A 28 11.00 -52.77 -18.10
CA LYS A 28 9.58 -52.67 -18.22
C LYS A 28 8.97 -52.62 -16.81
N THR A 29 8.30 -51.51 -16.48
CA THR A 29 8.07 -51.12 -15.11
C THR A 29 6.61 -50.76 -14.96
N LEU A 30 5.99 -51.23 -13.86
CA LEU A 30 4.64 -50.78 -13.54
C LEU A 30 4.72 -50.06 -12.21
N LEU A 31 4.15 -48.88 -12.16
CA LEU A 31 4.06 -48.10 -10.91
C LEU A 31 2.67 -48.08 -10.42
N VAL A 32 2.44 -48.56 -9.20
CA VAL A 32 1.04 -48.57 -8.70
C VAL A 32 0.85 -47.59 -7.55
N ASP A 33 -0.11 -46.66 -7.66
CA ASP A 33 -0.34 -45.70 -6.56
C ASP A 33 -1.83 -45.64 -6.11
N ALA A 34 -2.03 -45.40 -4.79
CA ALA A 34 -3.37 -45.31 -4.14
C ALA A 34 -4.08 -44.07 -4.65
N PHE A 35 -3.29 -43.09 -5.09
CA PHE A 35 -3.82 -41.78 -5.74
C PHE A 35 -3.24 -41.47 -7.10
N ASP A 36 -3.11 -40.20 -7.46
CA ASP A 36 -2.58 -39.95 -8.80
C ASP A 36 -1.41 -38.93 -8.68
N PRO A 37 -0.18 -39.41 -8.46
CA PRO A 37 0.89 -38.51 -7.90
C PRO A 37 1.29 -37.44 -8.92
N PRO A 38 1.69 -36.22 -8.49
CA PRO A 38 1.77 -35.69 -7.10
C PRO A 38 0.37 -35.39 -6.57
N HIS A 39 0.11 -35.77 -5.32
CA HIS A 39 -1.20 -35.53 -4.73
C HIS A 39 -1.01 -34.87 -3.37
N THR A 40 -2.10 -34.72 -2.61
CA THR A 40 -2.02 -34.01 -1.31
C THR A 40 -2.39 -34.97 -0.16
N ASN A 41 -2.25 -36.26 -0.35
CA ASN A 41 -2.60 -37.17 0.70
C ASN A 41 -1.37 -37.84 1.29
N GLY A 42 -0.19 -37.59 0.69
CA GLY A 42 1.04 -38.24 1.10
C GLY A 42 1.99 -37.33 1.91
N SER A 43 3.28 -37.46 1.59
CA SER A 43 4.33 -36.67 2.23
C SER A 43 5.07 -35.68 1.27
N HIS A 44 4.59 -35.50 0.04
CA HIS A 44 5.39 -34.70 -0.94
C HIS A 44 4.74 -33.35 -1.36
N HIS A 45 3.65 -32.93 -0.74
CA HIS A 45 2.96 -31.71 -1.20
C HIS A 45 3.31 -30.54 -0.30
N GLY A 46 2.72 -29.38 -0.55
CA GLY A 46 3.08 -28.16 0.17
C GLY A 46 4.11 -27.39 -0.66
N ASP A 47 4.29 -27.85 -1.89
CA ASP A 47 5.08 -27.14 -2.91
C ASP A 47 6.59 -27.19 -2.84
N THR A 48 7.20 -26.86 -1.70
CA THR A 48 8.64 -26.71 -1.61
C THR A 48 9.30 -27.65 -0.61
N ARG A 49 10.55 -28.07 -0.92
CA ARG A 49 11.39 -28.86 0.00
C ARG A 49 12.77 -28.32 0.09
N ILE A 50 13.37 -28.34 1.29
CA ILE A 50 14.76 -27.94 1.44
C ILE A 50 15.69 -29.02 1.00
N ILE A 51 16.76 -28.66 0.29
CA ILE A 51 17.91 -29.52 0.14
C ILE A 51 19.11 -28.74 0.69
N ARG A 52 19.90 -29.40 1.52
CA ARG A 52 21.07 -28.82 2.12
C ARG A 52 22.11 -29.95 2.20
N HIS A 53 23.39 -29.63 2.39
CA HIS A 53 24.42 -30.65 2.13
C HIS A 53 25.23 -30.90 3.37
N ALA A 54 25.31 -29.91 4.24
CA ALA A 54 26.09 -30.04 5.48
C ALA A 54 25.35 -30.92 6.48
N TYR A 55 25.34 -32.22 6.25
CA TYR A 55 24.33 -33.10 6.87
C TYR A 55 24.94 -33.80 8.05
N GLY A 56 24.74 -33.19 9.21
CA GLY A 56 25.24 -33.77 10.44
C GLY A 56 24.68 -35.10 10.90
N GLU A 57 23.62 -35.62 10.29
CA GLU A 57 22.99 -36.85 10.78
C GLU A 57 23.86 -38.08 10.53
N GLY A 58 24.89 -37.95 9.69
CA GLY A 58 25.74 -39.14 9.38
C GLY A 58 26.57 -38.85 8.15
N ARG A 59 27.80 -39.27 8.15
CA ARG A 59 28.64 -38.97 7.01
C ARG A 59 28.07 -39.47 5.68
N GLU A 60 27.34 -40.61 5.70
CA GLU A 60 26.90 -41.24 4.46
C GLU A 60 25.90 -40.28 3.72
N TYR A 61 25.27 -39.36 4.46
CA TYR A 61 24.24 -38.50 3.89
C TYR A 61 24.90 -37.48 2.97
N VAL A 62 26.11 -37.10 3.30
CA VAL A 62 26.78 -36.06 2.56
C VAL A 62 26.96 -36.41 1.09
N PRO A 63 27.60 -37.53 0.73
CA PRO A 63 27.58 -37.83 -0.71
C PRO A 63 26.22 -38.10 -1.35
N LEU A 64 25.25 -38.56 -0.57
CA LEU A 64 23.92 -38.80 -1.11
C LEU A 64 23.21 -37.50 -1.43
N ALA A 65 23.45 -36.50 -0.59
CA ALA A 65 22.93 -35.14 -0.84
C ALA A 65 23.58 -34.52 -2.06
N LEU A 66 24.90 -34.68 -2.18
CA LEU A 66 25.62 -34.08 -3.34
C LEU A 66 25.34 -34.76 -4.65
N ARG A 67 25.20 -36.05 -4.61
CA ARG A 67 24.71 -36.78 -5.78
C ARG A 67 23.27 -36.36 -6.09
N SER A 68 22.39 -36.40 -5.09
CA SER A 68 21.03 -35.90 -5.27
C SER A 68 20.99 -34.52 -5.92
N GLN A 69 21.72 -33.56 -5.37
CA GLN A 69 21.85 -32.23 -5.93
C GLN A 69 22.21 -32.22 -7.43
N GLU A 70 23.23 -32.98 -7.83
CA GLU A 70 23.62 -33.11 -9.27
C GLU A 70 22.49 -33.70 -10.08
N LEU A 71 21.82 -34.69 -9.49
CA LEU A 71 20.71 -35.30 -10.19
C LEU A 71 19.55 -34.33 -10.32
N TRP A 72 19.36 -33.40 -9.36
CA TRP A 72 18.29 -32.40 -9.51
C TRP A 72 18.68 -31.38 -10.57
N TYR A 73 19.96 -31.02 -10.68
CA TYR A 73 20.42 -30.18 -11.81
C TYR A 73 20.23 -30.87 -13.13
N GLU A 74 20.42 -32.19 -13.16
CA GLU A 74 20.13 -32.96 -14.43
C GLU A 74 18.63 -32.97 -14.76
N LEU A 75 17.80 -33.21 -13.75
CA LEU A 75 16.38 -33.25 -14.03
C LEU A 75 15.93 -31.86 -14.54
N GLU A 76 16.44 -30.78 -13.94
CA GLU A 76 16.15 -29.40 -14.47
C GLU A 76 16.39 -29.25 -16.00
N LYS A 77 17.47 -29.85 -16.45
CA LYS A 77 17.80 -29.80 -17.84
C LYS A 77 16.86 -30.58 -18.71
N GLU A 78 16.26 -31.67 -18.19
CA GLU A 78 15.56 -32.66 -19.02
C GLU A 78 14.10 -32.26 -19.23
N THR A 79 13.61 -31.42 -18.34
CA THR A 79 12.16 -31.14 -18.26
C THR A 79 11.82 -29.67 -18.37
N HIS A 80 10.58 -29.37 -18.73
CA HIS A 80 10.11 -27.99 -18.73
C HIS A 80 9.52 -27.58 -17.42
N HIS A 81 9.35 -28.51 -16.46
CA HIS A 81 8.94 -28.07 -15.10
C HIS A 81 10.09 -27.49 -14.36
N LYS A 82 9.82 -26.54 -13.44
CA LYS A 82 10.86 -25.96 -12.63
C LYS A 82 11.18 -26.94 -11.47
N ILE A 83 12.46 -27.20 -11.26
CA ILE A 83 12.94 -28.19 -10.27
C ILE A 83 13.50 -27.56 -9.00
N PHE A 84 14.42 -26.60 -9.20
CA PHE A 84 15.29 -26.16 -8.18
C PHE A 84 15.57 -24.70 -8.31
N THR A 85 15.51 -23.99 -7.16
CA THR A 85 16.00 -22.63 -7.14
C THR A 85 17.05 -22.49 -6.00
N LYS A 86 18.19 -21.89 -6.30
CA LYS A 86 19.27 -21.91 -5.42
C LYS A 86 19.18 -20.75 -4.36
N THR A 87 18.30 -20.87 -3.38
CA THR A 87 18.03 -19.75 -2.41
C THR A 87 19.13 -19.64 -1.39
N GLY A 88 19.95 -20.67 -1.29
CA GLY A 88 20.88 -20.81 -0.09
C GLY A 88 20.06 -21.37 1.05
N VAL A 89 20.74 -21.92 2.07
CA VAL A 89 20.06 -22.42 3.24
C VAL A 89 20.80 -21.99 4.50
N LEU A 90 20.08 -21.28 5.35
CA LEU A 90 20.53 -20.76 6.65
C LEU A 90 20.16 -21.72 7.78
N VAL A 91 21.18 -22.11 8.55
CA VAL A 91 20.95 -22.87 9.75
C VAL A 91 21.35 -21.93 10.93
N PHE A 92 20.44 -21.69 11.85
CA PHE A 92 20.90 -20.92 13.04
C PHE A 92 20.38 -21.51 14.34
N GLY A 93 21.01 -21.14 15.49
CA GLY A 93 20.48 -21.56 16.82
C GLY A 93 21.24 -20.83 17.98
N PRO A 94 20.79 -21.00 19.23
CA PRO A 94 21.61 -20.38 20.32
C PRO A 94 23.02 -21.00 20.44
N LYS A 95 24.08 -20.19 20.43
CA LYS A 95 25.46 -20.73 20.54
C LYS A 95 25.67 -21.67 21.75
N GLY A 96 26.44 -22.72 21.56
CA GLY A 96 26.58 -23.75 22.55
C GLY A 96 25.30 -24.45 22.99
N GLU A 97 24.13 -24.12 22.47
CA GLU A 97 22.90 -24.84 22.92
C GLU A 97 22.13 -25.55 21.79
N SER A 98 22.85 -26.04 20.79
CA SER A 98 22.15 -26.66 19.67
C SER A 98 23.00 -27.68 19.04
N ALA A 99 22.77 -28.95 19.37
CA ALA A 99 23.47 -30.06 18.74
C ALA A 99 23.33 -30.04 17.21
N PHE A 100 22.11 -29.79 16.72
CA PHE A 100 21.84 -29.61 15.25
C PHE A 100 22.82 -28.60 14.55
N VAL A 101 22.84 -27.34 14.99
CA VAL A 101 23.80 -26.32 14.47
C VAL A 101 25.27 -26.76 14.60
N ALA A 102 25.62 -27.30 15.77
CA ALA A 102 26.99 -27.81 16.00
C ALA A 102 27.31 -28.95 15.02
N GLU A 103 26.42 -29.89 14.89
CA GLU A 103 26.66 -31.01 13.98
C GLU A 103 26.69 -30.52 12.54
N THR A 104 25.86 -29.52 12.23
CA THR A 104 25.84 -28.92 10.88
C THR A 104 27.21 -28.31 10.60
N MET A 105 27.73 -27.54 11.55
CA MET A 105 29.08 -26.91 11.36
C MET A 105 30.24 -27.91 11.19
N GLU A 106 30.21 -29.06 11.88
CA GLU A 106 31.19 -30.17 11.74
C GLU A 106 31.17 -30.86 10.40
N ALA A 107 29.96 -31.19 9.91
CA ALA A 107 29.91 -31.88 8.64
C ALA A 107 30.42 -30.99 7.53
N ALA A 108 30.11 -29.71 7.60
CA ALA A 108 30.65 -28.72 6.68
C ALA A 108 32.20 -28.72 6.75
N LYS A 109 32.77 -28.54 7.94
CA LYS A 109 34.22 -28.58 8.03
C LYS A 109 34.73 -29.93 7.61
N GLU A 110 34.13 -31.01 8.05
CA GLU A 110 34.64 -32.33 7.73
C GLU A 110 34.61 -32.73 6.25
N HIS A 111 33.59 -32.24 5.51
CA HIS A 111 33.46 -32.52 4.07
C HIS A 111 33.85 -31.39 3.13
N SER A 112 34.54 -30.41 3.69
CA SER A 112 34.98 -29.21 2.95
C SER A 112 33.90 -28.55 2.16
N LEU A 113 32.77 -28.30 2.78
CA LEU A 113 31.70 -27.69 2.01
C LEU A 113 31.94 -26.22 2.07
N THR A 114 31.44 -25.50 1.06
CA THR A 114 31.53 -24.04 1.04
C THR A 114 30.38 -23.40 1.80
N VAL A 115 30.69 -22.67 2.85
CA VAL A 115 29.70 -22.13 3.78
C VAL A 115 30.19 -20.83 4.39
N ASP A 116 29.25 -20.02 4.87
CA ASP A 116 29.52 -18.79 5.61
C ASP A 116 29.14 -19.01 7.05
N LEU A 117 29.92 -18.42 7.93
CA LEU A 117 29.68 -18.54 9.37
C LEU A 117 29.37 -17.14 9.86
N LEU A 118 28.30 -16.97 10.61
CA LEU A 118 28.00 -15.65 11.13
C LEU A 118 27.37 -15.75 12.49
N GLU A 119 27.29 -14.61 13.16
CA GLU A 119 26.71 -14.64 14.49
C GLU A 119 26.08 -13.39 15.01
N GLY A 120 25.03 -13.55 15.80
CA GLY A 120 24.39 -12.40 16.46
C GLY A 120 23.86 -11.41 15.46
N ASP A 121 24.34 -10.17 15.63
CA ASP A 121 23.87 -9.01 14.83
C ASP A 121 24.18 -9.13 13.33
N GLU A 122 25.23 -9.89 12.99
CA GLU A 122 25.62 -10.17 11.60
C GLU A 122 24.48 -10.83 10.80
N ILE A 123 23.73 -11.71 11.47
CA ILE A 123 22.61 -12.42 10.87
C ILE A 123 21.56 -11.45 10.46
N ASN A 124 21.08 -10.62 11.38
CA ASN A 124 20.10 -9.58 11.05
C ASN A 124 20.59 -8.45 10.11
N LYS A 125 21.88 -8.16 10.12
CA LYS A 125 22.42 -7.21 9.12
C LYS A 125 22.36 -7.81 7.71
N ARG A 126 22.64 -9.10 7.61
CA ARG A 126 22.72 -9.72 6.31
C ARG A 126 21.33 -9.99 5.74
N TRP A 127 20.40 -10.46 6.58
CA TRP A 127 19.04 -10.65 6.16
C TRP A 127 18.12 -9.83 7.07
N PRO A 128 17.78 -8.60 6.64
CA PRO A 128 16.81 -7.92 7.46
C PRO A 128 15.55 -8.78 7.37
N GLY A 129 14.80 -8.87 8.44
CA GLY A 129 13.63 -9.77 8.35
C GLY A 129 13.88 -10.88 9.35
N ILE A 130 15.15 -11.15 9.61
CA ILE A 130 15.53 -12.11 10.66
C ILE A 130 15.87 -11.30 11.94
N THR A 131 15.33 -11.65 13.10
CA THR A 131 15.67 -10.99 14.35
C THR A 131 16.04 -12.05 15.36
N VAL A 132 17.34 -12.29 15.55
CA VAL A 132 17.79 -13.30 16.54
C VAL A 132 18.54 -12.61 17.71
N PRO A 133 18.50 -13.19 18.95
CA PRO A 133 19.33 -12.69 20.05
C PRO A 133 20.78 -12.69 19.66
N GLU A 134 21.57 -11.85 20.30
CA GLU A 134 22.97 -11.70 19.96
C GLU A 134 23.79 -12.92 20.33
N ASN A 135 23.20 -13.86 21.06
CA ASN A 135 23.91 -15.10 21.34
C ASN A 135 23.71 -16.26 20.33
N TYR A 136 23.10 -15.97 19.20
CA TYR A 136 22.79 -17.05 18.22
C TYR A 136 23.95 -17.08 17.24
N ASN A 137 24.28 -18.26 16.71
CA ASN A 137 25.28 -18.36 15.65
C ASN A 137 24.66 -19.05 14.45
N ALA A 138 25.37 -19.09 13.31
CA ALA A 138 24.71 -19.55 12.09
C ALA A 138 25.71 -20.03 11.15
N ILE A 139 25.24 -20.87 10.22
CA ILE A 139 26.03 -21.39 9.12
C ILE A 139 25.09 -21.37 7.89
N PHE A 140 25.53 -20.67 6.86
CA PHE A 140 24.77 -20.48 5.65
C PHE A 140 25.44 -21.29 4.54
N GLU A 141 24.69 -22.13 3.86
CA GLU A 141 25.19 -22.81 2.66
C GLU A 141 24.75 -22.07 1.39
N PRO A 142 25.68 -21.37 0.70
CA PRO A 142 25.20 -20.56 -0.42
C PRO A 142 24.67 -21.41 -1.63
N ASN A 143 25.10 -22.66 -1.74
CA ASN A 143 24.88 -23.49 -2.96
C ASN A 143 23.78 -24.52 -2.85
N SER A 144 23.08 -24.55 -1.70
CA SER A 144 21.95 -25.42 -1.66
C SER A 144 20.69 -24.56 -1.76
N GLY A 145 19.51 -25.15 -1.59
CA GLY A 145 18.32 -24.34 -1.82
C GLY A 145 17.00 -25.08 -1.77
N VAL A 146 16.13 -24.82 -2.73
CA VAL A 146 14.72 -25.21 -2.57
C VAL A 146 14.30 -26.05 -3.76
N LEU A 147 13.78 -27.25 -3.49
CA LEU A 147 13.18 -28.05 -4.51
C LEU A 147 11.68 -27.84 -4.70
N PHE A 148 11.13 -28.01 -5.90
CA PHE A 148 9.67 -27.94 -6.10
C PHE A 148 9.18 -29.31 -6.24
N SER A 149 8.81 -29.93 -5.09
CA SER A 149 8.70 -31.41 -4.99
C SER A 149 7.57 -31.94 -5.85
N GLU A 150 6.48 -31.21 -5.98
CA GLU A 150 5.43 -31.73 -6.84
C GLU A 150 5.81 -31.76 -8.27
N ASN A 151 6.54 -30.72 -8.74
CA ASN A 151 7.05 -30.68 -10.12
C ASN A 151 8.06 -31.81 -10.40
N CYS A 152 8.90 -32.15 -9.42
CA CYS A 152 9.92 -33.23 -9.46
C CYS A 152 9.27 -34.51 -9.70
N ILE A 153 8.18 -34.75 -8.95
CA ILE A 153 7.40 -36.00 -9.19
C ILE A 153 6.76 -36.05 -10.54
N ARG A 154 6.06 -34.99 -10.88
CA ARG A 154 5.43 -34.90 -12.21
C ARG A 154 6.46 -35.07 -13.37
N ALA A 155 7.58 -34.36 -13.28
CA ALA A 155 8.72 -34.53 -14.20
C ALA A 155 9.22 -35.94 -14.26
N TYR A 156 9.50 -36.53 -13.09
CA TYR A 156 9.95 -37.96 -13.20
C TYR A 156 8.92 -38.88 -13.81
N ARG A 157 7.67 -38.58 -13.54
CA ARG A 157 6.65 -39.45 -14.05
C ARG A 157 6.51 -39.30 -15.57
N GLU A 158 6.49 -38.06 -16.06
CA GLU A 158 6.32 -37.82 -17.50
C GLU A 158 7.46 -38.46 -18.26
N LEU A 159 8.64 -38.37 -17.70
CA LEU A 159 9.81 -38.86 -18.38
C LEU A 159 9.83 -40.38 -18.34
N ALA A 160 9.29 -40.99 -17.26
CA ALA A 160 9.27 -42.48 -17.16
C ALA A 160 8.20 -43.00 -18.14
N GLU A 161 7.03 -42.37 -18.19
CA GLU A 161 5.99 -42.75 -19.12
C GLU A 161 6.42 -42.64 -20.54
N ALA A 162 7.08 -41.54 -20.92
CA ALA A 162 7.66 -41.41 -22.26
C ALA A 162 8.49 -42.59 -22.62
N ARG A 163 9.29 -43.11 -21.71
CA ARG A 163 10.11 -44.32 -21.95
C ARG A 163 9.36 -45.61 -21.74
N GLY A 164 8.06 -45.59 -21.45
CA GLY A 164 7.32 -46.85 -21.43
C GLY A 164 6.89 -47.44 -20.07
N ALA A 165 7.15 -46.74 -18.97
CA ALA A 165 6.61 -47.10 -17.64
C ALA A 165 5.10 -46.96 -17.62
N LYS A 166 4.40 -47.87 -16.98
CA LYS A 166 2.95 -47.74 -16.91
C LYS A 166 2.68 -47.29 -15.45
N VAL A 167 1.71 -46.41 -15.23
CA VAL A 167 1.33 -45.93 -13.87
C VAL A 167 -0.17 -46.30 -13.71
N LEU A 168 -0.44 -47.18 -12.76
CA LEU A 168 -1.83 -47.53 -12.46
C LEU A 168 -2.24 -46.67 -11.27
N THR A 169 -3.11 -45.66 -11.51
CA THR A 169 -3.45 -44.71 -10.48
C THR A 169 -4.71 -45.21 -9.68
N HIS A 170 -4.95 -44.59 -8.54
CA HIS A 170 -6.13 -44.79 -7.70
C HIS A 170 -6.33 -46.24 -7.44
N THR A 171 -5.21 -46.96 -7.21
CA THR A 171 -5.22 -48.38 -6.97
C THR A 171 -4.42 -48.74 -5.74
N ARG A 172 -5.10 -49.00 -4.64
CA ARG A 172 -4.42 -49.36 -3.44
C ARG A 172 -3.97 -50.84 -3.48
N VAL A 173 -2.68 -51.11 -3.25
CA VAL A 173 -2.20 -52.48 -3.09
C VAL A 173 -2.65 -52.92 -1.68
N GLU A 174 -3.08 -54.17 -1.63
CA GLU A 174 -3.74 -54.76 -0.48
C GLU A 174 -2.93 -55.92 0.04
N ASP A 175 -2.20 -56.60 -0.83
CA ASP A 175 -1.41 -57.75 -0.35
C ASP A 175 -0.33 -58.07 -1.34
N PHE A 176 0.55 -58.96 -0.91
CA PHE A 176 1.76 -59.38 -1.60
C PHE A 176 1.90 -60.89 -1.54
N ASP A 177 2.39 -61.47 -2.62
CA ASP A 177 2.70 -62.86 -2.68
C ASP A 177 4.06 -62.91 -3.35
N ILE A 178 5.06 -63.27 -2.54
CA ILE A 178 6.47 -63.32 -2.91
C ILE A 178 6.97 -64.78 -2.96
N SER A 179 7.35 -65.24 -4.16
CA SER A 179 8.15 -66.48 -4.42
C SER A 179 9.64 -66.14 -4.67
N PRO A 180 10.51 -67.18 -4.73
CA PRO A 180 11.92 -66.94 -5.03
C PRO A 180 12.12 -66.43 -6.44
N ASP A 181 11.11 -66.61 -7.27
CA ASP A 181 11.26 -66.34 -8.69
C ASP A 181 10.37 -65.17 -9.17
N SER A 182 9.33 -64.85 -8.41
CA SER A 182 8.47 -63.71 -8.74
C SER A 182 7.94 -62.96 -7.51
N VAL A 183 7.21 -61.89 -7.81
CA VAL A 183 6.49 -61.18 -6.82
C VAL A 183 5.11 -60.96 -7.41
N LYS A 184 4.14 -60.80 -6.52
CA LYS A 184 2.80 -60.50 -6.96
C LYS A 184 2.13 -59.52 -6.04
N ILE A 185 1.33 -58.65 -6.64
CA ILE A 185 0.55 -57.71 -5.86
C ILE A 185 -0.96 -57.94 -6.03
N GLU A 186 -1.76 -57.67 -4.99
CA GLU A 186 -3.20 -57.84 -5.12
C GLU A 186 -3.86 -56.50 -4.91
N THR A 187 -4.83 -56.14 -5.75
CA THR A 187 -5.44 -54.80 -5.62
C THR A 187 -6.90 -54.91 -6.01
N ALA A 188 -7.73 -53.93 -5.68
CA ALA A 188 -9.15 -53.97 -6.11
C ALA A 188 -9.32 -53.93 -7.62
N ASN A 189 -8.28 -53.50 -8.32
CA ASN A 189 -8.27 -53.43 -9.76
C ASN A 189 -7.58 -54.55 -10.49
N GLY A 190 -7.19 -55.59 -9.77
CA GLY A 190 -6.59 -56.76 -10.36
C GLY A 190 -5.28 -57.10 -9.67
N SER A 191 -4.69 -58.22 -10.08
CA SER A 191 -3.38 -58.65 -9.60
C SER A 191 -2.31 -58.50 -10.64
N TYR A 192 -1.07 -58.23 -10.23
CA TYR A 192 0.05 -58.05 -11.21
C TYR A 192 1.27 -58.76 -10.73
N THR A 193 2.08 -59.28 -11.64
CA THR A 193 3.30 -59.97 -11.23
C THR A 193 4.54 -59.32 -11.84
N ALA A 194 5.70 -59.59 -11.27
CA ALA A 194 6.97 -59.17 -11.80
C ALA A 194 8.10 -60.06 -11.31
N ASP A 195 9.31 -59.80 -11.81
CA ASP A 195 10.53 -60.38 -11.23
C ASP A 195 10.90 -59.69 -9.87
N LYS A 196 10.78 -58.35 -9.82
CA LYS A 196 11.19 -57.54 -8.68
C LYS A 196 10.14 -56.55 -8.26
N LEU A 197 10.21 -56.22 -6.99
CA LEU A 197 9.28 -55.36 -6.33
C LEU A 197 10.08 -54.29 -5.52
N ILE A 198 9.63 -53.05 -5.62
CA ILE A 198 10.07 -52.02 -4.74
C ILE A 198 8.89 -51.52 -3.99
N VAL A 199 9.04 -51.39 -2.70
CA VAL A 199 7.95 -51.00 -1.87
C VAL A 199 8.25 -49.63 -1.29
N SER A 200 7.43 -48.64 -1.65
CA SER A 200 7.74 -47.27 -1.19
C SER A 200 6.44 -46.48 -0.94
N MET A 201 5.69 -46.95 0.03
CA MET A 201 4.38 -46.43 0.35
C MET A 201 4.32 -45.33 1.40
N GLY A 202 5.45 -44.70 1.69
CA GLY A 202 5.38 -43.54 2.54
C GLY A 202 4.65 -43.90 3.83
N ALA A 203 3.77 -43.03 4.31
CA ALA A 203 3.24 -43.26 5.63
C ALA A 203 2.56 -44.66 5.75
N TRP A 204 2.03 -45.19 4.64
CA TRP A 204 1.29 -46.44 4.70
C TRP A 204 2.23 -47.62 4.88
N ASN A 205 3.53 -47.38 4.74
CA ASN A 205 4.46 -48.43 5.03
C ASN A 205 4.23 -48.93 6.51
N SER A 206 3.83 -48.04 7.42
CA SER A 206 3.62 -48.35 8.82
C SER A 206 2.48 -49.39 9.04
N LYS A 207 1.49 -49.48 8.16
CA LYS A 207 0.42 -50.51 8.24
C LYS A 207 0.62 -51.69 7.27
N LEU A 208 1.49 -51.58 6.28
CA LEU A 208 1.39 -52.55 5.17
C LEU A 208 2.60 -53.42 5.01
N LEU A 209 3.68 -53.08 5.72
CA LEU A 209 4.86 -53.93 5.70
C LEU A 209 4.61 -55.23 6.46
N SER A 210 3.62 -55.23 7.35
CA SER A 210 3.27 -56.47 8.04
C SER A 210 2.77 -57.51 7.00
N LYS A 211 2.26 -57.03 5.85
CA LYS A 211 1.91 -57.93 4.73
C LYS A 211 3.07 -58.58 4.05
N LEU A 212 4.27 -58.18 4.44
CA LEU A 212 5.49 -58.74 3.89
C LEU A 212 6.22 -59.45 5.03
N ASN A 213 5.50 -59.66 6.12
CA ASN A 213 6.01 -60.29 7.35
C ASN A 213 7.05 -59.49 8.05
N LEU A 214 7.01 -58.16 7.90
CA LEU A 214 8.01 -57.37 8.62
C LEU A 214 7.34 -56.64 9.78
N ASP A 215 8.14 -56.43 10.83
CA ASP A 215 7.70 -55.80 12.04
C ASP A 215 8.71 -54.72 12.42
N ILE A 216 8.42 -53.53 11.92
CA ILE A 216 9.36 -52.41 12.08
C ILE A 216 8.55 -51.31 12.69
N PRO A 217 8.94 -50.82 13.87
CA PRO A 217 8.17 -49.68 14.35
C PRO A 217 8.30 -48.44 13.35
N LEU A 218 7.17 -47.85 12.93
CA LEU A 218 7.18 -46.68 12.03
C LEU A 218 6.02 -45.84 12.50
N GLN A 219 6.30 -44.62 12.94
CA GLN A 219 5.25 -43.81 13.47
C GLN A 219 4.91 -42.71 12.49
N PRO A 220 3.69 -42.67 11.93
CA PRO A 220 3.39 -41.50 11.08
C PRO A 220 3.02 -40.23 11.93
N TYR A 221 3.46 -39.06 11.48
CA TYR A 221 3.09 -37.78 12.21
C TYR A 221 2.40 -36.76 11.30
N ARG A 222 1.45 -36.02 11.88
CA ARG A 222 0.74 -34.96 11.26
C ARG A 222 1.56 -33.71 11.28
N GLN A 223 1.98 -33.23 10.12
CA GLN A 223 2.86 -32.09 10.05
C GLN A 223 2.33 -31.03 9.11
N VAL A 224 2.02 -29.87 9.68
CA VAL A 224 1.38 -28.83 8.91
C VAL A 224 2.38 -27.76 8.46
N VAL A 225 1.99 -26.98 7.47
CA VAL A 225 2.89 -25.95 6.89
C VAL A 225 1.93 -24.84 6.51
N GLY A 226 2.25 -23.59 6.86
CA GLY A 226 1.37 -22.47 6.55
C GLY A 226 2.10 -21.51 5.64
N PHE A 227 1.36 -20.75 4.80
CA PHE A 227 1.88 -19.79 3.87
C PHE A 227 1.28 -18.45 4.32
N PHE A 228 2.13 -17.46 4.55
CA PHE A 228 1.72 -16.22 5.24
C PHE A 228 2.07 -15.03 4.37
N GLU A 229 1.12 -14.07 4.17
CA GLU A 229 1.50 -12.78 3.51
C GLU A 229 2.68 -12.08 4.19
N SER A 230 3.65 -11.66 3.41
CA SER A 230 4.93 -11.24 3.98
C SER A 230 5.41 -9.91 3.41
N ASP A 231 6.26 -9.24 4.16
CA ASP A 231 6.94 -8.07 3.65
C ASP A 231 7.94 -8.49 2.57
N GLU A 232 7.60 -8.30 1.31
CA GLU A 232 8.41 -8.83 0.17
C GLU A 232 9.75 -8.15 0.09
N SER A 233 9.92 -7.02 0.78
CA SER A 233 11.19 -6.32 0.63
C SER A 233 12.17 -6.94 1.58
N LYS A 234 11.68 -7.87 2.40
CA LYS A 234 12.56 -8.60 3.30
C LYS A 234 12.60 -10.13 3.04
N TYR A 235 11.46 -10.72 2.73
CA TYR A 235 11.32 -12.23 2.60
C TYR A 235 11.28 -12.81 1.19
N SER A 236 11.23 -11.97 0.15
CA SER A 236 11.32 -12.45 -1.22
C SER A 236 12.62 -13.19 -1.52
N ASN A 237 12.52 -14.28 -2.27
CA ASN A 237 13.67 -14.95 -2.88
C ASN A 237 14.48 -13.95 -3.66
N ASP A 238 13.82 -12.97 -4.28
CA ASP A 238 14.47 -12.00 -5.22
C ASP A 238 15.42 -11.06 -4.46
N ILE A 239 15.21 -10.93 -3.15
CA ILE A 239 16.10 -10.11 -2.32
C ILE A 239 17.04 -11.02 -1.49
N ASP A 240 17.27 -12.25 -1.95
CA ASP A 240 18.03 -13.33 -1.30
C ASP A 240 17.67 -13.71 0.15
N PHE A 241 16.42 -13.57 0.49
CA PHE A 241 15.98 -14.25 1.73
C PHE A 241 16.20 -15.76 1.53
N PRO A 242 16.86 -16.41 2.49
CA PRO A 242 17.21 -17.81 2.29
C PRO A 242 16.11 -18.85 2.68
N GLY A 243 16.26 -20.11 2.27
CA GLY A 243 15.49 -21.20 2.89
C GLY A 243 16.18 -21.40 4.22
N PHE A 244 15.49 -22.00 5.18
CA PHE A 244 16.09 -22.08 6.51
C PHE A 244 15.62 -23.27 7.31
N MET A 245 16.47 -23.69 8.23
CA MET A 245 16.16 -24.74 9.10
C MET A 245 16.88 -24.43 10.42
N VAL A 246 16.14 -24.04 11.45
CA VAL A 246 16.79 -23.42 12.61
C VAL A 246 16.33 -24.01 13.94
N GLU A 247 17.10 -23.80 15.01
CA GLU A 247 16.69 -24.31 16.30
C GLU A 247 16.51 -23.13 17.27
N VAL A 248 15.41 -23.13 17.98
CA VAL A 248 15.08 -22.09 18.93
C VAL A 248 14.63 -22.86 20.18
N PRO A 249 14.28 -22.13 21.27
CA PRO A 249 13.87 -22.80 22.49
C PRO A 249 12.80 -23.86 22.40
N ASN A 250 11.67 -23.60 21.75
CA ASN A 250 10.65 -24.63 21.63
C ASN A 250 10.85 -25.63 20.47
N GLY A 251 12.01 -25.61 19.82
CA GLY A 251 12.40 -26.71 18.88
C GLY A 251 12.92 -26.22 17.51
N ILE A 252 12.74 -27.05 16.47
CA ILE A 252 13.31 -26.75 15.17
C ILE A 252 12.16 -26.42 14.24
N TYR A 253 12.40 -25.34 13.50
CA TYR A 253 11.50 -24.92 12.47
C TYR A 253 12.21 -24.89 11.09
N TYR A 254 11.42 -24.99 9.99
CA TYR A 254 11.99 -24.87 8.65
C TYR A 254 11.14 -23.92 7.86
N GLY A 255 11.75 -23.35 6.81
CA GLY A 255 10.94 -22.45 5.98
C GLY A 255 11.61 -22.00 4.71
N PHE A 256 10.86 -21.18 3.97
CA PHE A 256 11.15 -20.89 2.59
C PHE A 256 10.95 -19.40 2.34
N PRO A 257 11.82 -18.80 1.53
CA PRO A 257 11.41 -17.46 1.05
C PRO A 257 10.11 -17.43 0.22
N SER A 258 9.53 -16.23 0.12
CA SER A 258 8.46 -15.98 -0.76
C SER A 258 8.86 -16.00 -2.22
N PHE A 259 8.13 -16.77 -3.02
CA PHE A 259 8.42 -16.89 -4.44
C PHE A 259 7.30 -16.17 -5.20
N GLY A 260 7.65 -15.24 -6.07
CA GLY A 260 6.60 -14.66 -6.92
C GLY A 260 5.63 -13.85 -6.08
N GLY A 261 6.08 -13.42 -4.91
CA GLY A 261 5.16 -12.63 -4.03
C GLY A 261 4.11 -13.45 -3.34
N CYS A 262 4.27 -14.76 -3.19
CA CYS A 262 3.15 -15.54 -2.65
C CYS A 262 3.14 -15.68 -1.13
N GLY A 263 4.23 -15.42 -0.43
CA GLY A 263 4.17 -15.52 1.02
C GLY A 263 5.21 -16.49 1.52
N LEU A 264 5.75 -16.19 2.68
CA LEU A 264 6.74 -17.02 3.33
C LEU A 264 5.99 -18.27 3.81
N ARG A 265 6.61 -19.44 3.65
CA ARG A 265 6.09 -20.70 4.10
C ARG A 265 6.91 -21.21 5.31
N LEU A 266 6.26 -21.81 6.33
CA LEU A 266 6.95 -22.20 7.52
C LEU A 266 6.34 -23.48 8.04
N GLY A 267 7.17 -24.28 8.72
CA GLY A 267 6.72 -25.51 9.28
C GLY A 267 7.43 -25.72 10.59
N TYR A 268 6.76 -26.38 11.51
CA TYR A 268 7.38 -26.76 12.83
C TYR A 268 7.77 -28.22 12.75
N HIS A 269 9.02 -28.51 12.98
CA HIS A 269 9.62 -29.77 12.64
C HIS A 269 9.63 -30.77 13.81
N THR A 270 9.97 -30.30 15.01
CA THR A 270 10.15 -31.25 16.11
C THR A 270 8.83 -31.75 16.79
N PHE A 271 7.70 -31.09 16.55
CA PHE A 271 6.41 -31.58 16.99
C PHE A 271 5.41 -31.80 15.84
N GLY A 272 4.64 -32.92 15.93
CA GLY A 272 3.48 -33.24 15.08
C GLY A 272 2.54 -34.21 15.82
N GLN A 273 1.23 -34.28 15.49
CA GLN A 273 0.31 -35.33 16.07
C GLN A 273 0.60 -36.75 15.54
N LYS A 274 0.59 -37.75 16.43
CA LYS A 274 0.75 -39.12 15.98
C LYS A 274 -0.53 -39.54 15.35
N ILE A 275 -0.49 -40.09 14.14
CA ILE A 275 -1.74 -40.31 13.47
C ILE A 275 -1.67 -41.61 12.69
N ASP A 276 -2.75 -41.94 12.03
CA ASP A 276 -2.80 -43.06 11.12
C ASP A 276 -3.12 -42.40 9.85
N PRO A 277 -2.47 -42.87 8.78
CA PRO A 277 -2.56 -42.24 7.43
C PRO A 277 -3.94 -42.37 6.77
N ASP A 278 -4.71 -43.34 7.25
CA ASP A 278 -6.08 -43.49 6.77
C ASP A 278 -7.08 -42.64 7.52
N THR A 279 -6.73 -42.11 8.69
CA THR A 279 -7.73 -41.40 9.44
C THR A 279 -7.19 -40.00 9.85
N ILE A 280 -6.00 -39.63 9.37
CA ILE A 280 -5.48 -38.28 9.52
C ILE A 280 -6.52 -37.25 9.11
N ASN A 281 -6.68 -36.18 9.92
CA ASN A 281 -7.46 -35.00 9.52
C ASN A 281 -6.60 -34.01 8.75
N ARG A 282 -6.79 -33.93 7.46
CA ARG A 282 -5.98 -33.10 6.55
C ARG A 282 -6.51 -31.67 6.38
N GLU A 283 -7.27 -31.19 7.36
CA GLU A 283 -7.69 -29.78 7.37
C GLU A 283 -6.75 -28.95 8.18
N PHE A 284 -6.16 -27.95 7.55
CA PHE A 284 -5.23 -27.13 8.28
C PHE A 284 -6.06 -26.25 9.19
N GLY A 285 -5.72 -26.22 10.48
CA GLY A 285 -6.33 -25.27 11.38
C GLY A 285 -7.31 -25.97 12.34
N VAL A 286 -7.46 -27.30 12.23
CA VAL A 286 -8.34 -28.03 13.17
C VAL A 286 -7.82 -28.10 14.61
N TYR A 287 -6.53 -27.99 14.80
CA TYR A 287 -6.01 -27.87 16.11
C TYR A 287 -5.51 -26.45 16.22
N PRO A 288 -5.58 -25.85 17.44
CA PRO A 288 -5.15 -24.42 17.42
C PRO A 288 -3.67 -24.29 17.23
N GLU A 289 -2.95 -25.32 17.61
CA GLU A 289 -1.53 -25.53 17.37
C GLU A 289 -1.07 -25.30 15.93
N ASP A 290 -1.85 -25.78 14.96
CA ASP A 290 -1.46 -25.65 13.54
C ASP A 290 -0.90 -24.26 13.22
N GLU A 291 -1.70 -23.22 13.48
CA GLU A 291 -1.33 -21.82 13.25
C GLU A 291 -0.54 -21.12 14.37
N SER A 292 -0.83 -21.43 15.63
CA SER A 292 -0.15 -20.78 16.79
C SER A 292 1.35 -21.11 16.98
N ASN A 293 1.75 -22.38 16.80
CA ASN A 293 3.18 -22.73 16.88
C ASN A 293 4.00 -21.96 15.83
N LEU A 294 3.36 -21.69 14.70
CA LEU A 294 4.01 -21.00 13.57
C LEU A 294 4.05 -19.49 13.82
N ARG A 295 2.92 -18.91 14.20
CA ARG A 295 2.96 -17.49 14.62
C ARG A 295 3.91 -17.14 15.76
N ALA A 296 4.06 -18.08 16.71
CA ALA A 296 4.96 -17.91 17.86
C ALA A 296 6.37 -17.76 17.35
N PHE A 297 6.76 -18.56 16.35
CA PHE A 297 8.07 -18.38 15.74
C PHE A 297 8.04 -17.05 15.00
N LEU A 298 7.07 -16.85 14.12
CA LEU A 298 7.16 -15.65 13.27
C LEU A 298 7.30 -14.34 14.06
N GLU A 299 6.44 -14.13 15.04
CA GLU A 299 6.47 -12.87 15.82
C GLU A 299 7.79 -12.66 16.58
N GLU A 300 8.48 -13.73 16.96
CA GLU A 300 9.74 -13.55 17.64
C GLU A 300 10.93 -13.34 16.67
N TYR A 301 11.01 -14.15 15.61
CA TYR A 301 12.20 -14.23 14.79
C TYR A 301 12.01 -13.71 13.36
N MET A 302 10.78 -13.62 12.87
CA MET A 302 10.60 -13.10 11.50
C MET A 302 9.36 -12.25 11.40
N PRO A 303 9.36 -11.10 12.14
CA PRO A 303 8.07 -10.51 12.44
C PRO A 303 7.38 -9.91 11.23
N GLY A 304 8.13 -9.59 10.18
CA GLY A 304 7.49 -8.96 9.02
C GLY A 304 6.86 -10.01 8.14
N ALA A 305 7.05 -11.27 8.53
CA ALA A 305 6.50 -12.41 7.75
C ALA A 305 5.22 -12.89 8.42
N ASN A 306 4.91 -12.34 9.58
CA ASN A 306 3.77 -12.83 10.35
C ASN A 306 2.48 -12.22 9.82
N GLY A 307 2.16 -12.38 8.51
CA GLY A 307 0.95 -11.79 7.94
C GLY A 307 -0.24 -12.71 7.95
N GLU A 308 -1.31 -12.29 7.26
CA GLU A 308 -2.49 -13.15 7.05
C GLU A 308 -2.08 -14.51 6.54
N LEU A 309 -2.76 -15.53 7.08
CA LEU A 309 -2.57 -16.91 6.67
C LEU A 309 -3.19 -17.01 5.31
N LYS A 310 -2.41 -17.36 4.31
CA LYS A 310 -2.92 -17.52 2.93
C LYS A 310 -3.43 -18.92 2.66
N ARG A 311 -2.89 -19.88 3.39
CA ARG A 311 -3.06 -21.26 3.01
C ARG A 311 -2.25 -22.13 3.99
N GLY A 312 -2.73 -23.34 4.28
CA GLY A 312 -1.99 -24.29 5.06
C GLY A 312 -2.18 -25.59 4.35
N ALA A 313 -1.20 -26.50 4.47
CA ALA A 313 -1.24 -27.87 3.94
C ALA A 313 -1.05 -28.79 5.16
N VAL A 314 -1.50 -30.05 5.07
CA VAL A 314 -1.30 -31.03 6.15
C VAL A 314 -0.62 -32.19 5.53
N CYS A 315 0.55 -32.55 6.04
CA CYS A 315 1.41 -33.49 5.32
C CYS A 315 1.90 -34.48 6.34
N MET A 316 2.65 -35.52 5.94
CA MET A 316 3.08 -36.60 6.89
C MET A 316 4.52 -36.93 6.90
N TYR A 317 5.12 -37.14 8.11
CA TYR A 317 6.44 -37.75 8.28
C TYR A 317 6.18 -39.18 8.72
N THR A 318 7.15 -40.07 8.56
CA THR A 318 7.06 -41.48 9.01
C THR A 318 8.42 -41.72 9.60
N LYS A 319 8.51 -41.67 10.92
CA LYS A 319 9.73 -41.84 11.63
C LYS A 319 10.14 -43.30 12.00
N THR A 320 11.45 -43.61 11.92
CA THR A 320 12.02 -44.77 12.54
C THR A 320 12.41 -44.31 13.96
N LEU A 321 12.71 -45.26 14.85
CA LEU A 321 13.25 -44.86 16.18
C LEU A 321 14.59 -44.18 16.09
N ASP A 322 15.42 -44.43 15.07
CA ASP A 322 16.69 -43.69 15.06
C ASP A 322 16.60 -42.45 14.11
N GLU A 323 15.46 -42.26 13.49
CA GLU A 323 15.32 -41.16 12.49
C GLU A 323 16.22 -41.25 11.27
N HIS A 324 16.87 -42.40 11.11
CA HIS A 324 17.50 -42.78 9.83
C HIS A 324 16.56 -43.57 8.95
N PHE A 325 16.77 -43.47 7.65
CA PHE A 325 15.91 -44.11 6.65
C PHE A 325 16.13 -45.62 6.65
N ILE A 326 15.26 -46.33 5.93
CA ILE A 326 15.43 -47.75 5.76
C ILE A 326 15.55 -47.92 4.31
N ILE A 327 16.67 -48.42 3.86
CA ILE A 327 16.83 -48.60 2.42
C ILE A 327 17.58 -49.90 2.27
N ASP A 328 16.87 -50.93 1.81
CA ASP A 328 17.52 -52.28 1.86
C ASP A 328 16.67 -53.34 1.18
N LEU A 329 17.27 -54.49 0.87
CA LEU A 329 16.48 -55.63 0.39
C LEU A 329 15.63 -56.16 1.52
N HIS A 330 14.51 -56.81 1.21
CA HIS A 330 13.82 -57.54 2.24
C HIS A 330 14.77 -58.70 2.80
N PRO A 331 14.94 -58.82 4.13
CA PRO A 331 15.90 -59.84 4.62
C PRO A 331 15.59 -61.31 4.19
N GLU A 332 14.32 -61.65 3.96
CA GLU A 332 13.96 -62.97 3.49
C GLU A 332 13.64 -63.03 2.02
N HIS A 333 13.60 -61.86 1.31
CA HIS A 333 13.44 -61.91 -0.12
C HIS A 333 14.35 -60.96 -0.91
N SER A 334 15.33 -61.48 -1.63
CA SER A 334 16.31 -60.60 -2.31
C SER A 334 15.72 -59.91 -3.58
N ASN A 335 14.51 -60.33 -3.93
CA ASN A 335 13.72 -59.70 -5.03
C ASN A 335 12.69 -58.63 -4.65
N VAL A 336 12.73 -58.16 -3.37
CA VAL A 336 11.84 -57.13 -2.74
C VAL A 336 12.74 -56.06 -2.13
N VAL A 337 12.50 -54.80 -2.52
CA VAL A 337 13.39 -53.69 -2.08
C VAL A 337 12.50 -52.80 -1.24
N ILE A 338 12.96 -52.34 -0.07
CA ILE A 338 12.09 -51.55 0.85
C ILE A 338 12.64 -50.18 0.97
N ALA A 339 11.80 -49.13 0.81
CA ALA A 339 12.27 -47.73 1.04
C ALA A 339 11.23 -47.12 2.00
N ALA A 340 11.60 -46.85 3.24
CA ALA A 340 10.59 -46.46 4.22
C ALA A 340 11.20 -45.61 5.29
N GLY A 341 10.41 -44.95 6.13
CA GLY A 341 10.99 -44.28 7.34
C GLY A 341 11.88 -43.04 7.13
N PHE A 342 11.48 -42.21 6.18
CA PHE A 342 12.32 -41.09 5.73
C PHE A 342 12.29 -39.96 6.72
N SER A 343 11.48 -40.15 7.78
CA SER A 343 11.63 -39.41 9.05
C SER A 343 11.57 -37.90 8.95
N GLY A 344 10.80 -37.41 8.00
CA GLY A 344 10.69 -35.96 7.82
C GLY A 344 11.83 -35.29 7.10
N HIS A 345 12.76 -36.05 6.51
CA HIS A 345 13.89 -35.38 5.87
C HIS A 345 14.37 -36.09 4.64
N GLY A 346 13.50 -36.88 4.04
CA GLY A 346 13.88 -37.56 2.82
C GLY A 346 13.80 -36.93 1.44
N PHE A 347 13.06 -35.85 1.21
CA PHE A 347 12.69 -35.52 -0.13
C PHE A 347 13.93 -35.13 -1.00
N LYS A 348 14.87 -34.50 -0.33
CA LYS A 348 16.02 -33.88 -0.93
C LYS A 348 16.88 -34.92 -1.48
N PHE A 349 16.79 -36.13 -0.85
CA PHE A 349 17.57 -37.31 -1.34
C PHE A 349 16.85 -38.16 -2.33
N SER A 350 15.65 -37.75 -2.73
CA SER A 350 14.79 -38.69 -3.44
C SER A 350 15.34 -39.04 -4.80
N SER A 351 16.08 -38.09 -5.43
CA SER A 351 16.65 -38.41 -6.72
C SER A 351 17.71 -39.45 -6.50
N GLY A 352 18.58 -39.28 -5.49
CA GLY A 352 19.65 -40.27 -5.31
C GLY A 352 19.12 -41.61 -4.86
N VAL A 353 18.04 -41.58 -4.09
CA VAL A 353 17.46 -42.81 -3.52
C VAL A 353 16.85 -43.59 -4.67
N GLY A 354 16.29 -42.89 -5.66
CA GLY A 354 15.70 -43.59 -6.79
C GLY A 354 16.73 -44.39 -7.53
N GLU A 355 17.92 -43.81 -7.65
CA GLU A 355 19.07 -44.46 -8.21
C GLU A 355 19.52 -45.72 -7.44
N VAL A 356 19.69 -45.56 -6.14
CA VAL A 356 20.00 -46.64 -5.27
C VAL A 356 18.93 -47.75 -5.32
N LEU A 357 17.65 -47.41 -5.32
CA LEU A 357 16.57 -48.44 -5.42
C LEU A 357 16.61 -49.24 -6.69
N SER A 358 16.81 -48.52 -7.79
CA SER A 358 16.84 -49.15 -9.12
C SER A 358 18.04 -50.12 -9.15
N GLN A 359 19.15 -49.77 -8.49
CA GLN A 359 20.29 -50.68 -8.40
C GLN A 359 19.97 -51.89 -7.54
N LEU A 360 19.31 -51.70 -6.40
CA LEU A 360 19.01 -52.85 -5.57
C LEU A 360 18.09 -53.79 -6.36
N ALA A 361 17.02 -53.26 -6.97
CA ALA A 361 16.07 -54.04 -7.72
C ALA A 361 16.72 -54.84 -8.81
N LEU A 362 17.65 -54.24 -9.58
CA LEU A 362 18.15 -54.91 -10.79
C LEU A 362 19.31 -55.78 -10.45
N THR A 363 20.04 -55.47 -9.39
CA THR A 363 21.25 -56.25 -9.09
C THR A 363 21.36 -56.81 -7.68
N GLY A 364 20.47 -56.46 -6.76
CA GLY A 364 20.66 -56.82 -5.35
C GLY A 364 21.80 -56.13 -4.64
N LYS A 365 22.44 -55.17 -5.30
CA LYS A 365 23.52 -54.41 -4.72
C LYS A 365 23.45 -52.95 -5.19
N THR A 366 24.17 -52.07 -4.50
CA THR A 366 24.38 -50.67 -4.92
C THR A 366 25.89 -50.26 -4.84
N GLU A 367 26.28 -49.21 -5.52
CA GLU A 367 27.69 -48.91 -5.69
C GLU A 367 28.48 -48.45 -4.42
N HIS A 368 27.80 -47.82 -3.49
CA HIS A 368 28.35 -47.38 -2.20
C HIS A 368 27.66 -48.09 -1.02
N ASP A 369 28.25 -47.97 0.15
CA ASP A 369 27.91 -48.89 1.24
C ASP A 369 26.43 -49.07 1.75
N ILE A 370 25.74 -47.95 2.05
CA ILE A 370 24.31 -47.86 2.61
C ILE A 370 23.87 -48.56 3.90
N SER A 371 24.86 -49.01 4.68
CA SER A 371 24.65 -49.81 5.88
C SER A 371 23.98 -49.01 6.98
N ILE A 372 24.10 -47.68 7.01
CA ILE A 372 23.38 -46.96 8.03
C ILE A 372 21.84 -47.00 7.80
N PHE A 373 21.41 -47.39 6.57
CA PHE A 373 19.97 -47.56 6.23
C PHE A 373 19.45 -49.00 6.33
N SER A 374 20.26 -49.88 6.91
CA SER A 374 20.02 -51.33 6.96
C SER A 374 18.76 -51.62 7.67
N ILE A 375 17.93 -52.44 7.05
CA ILE A 375 16.72 -52.87 7.70
C ILE A 375 17.02 -53.89 8.83
N ASN A 376 18.29 -54.30 8.98
CA ASN A 376 18.68 -55.28 10.03
C ASN A 376 19.43 -54.63 11.15
N ARG A 377 19.55 -53.31 11.13
CA ARG A 377 20.23 -52.59 12.20
C ARG A 377 19.36 -52.66 13.46
N PRO A 378 20.00 -52.75 14.63
CA PRO A 378 19.27 -52.92 15.89
C PRO A 378 18.52 -51.72 16.40
N ALA A 379 19.00 -50.51 16.10
CA ALA A 379 18.28 -49.35 16.69
C ALA A 379 16.91 -49.14 16.00
N LEU A 380 16.62 -49.90 14.96
CA LEU A 380 15.32 -49.83 14.32
C LEU A 380 14.30 -50.45 15.27
N LYS A 381 14.85 -51.36 16.07
CA LYS A 381 14.23 -52.31 17.06
C LYS A 381 14.02 -53.71 16.47
N SER B 1 -7.10 1.60 47.65
CA SER B 1 -7.23 3.09 47.81
C SER B 1 -8.23 3.83 46.87
N THR B 2 -8.26 3.49 45.58
CA THR B 2 -9.02 4.32 44.62
C THR B 2 -10.23 3.67 43.94
N HIS B 3 -11.39 4.13 44.39
CA HIS B 3 -12.73 3.80 43.91
C HIS B 3 -13.31 4.94 43.03
N PHE B 4 -14.03 4.55 41.97
CA PHE B 4 -14.73 5.49 41.08
C PHE B 4 -16.19 5.10 41.01
N ASP B 5 -17.01 5.99 40.45
CA ASP B 5 -18.41 5.71 40.16
C ASP B 5 -18.47 4.79 38.95
N VAL B 6 -17.70 5.15 37.90
CA VAL B 6 -17.62 4.37 36.64
C VAL B 6 -16.20 4.22 36.13
N ILE B 7 -15.94 3.05 35.55
CA ILE B 7 -14.72 2.76 34.82
C ILE B 7 -15.00 2.47 33.32
N VAL B 8 -14.28 3.21 32.48
CA VAL B 8 -14.32 3.04 31.02
C VAL B 8 -13.02 2.34 30.65
N VAL B 9 -13.12 1.14 30.10
CA VAL B 9 -11.90 0.46 29.65
C VAL B 9 -11.74 0.48 28.12
N GLY B 10 -10.70 1.18 27.68
CA GLY B 10 -10.53 1.54 26.30
C GLY B 10 -11.19 2.88 26.07
N ALA B 11 -10.32 3.88 26.04
CA ALA B 11 -10.76 5.27 25.94
C ALA B 11 -10.53 5.84 24.54
N GLY B 12 -11.07 5.17 23.54
CA GLY B 12 -10.89 5.63 22.16
C GLY B 12 -12.16 6.30 21.72
N SER B 13 -12.65 5.91 20.55
CA SER B 13 -13.72 6.66 19.89
C SER B 13 -14.98 6.70 20.77
N MET B 14 -15.38 5.52 21.25
CA MET B 14 -16.60 5.39 22.02
C MET B 14 -16.37 5.66 23.50
N GLY B 15 -15.32 5.07 24.04
CA GLY B 15 -14.96 5.21 25.44
C GLY B 15 -14.73 6.65 25.81
N MET B 16 -13.94 7.41 25.05
CA MET B 16 -13.75 8.80 25.40
C MET B 16 -15.00 9.66 25.26
N ALA B 17 -15.85 9.41 24.26
CA ALA B 17 -17.17 10.08 24.16
C ALA B 17 -17.99 9.81 25.47
N ALA B 18 -17.99 8.55 25.88
CA ALA B 18 -18.69 8.11 27.07
C ALA B 18 -18.11 8.74 28.36
N GLY B 19 -16.80 8.93 28.43
CA GLY B 19 -16.13 9.66 29.51
C GLY B 19 -16.51 11.15 29.61
N TYR B 20 -16.63 11.80 28.45
CA TYR B 20 -17.11 13.18 28.37
C TYR B 20 -18.46 13.35 29.04
N GLN B 21 -19.46 12.62 28.54
CA GLN B 21 -20.84 12.57 29.04
C GLN B 21 -21.02 12.31 30.55
N LEU B 22 -20.23 11.36 31.07
CA LEU B 22 -20.27 10.95 32.48
C LEU B 22 -19.78 12.05 33.38
N ALA B 23 -18.55 12.50 33.09
CA ALA B 23 -17.86 13.55 33.85
C ALA B 23 -18.65 14.84 33.79
N LYS B 24 -19.28 15.10 32.65
CA LYS B 24 -20.07 16.31 32.47
C LYS B 24 -21.17 16.40 33.51
N GLN B 25 -21.62 15.23 34.00
CA GLN B 25 -22.66 15.15 35.04
C GLN B 25 -22.05 14.79 36.39
N GLY B 26 -20.87 15.31 36.67
CA GLY B 26 -20.25 15.13 37.98
C GLY B 26 -19.92 13.70 38.39
N VAL B 27 -20.22 12.70 37.53
CA VAL B 27 -19.85 11.30 37.78
C VAL B 27 -18.32 11.20 37.88
N LYS B 28 -17.82 10.33 38.78
CA LYS B 28 -16.39 10.19 38.97
C LYS B 28 -15.91 9.08 38.07
N THR B 29 -15.10 9.46 37.08
CA THR B 29 -14.72 8.54 36.00
C THR B 29 -13.20 8.34 35.86
N LEU B 30 -12.83 7.07 35.77
CA LEU B 30 -11.48 6.69 35.33
C LEU B 30 -11.52 6.03 33.95
N LEU B 31 -10.65 6.50 33.07
CA LEU B 31 -10.58 5.97 31.71
C LEU B 31 -9.18 5.39 31.54
N VAL B 32 -9.11 4.08 31.24
CA VAL B 32 -7.85 3.35 31.11
C VAL B 32 -7.59 3.01 29.63
N ASP B 33 -6.41 3.34 29.13
CA ASP B 33 -6.05 3.04 27.75
C ASP B 33 -4.68 2.47 27.62
N ALA B 34 -4.56 1.44 26.77
CA ALA B 34 -3.32 0.71 26.55
C ALA B 34 -2.35 1.62 25.85
N PHE B 35 -2.84 2.75 25.31
CA PHE B 35 -1.93 3.82 24.79
C PHE B 35 -2.31 5.22 25.28
N ASP B 36 -1.96 6.25 24.50
CA ASP B 36 -2.18 7.63 24.91
C ASP B 36 -3.09 8.34 23.87
N PRO B 37 -4.41 8.25 24.08
CA PRO B 37 -5.38 8.67 23.07
C PRO B 37 -5.44 10.18 22.91
N PRO B 38 -5.63 10.67 21.68
CA PRO B 38 -5.83 9.87 20.47
C PRO B 38 -4.47 9.36 20.04
N HIS B 39 -4.40 8.18 19.42
CA HIS B 39 -3.12 7.63 19.02
C HIS B 39 -3.25 6.96 17.61
N THR B 40 -2.20 6.30 17.13
CA THR B 40 -2.22 5.73 15.77
C THR B 40 -2.15 4.24 15.81
N ASN B 41 -2.69 3.64 16.88
CA ASN B 41 -2.65 2.17 17.02
C ASN B 41 -4.00 1.46 17.09
N GLY B 42 -5.11 2.22 17.10
CA GLY B 42 -6.42 1.60 17.17
C GLY B 42 -7.20 1.86 15.87
N SER B 43 -8.45 2.30 16.03
CA SER B 43 -9.37 2.56 14.93
C SER B 43 -9.66 4.01 14.52
N HIS B 44 -9.01 5.00 15.13
CA HIS B 44 -9.57 6.36 15.08
C HIS B 44 -8.70 7.39 14.42
N HIS B 45 -7.53 6.97 13.93
CA HIS B 45 -6.57 7.87 13.33
C HIS B 45 -6.66 7.88 11.78
N GLY B 46 -5.71 8.54 11.11
CA GLY B 46 -5.93 8.88 9.69
C GLY B 46 -6.75 10.15 9.49
N ASP B 47 -6.95 10.89 10.61
CA ASP B 47 -7.48 12.25 10.69
C ASP B 47 -8.94 12.49 10.42
N THR B 48 -9.50 11.84 9.40
CA THR B 48 -10.84 12.20 8.90
C THR B 48 -11.83 11.02 8.85
N ARG B 49 -13.08 11.32 9.19
CA ARG B 49 -14.19 10.35 9.12
C ARG B 49 -15.42 10.98 8.49
N ILE B 50 -16.13 10.17 7.74
CA ILE B 50 -17.35 10.55 7.08
C ILE B 50 -18.41 10.42 8.15
N ILE B 51 -19.28 11.43 8.19
CA ILE B 51 -20.60 11.31 8.73
C ILE B 51 -21.65 11.59 7.64
N ARG B 52 -22.61 10.71 7.58
CA ARG B 52 -23.69 10.88 6.65
C ARG B 52 -24.97 10.44 7.38
N HIS B 53 -26.13 10.74 6.81
CA HIS B 53 -27.32 10.53 7.59
C HIS B 53 -28.32 9.56 6.94
N ALA B 54 -28.33 9.49 5.60
CA ALA B 54 -29.22 8.58 4.90
C ALA B 54 -28.81 7.12 5.02
N TYR B 55 -28.97 6.60 6.24
CA TYR B 55 -28.41 5.32 6.60
C TYR B 55 -29.29 4.11 6.28
N GLY B 56 -29.01 3.52 5.12
CA GLY B 56 -29.77 2.39 4.67
C GLY B 56 -29.57 1.13 5.48
N GLU B 57 -28.46 1.03 6.21
CA GLU B 57 -28.17 -0.18 6.98
C GLU B 57 -29.32 -0.53 7.99
N GLY B 58 -30.24 0.42 8.24
CA GLY B 58 -31.34 0.19 9.22
C GLY B 58 -31.95 1.43 9.86
N ARG B 59 -33.26 1.38 10.11
CA ARG B 59 -34.00 2.59 10.51
C ARG B 59 -33.39 3.16 11.76
N GLU B 60 -33.03 2.29 12.71
CA GLU B 60 -32.41 2.66 14.01
C GLU B 60 -31.18 3.57 13.87
N TYR B 61 -30.43 3.41 12.78
CA TYR B 61 -29.25 4.26 12.49
C TYR B 61 -29.53 5.76 12.31
N VAL B 62 -30.65 6.12 11.69
CA VAL B 62 -30.92 7.52 11.32
C VAL B 62 -31.09 8.46 12.54
N PRO B 63 -31.87 8.06 13.57
CA PRO B 63 -31.86 8.95 14.75
C PRO B 63 -30.48 9.04 15.48
N LEU B 64 -29.76 7.93 15.58
CA LEU B 64 -28.41 7.94 16.12
C LEU B 64 -27.43 8.82 15.31
N ALA B 65 -27.54 8.81 13.99
CA ALA B 65 -26.74 9.71 13.15
C ALA B 65 -27.15 11.17 13.36
N LEU B 66 -28.46 11.40 13.46
CA LEU B 66 -29.01 12.72 13.62
C LEU B 66 -28.68 13.25 15.01
N ARG B 67 -28.89 12.45 16.04
CA ARG B 67 -28.37 12.85 17.33
C ARG B 67 -26.83 13.00 17.32
N SER B 68 -26.10 12.10 16.66
CA SER B 68 -24.64 12.30 16.59
C SER B 68 -24.22 13.64 15.95
N GLN B 69 -24.83 14.01 14.85
CA GLN B 69 -24.60 15.32 14.25
C GLN B 69 -24.88 16.51 15.19
N GLU B 70 -25.98 16.48 15.94
CA GLU B 70 -26.27 17.60 16.90
C GLU B 70 -25.13 17.77 17.83
N LEU B 71 -24.66 16.62 18.32
CA LEU B 71 -23.64 16.56 19.37
C LEU B 71 -22.29 17.02 18.85
N TRP B 72 -22.00 16.67 17.60
CA TRP B 72 -20.75 17.14 16.97
C TRP B 72 -20.77 18.67 16.87
N TYR B 73 -21.90 19.23 16.43
CA TYR B 73 -22.03 20.70 16.45
C TYR B 73 -21.90 21.30 17.86
N GLU B 74 -22.38 20.61 18.91
CA GLU B 74 -22.14 21.14 20.27
C GLU B 74 -20.68 21.12 20.66
N LEU B 75 -19.98 20.05 20.22
CA LEU B 75 -18.57 19.91 20.49
C LEU B 75 -17.79 20.99 19.81
N GLU B 76 -18.10 21.21 18.55
CA GLU B 76 -17.49 22.29 17.80
C GLU B 76 -17.56 23.64 18.58
N LYS B 77 -18.71 23.90 19.21
CA LYS B 77 -18.88 25.14 20.05
C LYS B 77 -18.09 25.16 21.34
N GLU B 78 -17.83 23.99 21.89
CA GLU B 78 -17.17 23.84 23.22
C GLU B 78 -15.65 23.79 23.27
N THR B 79 -15.01 23.59 22.10
CA THR B 79 -13.56 23.40 22.05
C THR B 79 -12.89 24.29 21.00
N HIS B 80 -11.57 24.40 21.10
CA HIS B 80 -10.78 25.11 20.13
C HIS B 80 -10.26 24.13 19.05
N HIS B 81 -10.45 22.82 19.24
CA HIS B 81 -10.05 21.89 18.18
C HIS B 81 -11.14 21.89 17.05
N LYS B 82 -10.71 21.88 15.80
CA LYS B 82 -11.68 21.76 14.66
C LYS B 82 -12.32 20.37 14.65
N ILE B 83 -13.64 20.31 14.66
CA ILE B 83 -14.38 19.04 14.79
C ILE B 83 -14.99 18.54 13.45
N PHE B 84 -15.66 19.45 12.71
CA PHE B 84 -16.54 19.07 11.52
C PHE B 84 -16.46 20.12 10.41
N THR B 85 -16.32 19.65 9.16
CA THR B 85 -16.42 20.49 8.00
C THR B 85 -17.57 19.85 7.20
N LYS B 86 -18.48 20.72 6.72
CA LYS B 86 -19.69 20.29 6.04
C LYS B 86 -19.39 20.20 4.54
N THR B 87 -18.75 19.12 4.13
CA THR B 87 -18.23 19.02 2.78
C THR B 87 -19.33 18.48 1.85
N GLY B 88 -20.43 18.01 2.43
CA GLY B 88 -21.33 17.09 1.71
C GLY B 88 -20.74 15.71 1.50
N VAL B 89 -21.63 14.70 1.37
CA VAL B 89 -21.26 13.31 1.15
C VAL B 89 -21.97 12.82 -0.10
N LEU B 90 -21.15 12.30 -1.01
CA LEU B 90 -21.66 11.80 -2.29
C LEU B 90 -21.57 10.29 -2.32
N VAL B 91 -22.75 9.64 -2.47
CA VAL B 91 -22.87 8.20 -2.74
C VAL B 91 -23.16 7.94 -4.26
N PHE B 92 -22.31 7.18 -4.98
CA PHE B 92 -22.66 6.72 -6.33
C PHE B 92 -22.34 5.23 -6.61
N GLY B 93 -22.86 4.69 -7.72
CA GLY B 93 -22.74 3.26 -8.00
C GLY B 93 -23.43 2.98 -9.30
N PRO B 94 -23.19 1.76 -9.89
CA PRO B 94 -23.86 1.46 -11.16
C PRO B 94 -25.38 1.30 -10.92
N LYS B 95 -26.19 1.99 -11.72
CA LYS B 95 -27.66 1.84 -11.72
C LYS B 95 -28.09 0.36 -11.72
N GLY B 96 -29.02 0.04 -10.81
CA GLY B 96 -29.58 -1.29 -10.60
C GLY B 96 -28.70 -2.27 -9.84
N GLU B 97 -27.41 -1.96 -9.70
CA GLU B 97 -26.49 -2.94 -9.14
C GLU B 97 -25.69 -2.48 -7.92
N SER B 98 -26.32 -1.68 -7.08
CA SER B 98 -25.76 -1.43 -5.79
C SER B 98 -26.84 -1.42 -4.74
N ALA B 99 -26.88 -2.47 -3.91
CA ALA B 99 -27.78 -2.45 -2.74
C ALA B 99 -27.47 -1.21 -1.95
N PHE B 100 -26.18 -0.87 -1.90
CA PHE B 100 -25.70 0.23 -1.06
C PHE B 100 -26.38 1.50 -1.53
N VAL B 101 -26.19 1.88 -2.79
CA VAL B 101 -26.90 3.03 -3.31
C VAL B 101 -28.44 2.95 -3.08
N ALA B 102 -29.08 1.84 -3.50
CA ALA B 102 -30.54 1.72 -3.37
C ALA B 102 -31.04 1.96 -1.96
N GLU B 103 -30.35 1.40 -0.96
CA GLU B 103 -30.78 1.59 0.41
C GLU B 103 -30.52 3.03 0.90
N THR B 104 -29.57 3.72 0.27
CA THR B 104 -29.27 5.10 0.65
C THR B 104 -30.45 5.97 0.22
N MET B 105 -30.87 5.81 -1.03
CA MET B 105 -32.10 6.45 -1.50
C MET B 105 -33.35 6.18 -0.63
N GLU B 106 -33.65 4.90 -0.39
CA GLU B 106 -34.75 4.53 0.50
C GLU B 106 -34.72 5.28 1.85
N ALA B 107 -33.55 5.30 2.48
CA ALA B 107 -33.41 5.90 3.80
C ALA B 107 -33.75 7.38 3.74
N ALA B 108 -33.23 8.05 2.70
CA ALA B 108 -33.51 9.47 2.45
C ALA B 108 -35.03 9.71 2.35
N LYS B 109 -35.70 9.15 1.34
CA LYS B 109 -37.18 9.13 1.31
C LYS B 109 -37.87 8.83 2.67
N GLU B 110 -37.64 7.65 3.25
CA GLU B 110 -38.23 7.32 4.55
C GLU B 110 -38.13 8.51 5.50
N HIS B 111 -36.93 9.01 5.73
CA HIS B 111 -36.75 10.02 6.80
C HIS B 111 -36.80 11.44 6.25
N SER B 112 -37.33 11.62 5.04
CA SER B 112 -37.51 12.96 4.50
C SER B 112 -36.24 13.85 4.46
N LEU B 113 -35.10 13.20 4.26
CA LEU B 113 -33.85 13.89 4.26
C LEU B 113 -33.66 14.74 2.99
N THR B 114 -33.18 15.97 3.20
CA THR B 114 -32.74 16.86 2.11
C THR B 114 -31.60 16.24 1.25
N VAL B 115 -31.91 15.79 0.04
CA VAL B 115 -30.81 15.31 -0.85
C VAL B 115 -30.97 15.77 -2.29
N ASP B 116 -29.87 15.72 -3.05
CA ASP B 116 -29.87 15.89 -4.51
C ASP B 116 -29.67 14.51 -5.18
N LEU B 117 -30.62 14.12 -6.03
CA LEU B 117 -30.51 12.85 -6.80
C LEU B 117 -29.99 13.20 -8.19
N LEU B 118 -28.91 12.54 -8.63
CA LEU B 118 -28.31 12.80 -9.95
C LEU B 118 -27.71 11.54 -10.61
N GLU B 119 -27.30 11.65 -11.88
CA GLU B 119 -26.95 10.47 -12.63
C GLU B 119 -26.16 10.69 -13.90
N GLY B 120 -25.49 9.61 -14.28
CA GLY B 120 -24.64 9.59 -15.45
C GLY B 120 -23.62 10.70 -15.46
N ASP B 121 -23.95 11.79 -16.13
CA ASP B 121 -22.94 12.78 -16.44
C ASP B 121 -23.23 14.12 -15.78
N GLU B 122 -24.42 14.21 -15.19
CA GLU B 122 -24.74 15.29 -14.26
C GLU B 122 -23.75 15.18 -13.09
N ILE B 123 -23.42 13.94 -12.71
CA ILE B 123 -22.39 13.72 -11.66
C ILE B 123 -21.04 14.33 -12.05
N ASN B 124 -20.55 13.99 -13.25
CA ASN B 124 -19.25 14.46 -13.75
C ASN B 124 -19.24 15.93 -14.10
N LYS B 125 -20.41 16.47 -14.38
CA LYS B 125 -20.59 17.89 -14.65
C LYS B 125 -20.69 18.70 -13.35
N ARG B 126 -21.43 18.16 -12.38
CA ARG B 126 -21.56 18.84 -11.09
C ARG B 126 -20.21 18.90 -10.39
N TRP B 127 -19.43 17.82 -10.49
CA TRP B 127 -18.10 17.75 -9.84
C TRP B 127 -17.02 17.37 -10.81
N PRO B 128 -16.43 18.39 -11.44
CA PRO B 128 -15.22 18.11 -12.22
C PRO B 128 -14.17 17.39 -11.35
N GLY B 129 -13.56 16.35 -11.95
CA GLY B 129 -12.64 15.45 -11.23
C GLY B 129 -13.21 14.06 -11.05
N ILE B 130 -14.54 13.99 -11.06
CA ILE B 130 -15.23 12.71 -11.05
C ILE B 130 -15.50 12.32 -12.53
N THR B 131 -15.23 11.07 -12.89
CA THR B 131 -15.50 10.56 -14.25
C THR B 131 -16.19 9.22 -14.10
N VAL B 132 -17.52 9.19 -13.94
CA VAL B 132 -18.22 7.90 -13.84
C VAL B 132 -18.85 7.54 -15.21
N PRO B 133 -19.34 6.27 -15.36
CA PRO B 133 -20.01 5.88 -16.59
C PRO B 133 -21.46 6.34 -16.59
N GLU B 134 -22.07 6.37 -17.78
CA GLU B 134 -23.42 6.94 -17.97
C GLU B 134 -24.45 6.16 -17.22
N ASN B 135 -24.16 4.91 -16.87
CA ASN B 135 -25.16 4.15 -16.13
C ASN B 135 -24.97 4.18 -14.61
N TYR B 136 -24.33 5.22 -14.08
CA TYR B 136 -24.18 5.41 -12.62
C TYR B 136 -25.18 6.43 -12.16
N ASN B 137 -25.98 6.10 -11.13
CA ASN B 137 -26.80 7.12 -10.51
C ASN B 137 -26.08 7.53 -9.19
N ALA B 138 -26.51 8.65 -8.60
CA ALA B 138 -25.94 9.18 -7.35
C ALA B 138 -26.96 9.89 -6.45
N ILE B 139 -26.64 9.93 -5.17
CA ILE B 139 -27.42 10.65 -4.19
C ILE B 139 -26.42 11.43 -3.30
N PHE B 140 -26.71 12.71 -3.08
CA PHE B 140 -25.80 13.63 -2.42
C PHE B 140 -26.49 14.23 -1.25
N GLU B 141 -25.90 14.08 -0.06
CA GLU B 141 -26.39 14.71 1.16
C GLU B 141 -25.69 16.03 1.44
N PRO B 142 -26.35 17.16 1.16
CA PRO B 142 -25.62 18.44 1.41
C PRO B 142 -25.27 18.71 2.86
N ASN B 143 -26.02 18.16 3.80
CA ASN B 143 -25.85 18.50 5.20
C ASN B 143 -24.83 17.70 5.94
N SER B 144 -24.26 16.73 5.21
CA SER B 144 -23.32 15.75 5.69
C SER B 144 -21.87 16.17 5.47
N GLY B 145 -20.95 15.42 6.09
CA GLY B 145 -19.56 15.83 5.89
C GLY B 145 -18.51 15.04 6.60
N VAL B 146 -17.54 15.76 7.17
CA VAL B 146 -16.28 15.11 7.53
C VAL B 146 -15.99 15.48 8.96
N LEU B 147 -15.70 14.50 9.82
CA LEU B 147 -15.27 14.74 11.19
C LEU B 147 -13.77 14.57 11.32
N PHE B 148 -13.16 15.41 12.18
CA PHE B 148 -11.71 15.29 12.46
C PHE B 148 -11.56 14.44 13.69
N SER B 149 -11.43 13.12 13.41
CA SER B 149 -11.60 12.08 14.43
C SER B 149 -10.61 12.16 15.60
N GLU B 150 -9.36 12.45 15.31
CA GLU B 150 -8.37 12.56 16.38
C GLU B 150 -8.67 13.82 17.24
N ASN B 151 -9.11 14.92 16.60
CA ASN B 151 -9.52 16.16 17.28
C ASN B 151 -10.74 15.94 18.15
N CYS B 152 -11.67 15.13 17.67
CA CYS B 152 -12.84 14.77 18.45
C CYS B 152 -12.41 14.13 19.80
N ILE B 153 -11.67 13.02 19.74
CA ILE B 153 -11.18 12.36 20.98
C ILE B 153 -10.34 13.27 21.90
N ARG B 154 -9.40 14.05 21.35
CA ARG B 154 -8.63 15.00 22.14
C ARG B 154 -9.51 16.04 22.88
N ALA B 155 -10.51 16.60 22.19
CA ALA B 155 -11.40 17.57 22.78
C ALA B 155 -12.19 16.94 23.93
N TYR B 156 -12.82 15.81 23.66
CA TYR B 156 -13.63 15.03 24.68
C TYR B 156 -12.79 14.69 25.87
N ARG B 157 -11.54 14.30 25.61
CA ARG B 157 -10.57 14.00 26.66
C ARG B 157 -10.28 15.24 27.51
N GLU B 158 -9.95 16.37 26.84
CA GLU B 158 -9.65 17.64 27.52
C GLU B 158 -10.86 18.15 28.34
N LEU B 159 -12.07 18.08 27.76
CA LEU B 159 -13.32 18.45 28.40
C LEU B 159 -13.72 17.53 29.56
N ALA B 160 -13.52 16.20 29.42
CA ALA B 160 -13.62 15.20 30.53
C ALA B 160 -12.64 15.44 31.74
N GLU B 161 -11.35 15.60 31.45
CA GLU B 161 -10.39 15.88 32.49
C GLU B 161 -10.67 17.22 33.18
N ALA B 162 -11.11 18.25 32.44
CA ALA B 162 -11.50 19.51 33.09
C ALA B 162 -12.65 19.29 34.05
N ARG B 163 -13.55 18.36 33.74
CA ARG B 163 -14.64 18.02 34.65
C ARG B 163 -14.16 16.99 35.65
N GLY B 164 -12.83 16.88 35.78
CA GLY B 164 -12.21 16.01 36.79
C GLY B 164 -12.02 14.52 36.50
N ALA B 165 -12.38 14.04 35.30
CA ALA B 165 -12.23 12.63 34.96
C ALA B 165 -10.75 12.28 34.92
N LYS B 166 -10.41 11.05 35.29
CA LYS B 166 -9.02 10.63 35.28
C LYS B 166 -8.77 9.69 34.10
N VAL B 167 -7.66 9.94 33.42
CA VAL B 167 -7.25 9.13 32.28
C VAL B 167 -5.93 8.47 32.64
N LEU B 168 -5.96 7.13 32.66
CA LEU B 168 -4.84 6.26 32.95
C LEU B 168 -4.33 5.72 31.60
N THR B 169 -3.15 6.17 31.18
CA THR B 169 -2.60 5.81 29.88
C THR B 169 -1.54 4.71 29.97
N HIS B 170 -1.27 4.08 28.81
CA HIS B 170 -0.33 2.99 28.67
C HIS B 170 -0.57 1.94 29.74
N THR B 171 -1.83 1.59 29.89
CA THR B 171 -2.21 0.68 30.89
C THR B 171 -3.15 -0.24 30.19
N ARG B 172 -2.67 -1.46 29.99
CA ARG B 172 -3.41 -2.49 29.32
C ARG B 172 -4.17 -3.32 30.34
N VAL B 173 -5.50 -3.32 30.26
CA VAL B 173 -6.30 -4.11 31.17
C VAL B 173 -6.37 -5.57 30.72
N GLU B 174 -5.97 -6.46 31.62
CA GLU B 174 -5.85 -7.91 31.36
C GLU B 174 -7.03 -8.69 31.89
N ASP B 175 -7.59 -8.26 33.01
CA ASP B 175 -8.71 -8.97 33.64
C ASP B 175 -9.68 -8.16 34.46
N PHE B 176 -10.87 -8.72 34.56
CA PHE B 176 -11.99 -8.11 35.24
C PHE B 176 -12.47 -9.03 36.39
N ASP B 177 -13.16 -8.43 37.36
CA ASP B 177 -13.70 -9.12 38.53
C ASP B 177 -15.08 -8.51 38.75
N ILE B 178 -16.13 -9.22 38.35
CA ILE B 178 -17.49 -8.66 38.39
C ILE B 178 -18.46 -9.34 39.39
N SER B 179 -18.91 -8.57 40.38
CA SER B 179 -19.92 -8.97 41.40
C SER B 179 -21.25 -8.25 41.11
N PRO B 180 -22.37 -8.69 41.75
CA PRO B 180 -23.68 -8.04 41.54
C PRO B 180 -23.76 -6.53 41.89
N ASP B 181 -22.85 -6.03 42.72
CA ASP B 181 -22.87 -4.62 43.09
C ASP B 181 -21.46 -4.01 43.07
N SER B 182 -20.55 -4.67 42.37
CA SER B 182 -19.33 -3.99 41.93
C SER B 182 -18.57 -4.66 40.75
N VAL B 183 -17.57 -3.90 40.28
CA VAL B 183 -16.67 -4.25 39.20
C VAL B 183 -15.26 -3.80 39.63
N LYS B 184 -14.27 -4.66 39.40
CA LYS B 184 -12.86 -4.30 39.60
C LYS B 184 -11.98 -4.81 38.44
N ILE B 185 -10.92 -4.08 38.13
CA ILE B 185 -10.09 -4.41 36.96
C ILE B 185 -8.62 -4.66 37.31
N GLU B 186 -8.08 -5.71 36.69
CA GLU B 186 -6.66 -6.07 36.79
C GLU B 186 -5.88 -5.49 35.61
N THR B 187 -5.14 -4.42 35.89
CA THR B 187 -4.43 -3.65 34.88
C THR B 187 -2.92 -3.93 34.95
N ALA B 188 -2.11 -3.19 34.19
CA ALA B 188 -0.66 -3.16 34.44
C ALA B 188 -0.28 -2.43 35.77
N ASN B 189 -1.09 -1.42 36.15
CA ASN B 189 -0.92 -0.62 37.36
C ASN B 189 -1.81 -1.12 38.50
N GLY B 190 -2.21 -2.39 38.42
CA GLY B 190 -2.88 -3.06 39.56
C GLY B 190 -4.39 -3.15 39.50
N SER B 191 -5.04 -2.50 40.45
CA SER B 191 -6.49 -2.62 40.64
C SER B 191 -7.18 -1.29 40.95
N TYR B 192 -8.39 -1.14 40.43
CA TYR B 192 -9.25 0.00 40.71
C TYR B 192 -10.69 -0.53 40.79
N THR B 193 -11.50 0.16 41.60
CA THR B 193 -12.85 -0.28 41.90
C THR B 193 -13.84 0.70 41.31
N ALA B 194 -15.04 0.22 40.99
CA ALA B 194 -16.16 1.09 40.63
C ALA B 194 -17.52 0.42 40.74
N ASP B 195 -18.59 1.20 40.62
CA ASP B 195 -19.94 0.65 40.65
C ASP B 195 -20.35 0.18 39.24
N LYS B 196 -19.76 0.80 38.21
CA LYS B 196 -20.11 0.47 36.82
C LYS B 196 -18.93 0.45 35.81
N LEU B 197 -19.02 -0.48 34.84
CA LEU B 197 -17.95 -0.74 33.88
C LEU B 197 -18.42 -0.58 32.44
N ILE B 198 -17.77 0.32 31.69
CA ILE B 198 -17.91 0.42 30.23
C ILE B 198 -16.71 -0.23 29.52
N VAL B 199 -16.97 -1.14 28.60
CA VAL B 199 -15.91 -1.89 27.98
C VAL B 199 -15.94 -1.52 26.50
N SER B 200 -14.89 -0.82 26.06
CA SER B 200 -14.91 -0.27 24.68
C SER B 200 -13.50 -0.30 24.07
N MET B 201 -12.98 -1.53 23.92
CA MET B 201 -11.55 -1.76 23.63
C MET B 201 -11.22 -1.95 22.12
N GLY B 202 -12.20 -1.68 21.27
CA GLY B 202 -11.99 -1.67 19.85
C GLY B 202 -11.55 -3.03 19.33
N ALA B 203 -10.49 -3.03 18.52
CA ALA B 203 -9.95 -4.24 17.87
C ALA B 203 -9.67 -5.32 18.92
N TRP B 204 -9.37 -4.90 20.15
CA TRP B 204 -8.97 -5.83 21.17
C TRP B 204 -10.11 -6.49 21.90
N ASN B 205 -11.33 -6.02 21.64
CA ASN B 205 -12.52 -6.61 22.27
C ASN B 205 -12.55 -8.10 21.92
N SER B 206 -12.12 -8.35 20.67
CA SER B 206 -12.19 -9.64 20.02
C SER B 206 -11.28 -10.68 20.68
N LYS B 207 -10.27 -10.19 21.42
CA LYS B 207 -9.32 -10.98 22.21
C LYS B 207 -9.75 -11.03 23.66
N LEU B 208 -10.31 -9.95 24.18
CA LEU B 208 -10.42 -9.82 25.62
C LEU B 208 -11.81 -9.84 26.21
N LEU B 209 -12.86 -9.97 25.40
CA LEU B 209 -14.22 -10.12 25.97
C LEU B 209 -14.40 -11.51 26.58
N SER B 210 -13.58 -12.45 26.13
CA SER B 210 -13.53 -13.78 26.72
C SER B 210 -13.16 -13.69 28.20
N LYS B 211 -12.50 -12.62 28.61
CA LYS B 211 -12.20 -12.36 30.02
C LYS B 211 -13.45 -11.98 30.84
N LEU B 212 -14.59 -11.88 30.17
CA LEU B 212 -15.86 -11.51 30.78
C LEU B 212 -16.80 -12.59 30.34
N ASN B 213 -16.23 -13.75 30.09
CA ASN B 213 -17.02 -14.95 29.88
C ASN B 213 -17.94 -14.80 28.65
N LEU B 214 -17.52 -13.96 27.71
CA LEU B 214 -18.30 -13.74 26.50
C LEU B 214 -17.62 -14.37 25.30
N ASP B 215 -18.41 -14.97 24.43
CA ASP B 215 -17.81 -15.57 23.26
C ASP B 215 -18.50 -15.13 21.97
N ILE B 216 -18.01 -14.02 21.41
CA ILE B 216 -18.66 -13.40 20.25
C ILE B 216 -17.67 -13.37 19.06
N PRO B 217 -18.04 -13.95 17.90
CA PRO B 217 -17.20 -13.70 16.70
C PRO B 217 -16.99 -12.18 16.46
N LEU B 218 -15.74 -11.77 16.42
CA LEU B 218 -15.38 -10.40 16.07
C LEU B 218 -14.06 -10.50 15.34
N GLN B 219 -13.96 -9.97 14.13
CA GLN B 219 -12.75 -10.16 13.39
C GLN B 219 -12.10 -8.78 13.13
N PRO B 220 -10.89 -8.53 13.70
CA PRO B 220 -10.16 -7.33 13.27
C PRO B 220 -9.60 -7.47 11.84
N TYR B 221 -9.60 -6.36 11.12
CA TYR B 221 -9.09 -6.30 9.75
C TYR B 221 -8.16 -5.11 9.66
N ARG B 222 -7.07 -5.27 8.92
CA ARG B 222 -6.11 -4.25 8.60
C ARG B 222 -6.67 -3.44 7.41
N GLN B 223 -6.86 -2.13 7.63
CA GLN B 223 -7.49 -1.20 6.67
C GLN B 223 -6.68 0.10 6.48
N VAL B 224 -6.13 0.25 5.28
CA VAL B 224 -5.27 1.35 5.01
C VAL B 224 -6.01 2.51 4.33
N VAL B 225 -5.42 3.70 4.39
CA VAL B 225 -5.98 4.89 3.76
C VAL B 225 -4.80 5.50 3.10
N GLY B 226 -4.89 5.87 1.80
CA GLY B 226 -3.80 6.58 1.17
C GLY B 226 -4.05 8.08 1.01
N PHE B 227 -2.99 8.91 1.02
CA PHE B 227 -3.13 10.35 0.77
C PHE B 227 -2.33 10.64 -0.48
N PHE B 228 -2.97 11.27 -1.46
CA PHE B 228 -2.48 11.42 -2.82
C PHE B 228 -2.37 12.85 -3.23
N GLU B 229 -1.21 13.28 -3.71
CA GLU B 229 -1.14 14.59 -4.42
C GLU B 229 -2.21 14.67 -5.54
N SER B 230 -2.97 15.77 -5.62
CA SER B 230 -4.21 15.87 -6.41
C SER B 230 -4.35 17.25 -7.11
N ASP B 231 -5.20 17.31 -8.10
CA ASP B 231 -5.44 18.58 -8.73
C ASP B 231 -6.38 19.44 -7.84
N GLU B 232 -5.79 20.45 -7.22
CA GLU B 232 -6.52 21.29 -6.21
C GLU B 232 -7.62 22.10 -6.82
N SER B 233 -7.51 22.36 -8.13
CA SER B 233 -8.59 23.01 -8.87
C SER B 233 -9.82 22.12 -8.99
N LYS B 234 -9.72 20.84 -8.62
CA LYS B 234 -10.87 19.96 -8.66
C LYS B 234 -11.13 19.21 -7.36
N TYR B 235 -10.11 18.87 -6.61
CA TYR B 235 -10.32 17.95 -5.47
C TYR B 235 -10.31 18.63 -4.10
N SER B 236 -10.05 19.95 -4.07
CA SER B 236 -10.02 20.78 -2.83
C SER B 236 -11.37 20.86 -2.11
N ASN B 237 -11.42 20.67 -0.78
CA ASN B 237 -12.67 21.11 -0.08
C ASN B 237 -13.15 22.53 -0.46
N ASP B 238 -12.22 23.43 -0.75
CA ASP B 238 -12.48 24.85 -1.08
C ASP B 238 -13.23 25.07 -2.35
N ILE B 239 -13.20 24.09 -3.23
CA ILE B 239 -13.96 24.16 -4.45
C ILE B 239 -15.12 23.15 -4.38
N ASP B 240 -15.52 22.79 -3.14
CA ASP B 240 -16.66 21.87 -2.83
C ASP B 240 -16.64 20.45 -3.34
N PHE B 241 -15.43 19.97 -3.65
CA PHE B 241 -15.27 18.53 -3.78
C PHE B 241 -15.77 17.82 -2.53
N PRO B 242 -16.66 16.79 -2.68
CA PRO B 242 -17.35 16.27 -1.52
C PRO B 242 -16.59 15.12 -0.87
N GLY B 243 -17.02 14.72 0.33
CA GLY B 243 -16.62 13.41 0.86
C GLY B 243 -17.49 12.43 0.07
N PHE B 244 -17.05 11.17 0.02
CA PHE B 244 -17.76 10.11 -0.76
C PHE B 244 -17.70 8.71 -0.17
N MET B 245 -18.77 7.91 -0.35
CA MET B 245 -18.72 6.48 -0.18
C MET B 245 -19.49 5.91 -1.37
N VAL B 246 -18.76 5.16 -2.21
CA VAL B 246 -19.20 4.70 -3.54
C VAL B 246 -18.96 3.20 -3.79
N GLU B 247 -19.96 2.56 -4.42
CA GLU B 247 -19.79 1.19 -4.90
C GLU B 247 -19.48 1.17 -6.37
N VAL B 248 -18.30 0.65 -6.72
CA VAL B 248 -17.94 0.29 -8.10
C VAL B 248 -17.91 -1.28 -8.23
N PRO B 249 -17.66 -1.89 -9.44
CA PRO B 249 -17.75 -3.39 -9.56
C PRO B 249 -16.90 -4.18 -8.54
N ASN B 250 -15.66 -3.73 -8.38
CA ASN B 250 -14.74 -4.37 -7.45
C ASN B 250 -14.82 -3.93 -5.99
N GLY B 251 -15.97 -3.38 -5.54
CA GLY B 251 -16.25 -3.08 -4.13
C GLY B 251 -16.47 -1.61 -3.75
N ILE B 252 -16.46 -1.35 -2.44
CA ILE B 252 -16.82 -0.04 -1.82
C ILE B 252 -15.56 0.74 -1.45
N TYR B 253 -15.51 1.99 -1.91
CA TYR B 253 -14.45 2.92 -1.56
C TYR B 253 -15.02 4.16 -0.87
N TYR B 254 -14.23 4.74 0.04
CA TYR B 254 -14.56 5.99 0.70
C TYR B 254 -13.36 6.98 0.57
N GLY B 255 -13.64 8.27 0.73
CA GLY B 255 -12.60 9.24 0.57
C GLY B 255 -13.07 10.62 0.87
N PHE B 256 -12.11 11.54 0.83
CA PHE B 256 -12.25 12.85 1.39
C PHE B 256 -11.63 13.85 0.43
N PRO B 257 -12.19 15.05 0.34
CA PRO B 257 -11.52 16.10 -0.41
C PRO B 257 -10.15 16.50 0.16
N SER B 258 -9.38 17.24 -0.64
CA SER B 258 -8.12 17.76 -0.17
C SER B 258 -8.39 18.96 0.73
N PHE B 259 -7.75 18.94 1.90
CA PHE B 259 -7.95 20.03 2.84
C PHE B 259 -6.68 20.84 2.93
N GLY B 260 -6.82 22.14 2.76
CA GLY B 260 -5.67 23.03 2.94
C GLY B 260 -4.50 22.62 2.05
N GLY B 261 -4.76 21.79 1.05
CA GLY B 261 -3.71 21.36 0.10
C GLY B 261 -2.95 20.09 0.38
N CYS B 262 -3.38 19.29 1.35
CA CYS B 262 -2.64 18.10 1.75
C CYS B 262 -2.98 16.79 1.00
N GLY B 263 -3.81 16.86 -0.04
CA GLY B 263 -4.07 15.69 -0.81
C GLY B 263 -5.39 15.02 -0.48
N LEU B 264 -5.89 14.36 -1.50
CA LEU B 264 -7.07 13.53 -1.38
C LEU B 264 -6.72 12.23 -0.62
N ARG B 265 -7.59 11.86 0.31
CA ARG B 265 -7.57 10.57 1.04
C ARG B 265 -8.55 9.57 0.45
N LEU B 266 -8.13 8.32 0.33
CA LEU B 266 -8.94 7.22 -0.24
C LEU B 266 -8.66 5.95 0.59
N GLY B 267 -9.70 5.20 0.91
CA GLY B 267 -9.55 3.86 1.46
C GLY B 267 -10.48 2.85 0.78
N TYR B 268 -10.10 1.59 0.84
CA TYR B 268 -10.90 0.53 0.19
C TYR B 268 -11.53 -0.16 1.36
N HIS B 269 -12.85 -0.17 1.34
CA HIS B 269 -13.69 -0.53 2.46
C HIS B 269 -13.97 -2.04 2.47
N THR B 270 -14.15 -2.62 1.29
CA THR B 270 -14.68 -4.01 1.22
C THR B 270 -13.66 -5.13 1.45
N PHE B 271 -12.37 -4.79 1.32
CA PHE B 271 -11.31 -5.74 1.62
C PHE B 271 -10.35 -5.20 2.66
N GLY B 272 -9.90 -6.07 3.55
CA GLY B 272 -8.70 -5.78 4.32
C GLY B 272 -8.12 -7.10 4.79
N GLN B 273 -6.89 -7.10 5.28
CA GLN B 273 -6.26 -8.30 5.84
C GLN B 273 -6.73 -8.72 7.26
N LYS B 274 -7.09 -10.00 7.39
CA LYS B 274 -7.39 -10.58 8.72
C LYS B 274 -6.16 -10.53 9.60
N ILE B 275 -6.26 -9.88 10.77
CA ILE B 275 -5.10 -9.68 11.66
C ILE B 275 -5.47 -9.80 13.13
N ASP B 276 -4.43 -9.70 13.95
CA ASP B 276 -4.49 -9.58 15.40
C ASP B 276 -3.92 -8.19 15.67
N PRO B 277 -4.59 -7.44 16.56
CA PRO B 277 -4.22 -6.05 16.86
C PRO B 277 -2.90 -5.86 17.59
N ASP B 278 -2.39 -6.96 18.14
CA ASP B 278 -1.07 -6.92 18.76
C ASP B 278 0.05 -7.15 17.77
N THR B 279 -0.26 -7.77 16.62
CA THR B 279 0.76 -7.97 15.62
C THR B 279 0.51 -7.45 14.22
N ILE B 280 -0.64 -6.83 13.97
CA ILE B 280 -0.82 -6.04 12.76
C ILE B 280 0.45 -5.31 12.37
N ASN B 281 0.78 -5.37 11.08
CA ASN B 281 1.93 -4.66 10.49
C ASN B 281 1.38 -3.29 10.13
N ARG B 282 1.93 -2.29 10.78
CA ARG B 282 1.43 -0.89 10.70
C ARG B 282 2.10 -0.02 9.66
N GLU B 283 2.83 -0.65 8.73
CA GLU B 283 3.56 0.12 7.76
C GLU B 283 2.71 0.19 6.49
N PHE B 284 2.25 1.38 6.13
CA PHE B 284 1.49 1.52 4.90
C PHE B 284 2.39 1.21 3.73
N GLY B 285 1.92 0.41 2.79
CA GLY B 285 2.81 0.08 1.65
C GLY B 285 3.66 -1.20 1.95
N VAL B 286 3.63 -1.81 3.15
CA VAL B 286 4.34 -3.10 3.27
C VAL B 286 3.82 -4.17 2.33
N TYR B 287 2.52 -4.14 1.99
CA TYR B 287 1.95 -5.06 0.98
C TYR B 287 1.65 -4.33 -0.32
N PRO B 288 1.80 -4.96 -1.53
CA PRO B 288 1.48 -4.09 -2.71
C PRO B 288 0.02 -3.71 -2.85
N GLU B 289 -0.86 -4.47 -2.22
CA GLU B 289 -2.29 -4.14 -2.27
C GLU B 289 -2.56 -2.78 -1.65
N ASP B 290 -1.82 -2.41 -0.58
CA ASP B 290 -2.09 -1.13 0.08
C ASP B 290 -2.29 0.03 -0.92
N GLU B 291 -1.29 0.29 -1.75
CA GLU B 291 -1.36 1.37 -2.71
C GLU B 291 -2.05 1.02 -4.03
N SER B 292 -1.84 -0.19 -4.56
CA SER B 292 -2.48 -0.68 -5.82
C SER B 292 -3.99 -0.73 -5.80
N ASN B 293 -4.62 -1.23 -4.72
CA ASN B 293 -6.10 -1.14 -4.65
C ASN B 293 -6.70 0.28 -4.80
N LEU B 294 -5.90 1.27 -4.42
CA LEU B 294 -6.33 2.68 -4.34
C LEU B 294 -6.18 3.33 -5.71
N ARG B 295 -5.04 3.13 -6.33
CA ARG B 295 -4.80 3.59 -7.74
C ARG B 295 -5.74 3.03 -8.80
N ALA B 296 -6.12 1.75 -8.65
CA ALA B 296 -7.13 1.15 -9.55
C ALA B 296 -8.43 1.91 -9.48
N PHE B 297 -8.80 2.41 -8.27
CA PHE B 297 -10.01 3.22 -8.16
C PHE B 297 -9.79 4.61 -8.72
N LEU B 298 -8.64 5.21 -8.42
CA LEU B 298 -8.41 6.58 -8.84
C LEU B 298 -8.23 6.74 -10.37
N GLU B 299 -7.51 5.81 -11.03
CA GLU B 299 -7.23 6.01 -12.48
C GLU B 299 -8.56 5.91 -13.27
N GLU B 300 -9.45 5.10 -12.75
CA GLU B 300 -10.71 4.85 -13.36
C GLU B 300 -11.69 5.98 -13.05
N TYR B 301 -11.81 6.44 -11.78
CA TYR B 301 -12.91 7.34 -11.42
C TYR B 301 -12.56 8.74 -10.94
N MET B 302 -11.34 8.94 -10.43
CA MET B 302 -10.88 10.28 -10.08
C MET B 302 -9.43 10.53 -10.51
N PRO B 303 -9.18 10.54 -11.87
CA PRO B 303 -7.82 10.54 -12.46
C PRO B 303 -6.93 11.67 -12.04
N GLY B 304 -7.52 12.85 -11.82
CA GLY B 304 -6.76 14.01 -11.36
C GLY B 304 -6.24 13.92 -9.92
N ALA B 305 -6.67 12.89 -9.18
CA ALA B 305 -6.24 12.60 -7.79
C ALA B 305 -5.30 11.40 -7.67
N ASN B 306 -4.86 10.91 -8.83
CA ASN B 306 -3.93 9.82 -8.91
C ASN B 306 -2.46 10.28 -8.90
N GLY B 307 -2.12 11.24 -8.03
CA GLY B 307 -0.75 11.74 -7.99
C GLY B 307 0.16 10.96 -7.07
N GLU B 308 1.33 11.52 -6.81
CA GLU B 308 2.27 10.99 -5.87
C GLU B 308 1.52 10.54 -4.58
N LEU B 309 1.99 9.43 -4.02
CA LEU B 309 1.55 8.92 -2.75
C LEU B 309 2.30 9.71 -1.67
N LYS B 310 1.61 10.62 -1.03
CA LYS B 310 2.27 11.41 0.01
C LYS B 310 2.54 10.64 1.30
N ARG B 311 1.61 9.77 1.67
CA ARG B 311 1.55 9.29 3.03
C ARG B 311 0.45 8.24 3.04
N GLY B 312 0.49 7.34 4.03
CA GLY B 312 -0.63 6.48 4.30
C GLY B 312 -0.85 6.18 5.75
N ALA B 313 -1.91 5.49 6.05
CA ALA B 313 -2.17 5.18 7.43
C ALA B 313 -2.72 3.77 7.48
N VAL B 314 -2.40 3.06 8.54
CA VAL B 314 -2.87 1.72 8.76
C VAL B 314 -3.81 1.68 9.99
N CYS B 315 -5.06 1.31 9.75
CA CYS B 315 -6.07 1.42 10.77
C CYS B 315 -6.75 0.05 10.90
N MET B 316 -7.74 -0.10 11.79
CA MET B 316 -8.43 -1.40 11.93
C MET B 316 -9.97 -1.32 11.96
N TYR B 317 -10.67 -2.19 11.19
CA TYR B 317 -12.09 -2.46 11.45
C TYR B 317 -12.19 -3.65 12.36
N THR B 318 -13.28 -3.76 13.13
CA THR B 318 -13.61 -4.98 13.98
C THR B 318 -15.03 -5.43 13.67
N LYS B 319 -15.22 -6.44 12.81
CA LYS B 319 -16.55 -6.78 12.30
C LYS B 319 -17.28 -7.86 13.09
N THR B 320 -18.60 -7.72 13.19
CA THR B 320 -19.51 -8.73 13.70
C THR B 320 -19.95 -9.48 12.43
N LEU B 321 -20.68 -10.60 12.58
CA LEU B 321 -21.14 -11.34 11.36
C LEU B 321 -22.16 -10.59 10.51
N ASP B 322 -23.06 -9.86 11.14
CA ASP B 322 -24.06 -9.08 10.40
C ASP B 322 -23.56 -7.65 10.12
N GLU B 323 -22.39 -7.29 10.68
CA GLU B 323 -21.78 -5.96 10.50
C GLU B 323 -22.54 -4.81 11.20
N HIS B 324 -23.35 -5.18 12.21
CA HIS B 324 -24.11 -4.25 13.03
C HIS B 324 -23.35 -4.19 14.33
N PHE B 325 -23.51 -3.09 15.06
CA PHE B 325 -22.74 -2.89 16.29
C PHE B 325 -23.32 -3.69 17.41
N ILE B 326 -22.56 -3.74 18.48
CA ILE B 326 -22.98 -4.32 19.72
C ILE B 326 -22.90 -3.15 20.67
N ILE B 327 -24.07 -2.76 21.18
CA ILE B 327 -24.19 -1.76 22.22
C ILE B 327 -25.26 -2.31 23.18
N ASP B 328 -24.83 -2.70 24.37
CA ASP B 328 -25.70 -3.42 25.28
C ASP B 328 -25.04 -3.70 26.62
N LEU B 329 -25.87 -3.99 27.62
CA LEU B 329 -25.44 -4.45 28.93
C LEU B 329 -24.96 -5.87 28.84
N HIS B 330 -23.92 -6.23 29.59
CA HIS B 330 -23.48 -7.62 29.68
C HIS B 330 -24.59 -8.52 30.21
N PRO B 331 -24.99 -9.54 29.43
CA PRO B 331 -26.17 -10.42 29.70
C PRO B 331 -26.29 -11.13 31.09
N GLU B 332 -25.27 -11.03 31.95
CA GLU B 332 -25.30 -11.57 33.29
C GLU B 332 -24.74 -10.53 34.26
N HIS B 333 -24.41 -9.35 33.73
CA HIS B 333 -23.89 -8.26 34.56
C HIS B 333 -24.54 -6.93 34.19
N SER B 334 -25.64 -6.63 34.87
CA SER B 334 -26.45 -5.45 34.64
C SER B 334 -25.65 -4.15 34.82
N ASN B 335 -24.52 -4.23 35.52
CA ASN B 335 -23.61 -3.11 35.76
C ASN B 335 -22.42 -3.04 34.76
N VAL B 336 -22.51 -3.80 33.66
CA VAL B 336 -21.42 -3.87 32.66
C VAL B 336 -21.98 -3.56 31.30
N VAL B 337 -21.40 -2.52 30.69
CA VAL B 337 -21.76 -2.08 29.35
C VAL B 337 -20.66 -2.44 28.34
N ILE B 338 -21.11 -3.10 27.28
CA ILE B 338 -20.30 -3.46 26.13
C ILE B 338 -20.60 -2.58 24.90
N ALA B 339 -19.54 -2.06 24.29
CA ALA B 339 -19.63 -1.40 23.00
C ALA B 339 -18.57 -2.02 22.05
N ALA B 340 -19.01 -2.81 21.07
CA ALA B 340 -18.06 -3.59 20.23
C ALA B 340 -18.53 -3.77 18.82
N GLY B 341 -17.65 -4.33 17.98
CA GLY B 341 -17.99 -4.62 16.58
C GLY B 341 -18.50 -3.50 15.69
N PHE B 342 -17.90 -2.29 15.79
CA PHE B 342 -18.36 -1.16 14.93
C PHE B 342 -18.14 -1.34 13.42
N SER B 343 -17.54 -2.47 13.07
CA SER B 343 -17.62 -2.98 11.69
C SER B 343 -17.28 -1.98 10.60
N GLY B 344 -16.33 -1.10 10.92
CA GLY B 344 -15.81 -0.16 9.92
C GLY B 344 -16.66 1.08 9.68
N HIS B 345 -17.63 1.34 10.57
CA HIS B 345 -18.54 2.50 10.34
C HIS B 345 -19.17 3.08 11.59
N GLY B 346 -18.52 2.97 12.73
CA GLY B 346 -19.05 3.60 13.92
C GLY B 346 -18.52 4.97 14.28
N PHE B 347 -17.54 5.54 13.55
CA PHE B 347 -17.04 6.77 14.08
C PHE B 347 -18.06 7.89 14.12
N LYS B 348 -18.89 8.00 13.09
CA LYS B 348 -19.82 9.13 12.96
C LYS B 348 -20.83 9.10 14.08
N PHE B 349 -21.01 7.90 14.65
CA PHE B 349 -21.95 7.64 15.71
C PHE B 349 -21.28 7.77 17.05
N SER B 350 -19.97 8.03 17.11
CA SER B 350 -19.37 7.92 18.46
C SER B 350 -19.91 8.93 19.49
N SER B 351 -20.21 10.16 19.06
CA SER B 351 -20.86 11.13 19.96
C SER B 351 -22.17 10.55 20.51
N GLY B 352 -23.10 10.16 19.63
CA GLY B 352 -24.35 9.50 20.04
C GLY B 352 -24.13 8.32 20.99
N VAL B 353 -23.34 7.33 20.55
CA VAL B 353 -22.95 6.14 21.37
C VAL B 353 -22.41 6.53 22.75
N GLY B 354 -21.60 7.56 22.80
CA GLY B 354 -21.03 8.02 24.08
C GLY B 354 -22.14 8.37 25.07
N GLU B 355 -23.20 8.98 24.54
CA GLU B 355 -24.42 9.34 25.29
C GLU B 355 -25.25 8.07 25.59
N VAL B 356 -25.35 7.13 24.64
CA VAL B 356 -26.06 5.87 24.91
C VAL B 356 -25.34 5.02 25.97
N LEU B 357 -24.02 5.12 26.04
CA LEU B 357 -23.28 4.29 26.99
C LEU B 357 -23.35 4.87 28.43
N SER B 358 -23.31 6.20 28.51
CA SER B 358 -23.49 6.98 29.73
C SER B 358 -24.79 6.63 30.47
N GLN B 359 -25.88 6.61 29.71
CA GLN B 359 -27.20 6.37 30.23
C GLN B 359 -27.38 4.91 30.59
N LEU B 360 -27.12 4.02 29.64
CA LEU B 360 -27.01 2.59 29.93
C LEU B 360 -26.22 2.29 31.21
N ALA B 361 -25.22 3.10 31.54
CA ALA B 361 -24.42 2.85 32.76
C ALA B 361 -25.01 3.47 34.05
N LEU B 362 -25.69 4.60 33.91
CA LEU B 362 -26.07 5.41 35.07
C LEU B 362 -27.48 5.08 35.49
N THR B 363 -28.24 4.59 34.52
CA THR B 363 -29.65 4.36 34.71
C THR B 363 -29.95 2.91 34.33
N GLY B 364 -29.03 2.29 33.61
CA GLY B 364 -29.21 0.94 33.09
C GLY B 364 -30.13 0.85 31.89
N LYS B 365 -30.37 1.98 31.22
CA LYS B 365 -31.24 2.07 30.04
C LYS B 365 -30.87 3.30 29.18
N THR B 366 -31.48 3.42 28.00
CA THR B 366 -31.29 4.59 27.12
C THR B 366 -32.56 5.05 26.39
N GLU B 367 -32.64 6.37 26.15
CA GLU B 367 -33.72 6.97 25.35
C GLU B 367 -33.70 6.55 23.87
N HIS B 368 -32.56 6.09 23.37
CA HIS B 368 -32.45 5.59 21.98
C HIS B 368 -32.76 4.11 21.82
N ASP B 369 -33.38 3.79 20.68
CA ASP B 369 -33.64 2.43 20.25
C ASP B 369 -32.32 1.77 19.76
N ILE B 370 -31.66 1.07 20.68
CA ILE B 370 -30.45 0.29 20.42
C ILE B 370 -30.80 -1.18 20.06
N SER B 371 -32.05 -1.41 19.62
CA SER B 371 -32.61 -2.77 19.57
C SER B 371 -31.76 -3.68 18.70
N ILE B 372 -31.40 -3.22 17.50
CA ILE B 372 -30.60 -4.07 16.58
C ILE B 372 -29.13 -4.22 16.96
N PHE B 373 -28.71 -3.58 18.06
CA PHE B 373 -27.32 -3.63 18.50
C PHE B 373 -27.19 -4.46 19.73
N SER B 374 -28.12 -5.41 19.90
CA SER B 374 -28.16 -6.24 21.10
C SER B 374 -27.17 -7.36 21.03
N ILE B 375 -26.50 -7.55 22.16
CA ILE B 375 -25.48 -8.57 22.38
C ILE B 375 -26.11 -9.97 22.40
N ASN B 376 -27.38 -10.04 22.77
CA ASN B 376 -28.12 -11.30 22.87
C ASN B 376 -28.72 -11.82 21.55
N ARG B 377 -28.80 -10.97 20.51
CA ARG B 377 -29.33 -11.37 19.18
C ARG B 377 -28.66 -12.64 18.60
N PRO B 378 -29.37 -13.40 17.71
CA PRO B 378 -28.89 -14.67 17.10
C PRO B 378 -27.86 -14.48 15.95
N ALA B 379 -28.13 -13.47 15.11
CA ALA B 379 -27.32 -13.10 13.94
C ALA B 379 -25.84 -12.83 14.25
N LEU B 380 -25.55 -12.60 15.53
CA LEU B 380 -24.20 -12.42 16.03
C LEU B 380 -23.44 -13.74 16.05
N LYS B 381 -24.12 -14.82 15.65
CA LYS B 381 -23.82 -16.23 15.99
C LYS B 381 -23.29 -16.39 17.43
N SER C 1 -4.20 45.23 -19.71
CA SER C 1 -4.26 43.71 -19.65
C SER C 1 -4.56 43.14 -18.23
N THR C 2 -4.35 43.98 -17.22
CA THR C 2 -4.68 43.71 -15.82
C THR C 2 -5.70 44.77 -15.39
N HIS C 3 -6.86 44.66 -16.04
CA HIS C 3 -8.07 45.27 -15.60
C HIS C 3 -8.85 44.18 -14.88
N PHE C 4 -9.56 44.58 -13.82
CA PHE C 4 -10.37 43.64 -13.04
C PHE C 4 -11.75 44.25 -12.91
N ASP C 5 -12.69 43.50 -12.34
CA ASP C 5 -13.96 44.12 -11.99
C ASP C 5 -13.76 44.99 -10.72
N VAL C 6 -13.00 44.50 -9.74
CA VAL C 6 -12.82 45.19 -8.44
C VAL C 6 -11.41 44.95 -7.93
N ILE C 7 -10.83 46.00 -7.37
CA ILE C 7 -9.55 45.93 -6.66
C ILE C 7 -9.78 46.17 -5.15
N VAL C 8 -9.20 45.33 -4.33
CA VAL C 8 -9.31 45.52 -2.90
C VAL C 8 -7.92 45.95 -2.48
N VAL C 9 -7.81 47.19 -2.00
CA VAL C 9 -6.52 47.67 -1.53
C VAL C 9 -6.39 47.46 -0.03
N GLY C 10 -5.50 46.55 0.35
CA GLY C 10 -5.35 46.13 1.73
C GLY C 10 -6.25 44.92 1.97
N ALA C 11 -5.62 43.78 1.93
CA ALA C 11 -6.34 42.52 2.00
C ALA C 11 -6.25 41.89 3.41
N GLY C 12 -6.76 42.59 4.42
CA GLY C 12 -6.67 42.16 5.80
C GLY C 12 -7.99 41.62 6.30
N SER C 13 -8.41 42.07 7.48
CA SER C 13 -9.66 41.65 8.14
C SER C 13 -10.85 42.01 7.24
N MET C 14 -10.87 43.26 6.79
CA MET C 14 -12.02 43.75 6.04
C MET C 14 -11.89 43.35 4.58
N GLY C 15 -10.76 43.69 3.97
CA GLY C 15 -10.45 43.44 2.60
C GLY C 15 -10.61 42.01 2.15
N MET C 16 -10.02 41.06 2.88
CA MET C 16 -10.12 39.61 2.54
C MET C 16 -11.57 39.09 2.58
N ALA C 17 -12.32 39.47 3.61
CA ALA C 17 -13.74 39.11 3.70
C ALA C 17 -14.45 39.65 2.47
N ALA C 18 -14.17 40.92 2.14
CA ALA C 18 -14.78 41.54 0.95
C ALA C 18 -14.32 40.80 -0.33
N GLY C 19 -13.05 40.41 -0.42
CA GLY C 19 -12.55 39.60 -1.60
C GLY C 19 -13.29 38.27 -1.76
N TYR C 20 -13.59 37.63 -0.64
CA TYR C 20 -14.43 36.43 -0.59
C TYR C 20 -15.88 36.68 -1.02
N GLN C 21 -16.55 37.68 -0.44
CA GLN C 21 -17.90 38.02 -0.93
C GLN C 21 -17.90 38.26 -2.42
N LEU C 22 -16.92 39.02 -2.92
CA LEU C 22 -16.84 39.32 -4.36
C LEU C 22 -16.62 38.08 -5.24
N ALA C 23 -15.61 37.27 -4.93
CA ALA C 23 -15.24 36.05 -5.67
C ALA C 23 -16.37 35.03 -5.68
N LYS C 24 -17.00 34.81 -4.54
CA LYS C 24 -18.16 33.92 -4.45
C LYS C 24 -19.14 34.18 -5.56
N GLN C 25 -19.32 35.46 -5.91
CA GLN C 25 -20.26 35.90 -6.93
C GLN C 25 -19.69 35.89 -8.33
N GLY C 26 -18.47 35.45 -8.50
CA GLY C 26 -17.87 35.41 -9.86
C GLY C 26 -17.39 36.77 -10.36
N VAL C 27 -17.10 37.71 -9.46
CA VAL C 27 -16.56 39.02 -9.80
C VAL C 27 -15.06 38.86 -9.86
N LYS C 28 -14.44 39.38 -10.91
CA LYS C 28 -13.01 39.27 -11.08
C LYS C 28 -12.37 40.35 -10.21
N THR C 29 -11.50 39.88 -9.33
CA THR C 29 -11.01 40.62 -8.17
C THR C 29 -9.54 40.38 -7.97
N LEU C 30 -8.78 41.46 -7.96
CA LEU C 30 -7.41 41.43 -7.42
C LEU C 30 -7.38 42.06 -6.02
N LEU C 31 -6.72 41.37 -5.12
CA LEU C 31 -6.58 41.85 -3.75
C LEU C 31 -5.11 42.17 -3.61
N VAL C 32 -4.81 43.43 -3.32
CA VAL C 32 -3.40 43.86 -3.19
C VAL C 32 -3.00 44.07 -1.71
N ASP C 33 -2.04 43.30 -1.20
CA ASP C 33 -1.63 43.53 0.20
C ASP C 33 -0.19 43.92 0.33
N ALA C 34 0.11 44.87 1.24
CA ALA C 34 1.49 45.28 1.50
C ALA C 34 2.36 44.18 2.03
N PHE C 35 1.80 43.19 2.74
CA PHE C 35 2.53 41.97 3.17
C PHE C 35 1.84 40.65 2.67
N ASP C 36 1.89 39.59 3.49
CA ASP C 36 1.26 38.27 3.25
C ASP C 36 0.23 37.76 4.29
N PRO C 37 -1.03 38.18 4.12
CA PRO C 37 -2.16 37.93 5.02
C PRO C 37 -2.53 36.43 5.12
N PRO C 38 -2.70 35.94 6.36
CA PRO C 38 -2.60 36.83 7.53
C PRO C 38 -1.15 37.03 7.99
N HIS C 39 -0.85 38.20 8.56
CA HIS C 39 0.51 38.52 9.04
C HIS C 39 0.47 39.27 10.39
N THR C 40 1.65 39.53 10.96
CA THR C 40 1.78 40.17 12.26
C THR C 40 2.18 41.67 12.20
N ASN C 41 1.93 42.36 11.08
CA ASN C 41 2.28 43.78 11.01
C ASN C 41 1.11 44.73 11.04
N GLY C 42 -0.10 44.19 10.91
CA GLY C 42 -1.34 45.00 10.92
C GLY C 42 -2.10 44.95 12.24
N SER C 43 -3.43 44.78 12.14
CA SER C 43 -4.32 44.78 13.28
C SER C 43 -4.99 43.42 13.57
N HIS C 44 -4.52 42.32 12.97
CA HIS C 44 -5.34 41.08 13.01
C HIS C 44 -4.78 39.89 13.73
N HIS C 45 -3.56 40.05 14.23
CA HIS C 45 -2.83 38.92 14.82
C HIS C 45 -3.00 38.93 16.31
N GLY C 46 -2.25 38.06 16.97
CA GLY C 46 -2.52 37.72 18.32
C GLY C 46 -3.54 36.62 18.52
N ASP C 47 -3.93 35.94 17.42
CA ASP C 47 -4.78 34.73 17.43
C ASP C 47 -6.30 34.90 17.64
N THR C 48 -6.71 35.62 18.67
CA THR C 48 -8.10 35.59 19.14
C THR C 48 -8.77 36.98 19.18
N ARG C 49 -10.10 36.97 18.99
CA ARG C 49 -10.87 38.20 18.99
C ARG C 49 -12.20 37.88 19.62
N ILE C 50 -12.72 38.78 20.43
CA ILE C 50 -14.02 38.62 21.06
C ILE C 50 -15.06 38.99 20.03
N ILE C 51 -16.10 38.18 19.94
CA ILE C 51 -17.34 38.64 19.35
C ILE C 51 -18.48 38.61 20.38
N ARG C 52 -19.24 39.70 20.38
CA ARG C 52 -20.38 39.81 21.25
C ARG C 52 -21.48 40.60 20.57
N HIS C 53 -22.68 40.52 21.14
CA HIS C 53 -23.86 41.00 20.48
C HIS C 53 -24.59 42.12 21.16
N ALA C 54 -24.51 42.22 22.51
CA ALA C 54 -25.17 43.33 23.27
C ALA C 54 -24.31 44.58 23.13
N TYR C 55 -24.43 45.18 21.97
CA TYR C 55 -23.49 46.20 21.57
C TYR C 55 -24.03 47.57 21.83
N GLY C 56 -23.67 48.12 22.96
CA GLY C 56 -24.29 49.34 23.42
C GLY C 56 -23.76 50.54 22.70
N GLU C 57 -22.69 50.40 21.90
CA GLU C 57 -22.11 51.56 21.19
C GLU C 57 -23.14 52.26 20.25
N GLY C 58 -24.28 51.60 20.01
CA GLY C 58 -25.20 52.02 18.92
C GLY C 58 -26.10 50.87 18.39
N ARG C 59 -27.35 51.21 18.05
CA ARG C 59 -28.29 50.16 17.67
C ARG C 59 -27.97 49.55 16.31
N GLU C 60 -27.21 50.27 15.47
CA GLU C 60 -26.94 49.81 14.12
C GLU C 60 -25.90 48.71 14.17
N TYR C 61 -25.16 48.65 15.28
CA TYR C 61 -24.14 47.63 15.49
C TYR C 61 -24.73 46.22 15.71
N VAL C 62 -25.90 46.14 16.34
CA VAL C 62 -26.38 44.81 16.76
C VAL C 62 -26.73 43.97 15.54
N PRO C 63 -27.50 44.52 14.58
CA PRO C 63 -27.78 43.76 13.36
C PRO C 63 -26.48 43.41 12.57
N LEU C 64 -25.49 44.31 12.58
CA LEU C 64 -24.17 44.04 12.02
C LEU C 64 -23.52 42.85 12.71
N ALA C 65 -23.63 42.82 14.02
CA ALA C 65 -23.05 41.76 14.85
C ALA C 65 -23.70 40.41 14.65
N LEU C 66 -25.02 40.38 14.68
CA LEU C 66 -25.75 39.13 14.52
C LEU C 66 -25.57 38.62 13.10
N ARG C 67 -25.63 39.49 12.11
CA ARG C 67 -25.30 38.97 10.77
C ARG C 67 -23.84 38.39 10.72
N SER C 68 -22.91 39.00 11.45
CA SER C 68 -21.52 38.56 11.45
C SER C 68 -21.41 37.23 12.11
N GLN C 69 -22.05 37.07 13.24
CA GLN C 69 -22.12 35.77 13.88
C GLN C 69 -22.65 34.68 12.93
N GLU C 70 -23.76 34.93 12.23
CA GLU C 70 -24.31 33.98 11.25
C GLU C 70 -23.24 33.70 10.19
N LEU C 71 -22.49 34.71 9.75
CA LEU C 71 -21.53 34.50 8.68
C LEU C 71 -20.31 33.70 9.21
N TRP C 72 -19.97 33.89 10.50
CA TRP C 72 -18.85 33.12 11.09
C TRP C 72 -19.22 31.62 11.24
N TYR C 73 -20.46 31.37 11.63
CA TYR C 73 -20.92 30.00 11.66
C TYR C 73 -20.91 29.35 10.25
N GLU C 74 -21.20 30.13 9.20
CA GLU C 74 -21.21 29.53 7.82
C GLU C 74 -19.76 29.29 7.37
N LEU C 75 -18.85 30.20 7.74
CA LEU C 75 -17.43 29.99 7.49
C LEU C 75 -16.95 28.73 8.22
N GLU C 76 -17.41 28.49 9.45
CA GLU C 76 -17.05 27.27 10.18
C GLU C 76 -17.36 26.00 9.37
N LYS C 77 -18.50 25.99 8.71
CA LYS C 77 -18.93 24.83 7.90
C LYS C 77 -18.16 24.60 6.60
N GLU C 78 -17.59 25.65 6.07
CA GLU C 78 -17.05 25.62 4.76
C GLU C 78 -15.57 25.32 4.75
N THR C 79 -14.88 25.56 5.88
CA THR C 79 -13.42 25.44 5.93
C THR C 79 -12.94 24.34 6.92
N HIS C 80 -11.67 23.90 6.76
CA HIS C 80 -11.03 23.00 7.75
C HIS C 80 -10.38 23.78 8.92
N HIS C 81 -10.16 25.08 8.71
CA HIS C 81 -9.61 25.94 9.79
C HIS C 81 -10.64 26.22 10.90
N LYS C 82 -10.20 26.19 12.15
CA LYS C 82 -11.09 26.48 13.26
C LYS C 82 -11.46 27.97 13.27
N ILE C 83 -12.75 28.25 13.45
CA ILE C 83 -13.21 29.65 13.25
C ILE C 83 -13.64 30.31 14.57
N PHE C 84 -14.43 29.57 15.35
CA PHE C 84 -15.19 30.16 16.48
C PHE C 84 -15.40 29.11 17.57
N THR C 85 -15.14 29.49 18.83
CA THR C 85 -15.44 28.65 19.97
C THR C 85 -16.36 29.51 20.84
N LYS C 86 -17.48 28.92 21.30
CA LYS C 86 -18.51 29.65 22.02
C LYS C 86 -18.17 29.71 23.55
N THR C 87 -17.13 30.44 23.88
CA THR C 87 -16.71 30.55 25.25
C THR C 87 -17.72 31.34 26.14
N GLY C 88 -18.67 32.06 25.52
CA GLY C 88 -19.50 33.04 26.31
C GLY C 88 -18.65 34.30 26.58
N VAL C 89 -19.28 35.48 26.70
CA VAL C 89 -18.55 36.72 26.93
C VAL C 89 -19.11 37.43 28.19
N LEU C 90 -18.25 37.67 29.17
CA LEU C 90 -18.60 38.31 30.45
C LEU C 90 -18.21 39.78 30.38
N VAL C 91 -19.18 40.64 30.61
CA VAL C 91 -18.94 42.05 30.82
C VAL C 91 -19.29 42.42 32.28
N PHE C 92 -18.33 42.97 33.00
CA PHE C 92 -18.56 43.44 34.38
C PHE C 92 -17.96 44.82 34.74
N GLY C 93 -18.39 45.33 35.89
CA GLY C 93 -17.82 46.53 36.50
C GLY C 93 -18.65 47.08 37.67
N PRO C 94 -18.23 48.24 38.21
CA PRO C 94 -18.82 48.75 39.45
C PRO C 94 -20.27 49.18 39.24
N LYS C 95 -21.22 48.63 40.00
CA LYS C 95 -22.64 49.02 39.92
C LYS C 95 -22.81 50.55 39.87
N GLY C 96 -23.53 51.05 38.87
CA GLY C 96 -23.85 52.46 38.81
C GLY C 96 -22.76 53.41 38.33
N GLU C 97 -21.51 52.97 38.37
CA GLU C 97 -20.42 53.76 37.84
C GLU C 97 -19.68 53.03 36.72
N SER C 98 -20.42 52.31 35.87
CA SER C 98 -19.91 51.82 34.58
C SER C 98 -20.91 52.12 33.50
N ALA C 99 -20.54 53.00 32.57
CA ALA C 99 -21.41 53.35 31.47
C ALA C 99 -21.35 52.24 30.41
N PHE C 100 -20.20 51.55 30.40
CA PHE C 100 -19.99 50.38 29.54
C PHE C 100 -20.97 49.27 29.93
N VAL C 101 -20.98 48.87 31.20
CA VAL C 101 -21.93 47.83 31.63
C VAL C 101 -23.41 48.16 31.33
N ALA C 102 -23.88 49.34 31.77
CA ALA C 102 -25.30 49.66 31.68
C ALA C 102 -25.67 49.76 30.21
N GLU C 103 -24.79 50.31 29.41
CA GLU C 103 -25.06 50.29 27.97
C GLU C 103 -25.14 48.86 27.41
N THR C 104 -24.47 47.93 28.06
CA THR C 104 -24.48 46.56 27.56
C THR C 104 -25.86 45.98 27.88
N MET C 105 -26.29 46.20 29.11
CA MET C 105 -27.57 45.69 29.56
C MET C 105 -28.72 46.26 28.71
N GLU C 106 -28.77 47.57 28.48
CA GLU C 106 -29.81 48.13 27.59
C GLU C 106 -29.95 47.45 26.23
N ALA C 107 -28.84 47.42 25.48
CA ALA C 107 -28.83 46.85 24.12
C ALA C 107 -29.44 45.42 24.12
N ALA C 108 -29.11 44.61 25.13
CA ALA C 108 -29.72 43.29 25.35
C ALA C 108 -31.23 43.35 25.53
N LYS C 109 -31.72 44.12 26.54
CA LYS C 109 -33.17 44.37 26.73
C LYS C 109 -33.80 44.77 25.38
N GLU C 110 -33.30 45.84 24.78
CA GLU C 110 -33.82 46.31 23.49
C GLU C 110 -33.91 45.21 22.43
N HIS C 111 -32.85 44.41 22.30
CA HIS C 111 -32.79 43.42 21.18
C HIS C 111 -33.20 41.98 21.54
N SER C 112 -33.91 41.81 22.66
CA SER C 112 -34.34 40.49 23.17
C SER C 112 -33.24 39.41 23.17
N LEU C 113 -32.01 39.80 23.46
CA LEU C 113 -30.90 38.87 23.54
C LEU C 113 -30.94 38.06 24.83
N THR C 114 -30.46 36.82 24.75
CA THR C 114 -30.40 35.89 25.86
C THR C 114 -29.18 36.19 26.71
N VAL C 115 -29.41 36.65 27.94
CA VAL C 115 -28.27 37.04 28.76
C VAL C 115 -28.45 36.61 30.20
N ASP C 116 -27.34 36.41 30.94
CA ASP C 116 -27.41 36.36 32.41
C ASP C 116 -26.92 37.68 33.04
N LEU C 117 -27.63 38.07 34.10
CA LEU C 117 -27.28 39.20 34.97
C LEU C 117 -26.90 38.69 36.36
N LEU C 118 -25.69 39.02 36.79
CA LEU C 118 -25.31 38.71 38.15
C LEU C 118 -24.56 39.88 38.74
N GLU C 119 -24.27 39.80 40.04
CA GLU C 119 -23.60 40.88 40.79
C GLU C 119 -22.87 40.44 42.07
N GLY C 120 -21.85 41.20 42.43
CA GLY C 120 -20.97 40.89 43.55
C GLY C 120 -20.58 39.43 43.70
N ASP C 121 -21.03 38.85 44.81
CA ASP C 121 -20.68 37.50 45.21
C ASP C 121 -20.88 36.44 44.11
N GLU C 122 -21.95 36.62 43.32
CA GLU C 122 -22.39 35.63 42.33
C GLU C 122 -21.37 35.39 41.20
N ILE C 123 -20.89 36.50 40.64
CA ILE C 123 -19.79 36.51 39.66
C ILE C 123 -18.64 35.57 40.05
N ASN C 124 -18.12 35.72 41.28
CA ASN C 124 -16.95 34.97 41.78
C ASN C 124 -17.23 33.50 42.15
N LYS C 125 -18.49 33.19 42.41
CA LYS C 125 -18.83 31.83 42.69
C LYS C 125 -19.03 31.08 41.38
N ARG C 126 -19.56 31.77 40.38
CA ARG C 126 -19.83 31.13 39.10
C ARG C 126 -18.53 30.79 38.39
N TRP C 127 -17.58 31.71 38.45
CA TRP C 127 -16.25 31.56 37.84
C TRP C 127 -15.24 31.79 38.92
N PRO C 128 -14.89 30.70 39.64
CA PRO C 128 -13.72 30.74 40.50
C PRO C 128 -12.59 31.22 39.63
N GLY C 129 -11.80 32.15 40.12
CA GLY C 129 -10.75 32.71 39.28
C GLY C 129 -10.96 34.19 39.10
N ILE C 130 -12.22 34.59 39.06
CA ILE C 130 -12.60 36.01 39.09
C ILE C 130 -12.95 36.44 40.54
N THR C 131 -12.34 37.54 40.99
CA THR C 131 -12.55 38.12 42.33
C THR C 131 -12.67 39.63 42.15
N VAL C 132 -13.92 40.08 42.00
CA VAL C 132 -14.28 41.50 41.91
C VAL C 132 -14.82 42.04 43.29
N PRO C 133 -14.75 43.38 43.51
CA PRO C 133 -15.50 43.90 44.68
C PRO C 133 -16.99 43.49 44.66
N GLU C 134 -17.68 43.62 45.79
CA GLU C 134 -19.07 43.18 45.87
C GLU C 134 -20.08 44.22 45.40
N ASN C 135 -19.61 45.45 45.15
CA ASN C 135 -20.45 46.44 44.47
C ASN C 135 -20.50 46.27 42.94
N TYR C 136 -19.80 45.24 42.44
CA TYR C 136 -19.64 45.01 40.99
C TYR C 136 -20.82 44.25 40.44
N ASN C 137 -21.39 44.69 39.34
CA ASN C 137 -22.33 43.82 38.65
C ASN C 137 -21.84 43.34 37.24
N ALA C 138 -22.50 42.33 36.68
CA ALA C 138 -22.07 41.62 35.43
C ALA C 138 -23.23 41.26 34.50
N ILE C 139 -22.91 41.20 33.22
CA ILE C 139 -23.84 40.68 32.22
C ILE C 139 -23.05 39.70 31.36
N PHE C 140 -23.48 38.43 31.37
CA PHE C 140 -22.85 37.37 30.58
C PHE C 140 -23.63 37.04 29.30
N GLU C 141 -22.97 37.10 28.15
CA GLU C 141 -23.63 36.62 26.90
C GLU C 141 -23.23 35.19 26.59
N PRO C 142 -24.10 34.21 26.84
CA PRO C 142 -23.57 32.86 26.66
C PRO C 142 -23.34 32.44 25.17
N ASN C 143 -23.95 33.14 24.21
CA ASN C 143 -23.90 32.72 22.77
C ASN C 143 -22.90 33.52 21.99
N SER C 144 -22.05 34.21 22.72
CA SER C 144 -21.00 34.98 22.13
C SER C 144 -19.69 34.22 22.36
N GLY C 145 -18.55 34.75 22.00
CA GLY C 145 -17.39 33.94 22.23
C GLY C 145 -16.21 34.47 21.51
N VAL C 146 -15.43 33.53 20.99
CA VAL C 146 -14.08 33.87 20.53
C VAL C 146 -13.83 33.40 19.11
N LEU C 147 -13.31 34.29 18.26
CA LEU C 147 -13.00 34.03 16.90
C LEU C 147 -11.47 33.88 16.74
N PHE C 148 -11.00 32.94 15.90
CA PHE C 148 -9.59 32.82 15.57
C PHE C 148 -9.29 33.62 14.33
N SER C 149 -8.89 34.88 14.55
CA SER C 149 -8.92 35.88 13.50
C SER C 149 -7.97 35.52 12.38
N GLU C 150 -6.83 34.93 12.71
CA GLU C 150 -5.88 34.56 11.66
C GLU C 150 -6.43 33.39 10.81
N ASN C 151 -7.07 32.43 11.48
CA ASN C 151 -7.82 31.38 10.75
C ASN C 151 -8.89 31.97 9.81
N CYS C 152 -9.65 32.96 10.28
CA CYS C 152 -10.66 33.64 9.45
C CYS C 152 -10.09 34.22 8.15
N ILE C 153 -9.06 35.04 8.27
CA ILE C 153 -8.43 35.63 7.09
C ILE C 153 -7.91 34.55 6.12
N ARG C 154 -7.34 33.50 6.67
CA ARG C 154 -6.75 32.43 5.90
C ARG C 154 -7.86 31.65 5.16
N ALA C 155 -8.95 31.29 5.88
CA ALA C 155 -10.08 30.61 5.26
C ALA C 155 -10.70 31.47 4.15
N TYR C 156 -10.85 32.73 4.42
CA TYR C 156 -11.45 33.66 3.47
C TYR C 156 -10.56 33.75 2.24
N ARG C 157 -9.25 33.79 2.46
CA ARG C 157 -8.26 33.86 1.37
C ARG C 157 -8.29 32.61 0.49
N GLU C 158 -8.20 31.45 1.13
CA GLU C 158 -8.27 30.18 0.47
C GLU C 158 -9.54 29.97 -0.39
N LEU C 159 -10.70 30.34 0.14
CA LEU C 159 -12.00 30.19 -0.53
C LEU C 159 -12.16 31.14 -1.72
N ALA C 160 -11.68 32.35 -1.52
CA ALA C 160 -11.70 33.35 -2.55
C ALA C 160 -10.72 32.96 -3.69
N GLU C 161 -9.52 32.52 -3.33
CA GLU C 161 -8.59 32.08 -4.34
C GLU C 161 -9.13 30.89 -5.13
N ALA C 162 -9.76 29.94 -4.43
CA ALA C 162 -10.40 28.82 -5.09
C ALA C 162 -11.42 29.33 -6.12
N ARG C 163 -12.05 30.48 -5.90
CA ARG C 163 -13.09 30.99 -6.79
C ARG C 163 -12.51 31.92 -7.80
N GLY C 164 -11.19 31.88 -7.99
CA GLY C 164 -10.50 32.72 -8.98
C GLY C 164 -10.03 34.11 -8.54
N ALA C 165 -10.16 34.48 -7.25
CA ALA C 165 -9.64 35.79 -6.82
C ALA C 165 -8.10 35.82 -7.02
N LYS C 166 -7.54 36.93 -7.47
CA LYS C 166 -6.06 37.02 -7.51
C LYS C 166 -5.50 37.92 -6.42
N VAL C 167 -4.58 37.37 -5.64
CA VAL C 167 -3.98 38.02 -4.50
C VAL C 167 -2.53 38.44 -4.74
N LEU C 168 -2.25 39.74 -4.75
CA LEU C 168 -0.91 40.26 -5.04
C LEU C 168 -0.31 40.72 -3.70
N THR C 169 0.64 39.95 -3.17
CA THR C 169 1.26 40.26 -1.89
C THR C 169 2.50 41.17 -1.96
N HIS C 170 2.99 41.58 -0.79
CA HIS C 170 4.14 42.44 -0.68
C HIS C 170 4.06 43.46 -1.75
N THR C 171 2.90 44.06 -1.90
CA THR C 171 2.79 45.14 -2.84
C THR C 171 2.10 46.30 -2.16
N ARG C 172 2.76 47.46 -2.21
CA ARG C 172 2.32 48.59 -1.49
C ARG C 172 1.70 49.58 -2.48
N VAL C 173 0.43 49.94 -2.30
CA VAL C 173 -0.17 50.91 -3.20
C VAL C 173 0.18 52.39 -2.85
N GLU C 174 1.00 53.05 -3.69
CA GLU C 174 1.50 54.41 -3.41
C GLU C 174 0.52 55.47 -3.86
N ASP C 175 -0.19 55.26 -4.97
CA ASP C 175 -1.11 56.28 -5.46
C ASP C 175 -2.36 55.73 -6.13
N PHE C 176 -3.27 56.63 -6.47
CA PHE C 176 -4.58 56.29 -7.03
C PHE C 176 -4.93 57.28 -8.13
N ASP C 177 -5.39 56.78 -9.28
CA ASP C 177 -6.05 57.66 -10.24
C ASP C 177 -7.52 57.24 -10.43
N ILE C 178 -8.43 58.15 -10.10
CA ILE C 178 -9.87 57.89 -10.14
C ILE C 178 -10.58 58.73 -11.19
N SER C 179 -11.16 58.04 -12.17
CA SER C 179 -12.02 58.62 -13.17
C SER C 179 -13.45 58.34 -12.80
N PRO C 180 -14.40 58.87 -13.59
CA PRO C 180 -15.82 58.50 -13.41
C PRO C 180 -16.17 57.15 -14.09
N ASP C 181 -15.24 56.63 -14.88
CA ASP C 181 -15.43 55.42 -15.68
C ASP C 181 -14.62 54.26 -15.08
N SER C 182 -13.42 54.58 -14.59
CA SER C 182 -12.57 53.59 -13.96
C SER C 182 -11.84 54.07 -12.69
N VAL C 183 -11.17 53.12 -12.06
CA VAL C 183 -10.20 53.36 -11.00
C VAL C 183 -8.88 52.79 -11.49
N LYS C 184 -7.77 53.33 -11.01
CA LYS C 184 -6.44 52.83 -11.35
C LYS C 184 -5.65 52.98 -10.08
N ILE C 185 -4.95 51.93 -9.68
CA ILE C 185 -4.07 52.03 -8.52
C ILE C 185 -2.66 52.09 -9.00
N GLU C 186 -1.85 52.85 -8.27
CA GLU C 186 -0.47 53.02 -8.62
C GLU C 186 0.43 52.38 -7.54
N THR C 187 1.31 51.49 -7.98
CA THR C 187 2.40 50.92 -7.15
C THR C 187 3.72 50.95 -7.97
N ALA C 188 4.79 50.34 -7.47
CA ALA C 188 6.09 50.36 -8.19
C ALA C 188 6.19 49.22 -9.22
N ASN C 189 5.47 48.13 -8.95
CA ASN C 189 5.30 46.97 -9.86
C ASN C 189 4.61 47.39 -11.16
N GLY C 190 3.53 48.15 -11.04
CA GLY C 190 2.79 48.64 -12.18
C GLY C 190 1.48 49.18 -11.68
N SER C 191 0.72 49.74 -12.61
CA SER C 191 -0.64 50.18 -12.39
C SER C 191 -1.63 49.04 -12.69
N TYR C 192 -2.72 48.98 -11.94
CA TYR C 192 -3.85 48.09 -12.28
C TYR C 192 -5.12 48.92 -12.38
N THR C 193 -6.05 48.46 -13.19
CA THR C 193 -7.31 49.17 -13.26
C THR C 193 -8.49 48.26 -12.90
N ALA C 194 -9.66 48.87 -12.68
CA ALA C 194 -10.88 48.18 -12.31
C ALA C 194 -12.07 49.11 -12.48
N ASP C 195 -13.28 48.54 -12.47
CA ASP C 195 -14.49 49.36 -12.46
C ASP C 195 -14.76 50.02 -11.08
N LYS C 196 -14.38 49.31 -10.01
CA LYS C 196 -14.69 49.74 -8.65
C LYS C 196 -13.51 49.52 -7.71
N LEU C 197 -13.36 50.42 -6.73
CA LEU C 197 -12.27 50.30 -5.77
C LEU C 197 -12.74 50.21 -4.29
N ILE C 198 -12.14 49.31 -3.54
CA ILE C 198 -12.45 49.15 -2.13
C ILE C 198 -11.12 49.41 -1.44
N VAL C 199 -11.13 50.34 -0.48
CA VAL C 199 -9.87 50.72 0.21
C VAL C 199 -9.96 50.29 1.63
N SER C 200 -9.02 49.45 2.02
CA SER C 200 -9.16 48.82 3.33
C SER C 200 -7.80 48.54 3.96
N MET C 201 -7.00 49.61 4.12
CA MET C 201 -5.57 49.50 4.48
C MET C 201 -5.20 49.53 5.99
N GLY C 202 -6.19 49.46 6.90
CA GLY C 202 -5.90 49.29 8.33
C GLY C 202 -5.28 50.56 8.89
N ALA C 203 -4.26 50.36 9.74
CA ALA C 203 -3.39 51.47 10.21
C ALA C 203 -2.95 52.47 9.13
N TRP C 204 -2.73 51.99 7.92
CA TRP C 204 -2.14 52.81 6.89
C TRP C 204 -3.12 53.66 6.11
N ASN C 205 -4.42 53.47 6.34
CA ASN C 205 -5.43 54.43 5.93
C ASN C 205 -5.06 55.84 6.42
N SER C 206 -4.47 55.87 7.62
CA SER C 206 -4.12 57.16 8.25
C SER C 206 -2.95 57.84 7.53
N LYS C 207 -2.37 57.15 6.54
CA LYS C 207 -1.28 57.73 5.78
C LYS C 207 -1.71 57.99 4.37
N LEU C 208 -2.61 57.16 3.82
CA LEU C 208 -2.82 57.16 2.37
C LEU C 208 -4.17 57.70 1.83
N LEU C 209 -5.17 57.91 2.70
CA LEU C 209 -6.43 58.52 2.23
C LEU C 209 -6.28 59.98 1.76
N SER C 210 -5.22 60.64 2.22
CA SER C 210 -4.70 61.87 1.60
C SER C 210 -4.59 61.71 0.07
N LYS C 211 -4.03 60.57 -0.37
CA LYS C 211 -3.90 60.24 -1.80
C LYS C 211 -5.22 60.16 -2.54
N LEU C 212 -6.31 60.04 -1.80
CA LEU C 212 -7.63 60.06 -2.37
C LEU C 212 -8.30 61.37 -2.08
N ASN C 213 -7.50 62.39 -1.79
CA ASN C 213 -8.03 63.72 -1.49
C ASN C 213 -8.93 63.78 -0.24
N LEU C 214 -8.63 62.91 0.71
CA LEU C 214 -9.42 62.84 1.94
C LEU C 214 -8.62 63.38 3.09
N ASP C 215 -9.27 64.16 3.94
CA ASP C 215 -8.66 64.60 5.16
C ASP C 215 -9.54 64.15 6.33
N ILE C 216 -9.14 63.05 6.94
CA ILE C 216 -9.94 62.34 7.91
C ILE C 216 -8.96 61.97 9.02
N PRO C 217 -9.13 62.55 10.20
CA PRO C 217 -8.28 62.20 11.32
C PRO C 217 -8.49 60.73 11.76
N LEU C 218 -7.39 60.01 11.81
CA LEU C 218 -7.34 58.59 12.15
C LEU C 218 -6.04 58.40 12.85
N GLN C 219 -6.06 58.01 14.11
CA GLN C 219 -4.84 57.87 14.86
C GLN C 219 -4.50 56.37 15.12
N PRO C 220 -3.37 55.88 14.56
CA PRO C 220 -2.97 54.54 14.92
C PRO C 220 -2.35 54.51 16.30
N TYR C 221 -2.62 53.44 17.05
CA TYR C 221 -2.15 53.26 18.41
C TYR C 221 -1.48 51.92 18.48
N ARG C 222 -0.45 51.83 19.32
CA ARG C 222 0.23 50.57 19.54
C ARG C 222 -0.42 49.87 20.71
N GLN C 223 -1.02 48.71 20.46
CA GLN C 223 -1.78 47.96 21.50
C GLN C 223 -1.24 46.53 21.76
N VAL C 224 -0.78 46.25 22.98
CA VAL C 224 -0.14 44.95 23.19
C VAL C 224 -1.11 43.94 23.82
N VAL C 225 -0.85 42.65 23.61
CA VAL C 225 -1.57 41.60 24.30
C VAL C 225 -0.52 40.70 24.97
N GLY C 226 -0.69 40.39 26.26
CA GLY C 226 0.23 39.46 26.94
C GLY C 226 -0.41 38.11 27.15
N PHE C 227 0.35 37.03 27.02
CA PHE C 227 -0.17 35.68 27.26
C PHE C 227 0.42 35.21 28.57
N PHE C 228 -0.41 34.76 29.50
CA PHE C 228 0.04 34.49 30.85
C PHE C 228 -0.18 33.07 31.34
N GLU C 229 0.87 32.47 31.91
CA GLU C 229 0.76 31.18 32.57
C GLU C 229 -0.32 31.25 33.66
N SER C 230 -1.21 30.24 33.69
CA SER C 230 -2.46 30.33 34.42
C SER C 230 -2.79 29.08 35.13
N ASP C 231 -3.70 29.22 36.09
CA ASP C 231 -4.33 28.10 36.74
C ASP C 231 -5.38 27.48 35.83
N GLU C 232 -4.94 26.46 35.12
CA GLU C 232 -5.84 25.73 34.20
C GLU C 232 -7.17 25.32 34.84
N SER C 233 -7.20 25.12 36.17
CA SER C 233 -8.43 24.64 36.82
C SER C 233 -9.47 25.73 36.90
N LYS C 234 -9.07 26.97 36.62
CA LYS C 234 -10.01 28.07 36.63
C LYS C 234 -10.06 28.79 35.27
N TYR C 235 -8.92 29.00 34.64
CA TYR C 235 -8.96 29.87 33.45
C TYR C 235 -9.08 29.11 32.09
N SER C 236 -9.17 27.78 32.13
CA SER C 236 -9.26 27.01 30.86
C SER C 236 -10.59 27.22 30.14
N ASN C 237 -10.56 27.43 28.85
CA ASN C 237 -11.84 27.26 28.14
C ASN C 237 -12.59 25.96 28.56
N ASP C 238 -11.85 24.90 28.88
CA ASP C 238 -12.49 23.60 29.13
C ASP C 238 -13.35 23.59 30.34
N ILE C 239 -13.03 24.48 31.26
CA ILE C 239 -13.77 24.57 32.51
C ILE C 239 -14.67 25.82 32.45
N ASP C 240 -14.84 26.38 31.26
CA ASP C 240 -15.87 27.40 30.94
C ASP C 240 -15.59 28.80 31.43
N PHE C 241 -14.32 29.13 31.57
CA PHE C 241 -13.95 30.49 31.87
C PHE C 241 -14.20 31.28 30.60
N PRO C 242 -14.86 32.45 30.73
CA PRO C 242 -15.43 33.08 29.54
C PRO C 242 -14.34 33.92 28.85
N GLY C 243 -14.62 34.39 27.64
CA GLY C 243 -13.85 35.55 27.22
C GLY C 243 -14.47 36.72 27.97
N PHE C 244 -13.75 37.85 28.08
CA PHE C 244 -14.32 38.95 28.88
C PHE C 244 -13.99 40.33 28.27
N MET C 245 -14.88 41.29 28.48
CA MET C 245 -14.59 42.69 28.27
C MET C 245 -15.18 43.45 29.50
N VAL C 246 -14.34 44.19 30.23
CA VAL C 246 -14.69 44.69 31.57
C VAL C 246 -14.14 46.07 31.90
N GLU C 247 -14.86 46.81 32.74
CA GLU C 247 -14.39 48.15 33.13
C GLU C 247 -14.17 48.30 34.63
N VAL C 248 -12.91 48.54 34.97
CA VAL C 248 -12.47 48.70 36.35
C VAL C 248 -11.95 50.15 36.55
N PRO C 249 -11.70 50.58 37.81
CA PRO C 249 -11.20 51.95 38.06
C PRO C 249 -10.11 52.38 37.05
N ASN C 250 -9.09 51.54 36.87
CA ASN C 250 -8.05 51.78 35.88
C ASN C 250 -8.51 51.76 34.39
N GLY C 251 -9.78 51.42 34.12
CA GLY C 251 -10.29 51.48 32.72
C GLY C 251 -10.71 50.11 32.20
N ILE C 252 -10.59 49.90 30.88
CA ILE C 252 -11.19 48.73 30.18
C ILE C 252 -10.16 47.74 29.70
N TYR C 253 -10.38 46.48 30.07
CA TYR C 253 -9.57 45.36 29.61
C TYR C 253 -10.41 44.25 28.97
N TYR C 254 -9.78 43.54 28.00
CA TYR C 254 -10.40 42.42 27.33
C TYR C 254 -9.49 41.18 27.50
N GLY C 255 -10.03 39.99 27.38
CA GLY C 255 -9.19 38.80 27.51
C GLY C 255 -9.96 37.56 27.16
N PHE C 256 -9.23 36.43 27.18
CA PHE C 256 -9.70 35.19 26.63
C PHE C 256 -9.31 34.13 27.61
N PRO C 257 -10.09 33.07 27.71
CA PRO C 257 -9.62 31.91 28.53
C PRO C 257 -8.44 31.16 27.89
N SER C 258 -7.86 30.22 28.66
CA SER C 258 -6.75 29.46 28.24
C SER C 258 -7.28 28.42 27.26
N PHE C 259 -6.71 28.37 26.08
CA PHE C 259 -7.12 27.29 25.15
C PHE C 259 -6.01 26.29 25.06
N GLY C 260 -6.34 25.01 25.30
CA GLY C 260 -5.38 23.91 25.17
C GLY C 260 -4.16 24.21 26.02
N GLY C 261 -4.39 24.74 27.24
CA GLY C 261 -3.31 25.04 28.20
C GLY C 261 -2.21 25.98 27.73
N CYS C 262 -2.47 26.83 26.74
CA CYS C 262 -1.42 27.75 26.31
C CYS C 262 -1.38 29.07 27.12
N GLY C 263 -2.34 29.29 28.02
CA GLY C 263 -2.35 30.54 28.77
C GLY C 263 -3.46 31.52 28.41
N LEU C 264 -3.79 32.36 29.40
CA LEU C 264 -4.83 33.36 29.29
C LEU C 264 -4.20 34.61 28.70
N ARG C 265 -4.84 35.15 27.67
CA ARG C 265 -4.42 36.43 27.03
C ARG C 265 -5.18 37.60 27.64
N LEU C 266 -4.54 38.77 27.69
CA LEU C 266 -5.15 39.99 28.17
C LEU C 266 -4.58 41.17 27.44
N GLY C 267 -5.43 42.16 27.26
CA GLY C 267 -5.00 43.41 26.74
C GLY C 267 -5.70 44.61 27.41
N TYR C 268 -5.02 45.76 27.35
CA TYR C 268 -5.51 46.96 27.99
C TYR C 268 -6.00 47.77 26.85
N HIS C 269 -7.27 48.05 26.88
CA HIS C 269 -8.00 48.65 25.75
C HIS C 269 -7.99 50.21 25.76
N THR C 270 -8.18 50.79 26.93
CA THR C 270 -8.40 52.25 27.01
C THR C 270 -7.13 53.09 26.70
N PHE C 271 -5.97 52.46 26.73
CA PHE C 271 -4.75 53.17 26.38
C PHE C 271 -3.81 52.40 25.46
N GLY C 272 -3.10 53.14 24.60
CA GLY C 272 -1.92 52.65 23.92
C GLY C 272 -1.07 53.76 23.29
N GLN C 273 0.12 53.40 22.81
CA GLN C 273 1.05 54.44 22.35
C GLN C 273 0.68 54.93 20.97
N LYS C 274 0.47 56.25 20.84
CA LYS C 274 0.27 56.89 19.57
C LYS C 274 1.48 56.62 18.67
N ILE C 275 1.29 55.91 17.55
CA ILE C 275 2.44 55.54 16.71
C ILE C 275 2.26 55.79 15.25
N ASP C 276 3.33 55.52 14.51
CA ASP C 276 3.31 55.48 13.05
C ASP C 276 3.40 54.02 12.64
N PRO C 277 2.49 53.57 11.76
CA PRO C 277 2.46 52.19 11.28
C PRO C 277 3.74 51.74 10.52
N ASP C 278 4.52 52.68 9.97
CA ASP C 278 5.83 52.31 9.37
C ASP C 278 7.00 52.36 10.39
N THR C 279 6.82 52.96 11.57
CA THR C 279 7.93 53.01 12.54
C THR C 279 7.65 52.32 13.88
N ILE C 280 6.40 51.95 14.13
CA ILE C 280 5.98 51.20 15.32
C ILE C 280 7.04 50.20 15.84
N ASN C 281 7.29 50.25 17.15
CA ASN C 281 8.18 49.25 17.76
C ASN C 281 7.38 47.97 18.02
N ARG C 282 7.56 46.97 17.15
CA ARG C 282 6.79 45.74 17.28
C ARG C 282 7.32 44.80 18.35
N GLU C 283 8.29 45.24 19.16
CA GLU C 283 8.71 44.34 20.23
C GLU C 283 7.91 44.47 21.54
N PHE C 284 7.30 43.37 22.01
CA PHE C 284 6.55 43.41 23.27
C PHE C 284 7.53 43.55 24.45
N GLY C 285 7.25 44.53 25.30
CA GLY C 285 8.05 44.78 26.53
C GLY C 285 9.14 45.86 26.47
N VAL C 286 9.45 46.37 25.29
CA VAL C 286 10.27 47.61 25.17
C VAL C 286 9.80 48.77 26.06
N TYR C 287 8.51 48.85 26.39
CA TYR C 287 8.00 49.85 27.35
C TYR C 287 7.48 49.11 28.55
N PRO C 288 7.65 49.68 29.75
CA PRO C 288 7.24 48.88 30.91
C PRO C 288 5.73 48.84 31.05
N GLU C 289 5.03 49.74 30.36
CA GLU C 289 3.60 49.79 30.43
C GLU C 289 3.10 48.47 29.91
N ASP C 290 3.77 47.93 28.87
CA ASP C 290 3.35 46.69 28.22
C ASP C 290 2.95 45.69 29.30
N GLU C 291 3.88 45.28 30.17
CA GLU C 291 3.59 44.23 31.12
C GLU C 291 2.82 44.77 32.29
N SER C 292 3.21 45.96 32.73
CA SER C 292 2.82 46.39 34.05
C SER C 292 1.31 46.60 34.13
N ASN C 293 0.74 47.30 33.14
CA ASN C 293 -0.71 47.50 33.03
C ASN C 293 -1.53 46.19 33.07
N LEU C 294 -1.01 45.12 32.47
CA LEU C 294 -1.72 43.85 32.45
C LEU C 294 -1.69 43.17 33.82
N ARG C 295 -0.52 43.16 34.43
CA ARG C 295 -0.31 42.61 35.77
C ARG C 295 -1.14 43.28 36.89
N ALA C 296 -1.31 44.61 36.76
CA ALA C 296 -2.22 45.31 37.64
C ALA C 296 -3.60 44.66 37.62
N PHE C 297 -4.14 44.44 36.40
CA PHE C 297 -5.46 43.87 36.26
C PHE C 297 -5.55 42.50 36.86
N LEU C 298 -4.58 41.64 36.52
CA LEU C 298 -4.55 40.25 37.00
C LEU C 298 -4.44 40.10 38.53
N GLU C 299 -3.37 40.62 39.11
CA GLU C 299 -3.17 40.55 40.58
C GLU C 299 -4.44 40.92 41.32
N GLU C 300 -5.15 41.94 40.84
CA GLU C 300 -6.36 42.39 41.49
C GLU C 300 -7.61 41.53 41.25
N TYR C 301 -7.84 41.05 40.02
CA TYR C 301 -9.16 40.50 39.64
C TYR C 301 -9.14 39.06 39.20
N MET C 302 -7.97 38.61 38.75
CA MET C 302 -7.80 37.28 38.22
C MET C 302 -6.45 36.72 38.75
N PRO C 303 -6.30 36.64 40.11
CA PRO C 303 -5.04 36.23 40.78
C PRO C 303 -4.31 34.97 40.22
N GLY C 304 -5.04 33.89 39.97
CA GLY C 304 -4.45 32.65 39.45
C GLY C 304 -4.00 32.70 37.98
N ALA C 305 -4.25 33.82 37.30
CA ALA C 305 -3.87 34.02 35.93
C ALA C 305 -2.55 34.75 35.87
N ASN C 306 -2.09 35.23 37.04
CA ASN C 306 -0.89 36.11 37.16
C ASN C 306 0.51 35.44 37.12
N GLY C 307 0.67 34.34 36.38
CA GLY C 307 1.96 33.64 36.32
C GLY C 307 2.93 34.27 35.33
N GLU C 308 3.90 33.48 34.91
CA GLU C 308 4.91 33.92 33.94
C GLU C 308 4.34 34.38 32.61
N LEU C 309 4.90 35.46 32.10
CA LEU C 309 4.57 35.95 30.78
C LEU C 309 5.15 35.03 29.71
N LYS C 310 4.28 34.25 29.07
CA LYS C 310 4.67 33.22 28.10
C LYS C 310 5.04 33.79 26.72
N ARG C 311 4.43 34.92 26.32
CA ARG C 311 4.60 35.50 24.98
C ARG C 311 3.83 36.83 25.03
N GLY C 312 4.18 37.75 24.14
CA GLY C 312 3.37 38.95 24.00
C GLY C 312 3.32 39.30 22.54
N ALA C 313 2.27 40.01 22.16
CA ALA C 313 2.13 40.41 20.78
C ALA C 313 1.88 41.93 20.74
N VAL C 314 2.28 42.58 19.64
CA VAL C 314 2.06 44.02 19.42
C VAL C 314 1.18 44.27 18.20
N CYS C 315 0.02 44.90 18.41
CA CYS C 315 -0.98 45.07 17.34
C CYS C 315 -1.35 46.54 17.14
N MET C 316 -2.18 46.92 16.14
CA MET C 316 -2.65 48.36 16.09
C MET C 316 -4.18 48.59 16.04
N TYR C 317 -4.65 49.59 16.83
CA TYR C 317 -6.00 50.16 16.62
C TYR C 317 -5.84 51.32 15.65
N THR C 318 -6.86 51.65 14.87
CA THR C 318 -6.86 52.92 14.15
C THR C 318 -8.17 53.64 14.50
N LYS C 319 -8.07 54.73 15.29
CA LYS C 319 -9.23 55.38 15.92
C LYS C 319 -9.73 56.58 15.15
N THR C 320 -11.05 56.69 15.04
CA THR C 320 -11.68 57.90 14.59
C THR C 320 -11.86 58.73 15.85
N LEU C 321 -12.30 59.97 15.66
CA LEU C 321 -12.49 60.85 16.81
C LEU C 321 -13.70 60.42 17.65
N ASP C 322 -14.67 59.80 17.00
CA ASP C 322 -15.81 59.35 17.73
C ASP C 322 -15.73 57.84 18.00
N GLU C 323 -14.68 57.17 17.50
CA GLU C 323 -14.51 55.74 17.75
C GLU C 323 -15.57 54.88 17.06
N HIS C 324 -16.22 55.46 16.02
CA HIS C 324 -17.17 54.73 15.17
C HIS C 324 -16.46 54.46 13.88
N PHE C 325 -16.90 53.38 13.25
CA PHE C 325 -16.28 52.93 11.94
C PHE C 325 -16.60 53.91 10.87
N ILE C 326 -15.81 53.86 9.79
CA ILE C 326 -16.10 54.54 8.51
C ILE C 326 -16.29 53.43 7.47
N ILE C 327 -17.47 53.44 6.83
CA ILE C 327 -17.86 52.47 5.83
C ILE C 327 -18.80 53.20 4.91
N ASP C 328 -18.27 53.61 3.77
CA ASP C 328 -19.04 54.52 2.91
C ASP C 328 -18.38 54.57 1.56
N LEU C 329 -19.04 55.19 0.61
CA LEU C 329 -18.37 55.50 -0.61
C LEU C 329 -17.62 56.81 -0.38
N HIS C 330 -16.52 56.99 -1.11
CA HIS C 330 -15.87 58.27 -1.27
C HIS C 330 -16.91 59.36 -1.61
N PRO C 331 -16.80 60.55 -0.98
CA PRO C 331 -17.93 61.47 -1.21
C PRO C 331 -17.92 62.04 -2.65
N GLU C 332 -16.77 62.00 -3.30
CA GLU C 332 -16.67 62.57 -4.63
C GLU C 332 -16.48 61.46 -5.67
N HIS C 333 -16.37 60.18 -5.24
CA HIS C 333 -16.19 59.03 -6.17
C HIS C 333 -17.03 57.81 -5.80
N SER C 334 -18.24 57.77 -6.35
CA SER C 334 -19.20 56.67 -6.12
C SER C 334 -18.69 55.26 -6.46
N ASN C 335 -17.58 55.20 -7.20
CA ASN C 335 -16.87 53.97 -7.56
C ASN C 335 -15.65 53.63 -6.64
N VAL C 336 -15.53 54.32 -5.49
CA VAL C 336 -14.52 54.04 -4.45
C VAL C 336 -15.20 53.88 -3.08
N VAL C 337 -14.95 52.73 -2.46
CA VAL C 337 -15.57 52.35 -1.19
C VAL C 337 -14.46 52.41 -0.14
N ILE C 338 -14.75 52.97 1.03
CA ILE C 338 -13.70 53.12 2.08
C ILE C 338 -14.14 52.42 3.35
N ALA C 339 -13.21 51.68 3.94
CA ALA C 339 -13.50 51.02 5.19
C ALA C 339 -12.33 51.39 6.07
N ALA C 340 -12.57 52.15 7.12
CA ALA C 340 -11.45 52.58 7.96
C ALA C 340 -11.82 52.90 9.37
N GLY C 341 -10.80 53.16 10.18
CA GLY C 341 -11.04 53.61 11.53
C GLY C 341 -11.86 52.68 12.36
N PHE C 342 -11.55 51.38 12.34
CA PHE C 342 -12.30 50.42 13.16
C PHE C 342 -12.06 50.54 14.66
N SER C 343 -11.15 51.43 15.04
CA SER C 343 -11.11 51.91 16.44
C SER C 343 -10.98 50.86 17.53
N GLY C 344 -10.19 49.84 17.27
CA GLY C 344 -10.05 48.73 18.24
C GLY C 344 -11.18 47.72 18.38
N HIS C 345 -12.22 47.81 17.54
CA HIS C 345 -13.38 46.88 17.75
C HIS C 345 -14.06 46.29 16.51
N GLY C 346 -13.37 46.31 15.38
CA GLY C 346 -13.99 45.84 14.13
C GLY C 346 -13.86 44.38 13.68
N PHE C 347 -12.95 43.60 14.28
CA PHE C 347 -12.78 42.22 13.82
C PHE C 347 -14.06 41.42 13.88
N LYS C 348 -14.82 41.54 14.97
CA LYS C 348 -16.02 40.69 15.09
C LYS C 348 -16.99 40.85 13.92
N PHE C 349 -16.90 42.01 13.23
CA PHE C 349 -17.90 42.40 12.27
C PHE C 349 -17.32 42.25 10.90
N SER C 350 -16.07 41.79 10.82
CA SER C 350 -15.37 41.79 9.57
C SER C 350 -16.11 40.91 8.53
N SER C 351 -16.76 39.83 8.99
CA SER C 351 -17.47 39.01 8.03
C SER C 351 -18.64 39.79 7.39
N GLY C 352 -19.34 40.55 8.22
CA GLY C 352 -20.50 41.32 7.75
C GLY C 352 -20.08 42.52 6.98
N VAL C 353 -19.00 43.17 7.41
CA VAL C 353 -18.41 44.32 6.68
C VAL C 353 -17.99 43.92 5.27
N GLY C 354 -17.40 42.72 5.13
CA GLY C 354 -16.94 42.24 3.77
C GLY C 354 -18.14 42.15 2.85
N GLU C 355 -19.26 41.75 3.44
CA GLU C 355 -20.51 41.72 2.71
C GLU C 355 -20.97 43.11 2.36
N VAL C 356 -20.92 44.03 3.34
CA VAL C 356 -21.27 45.44 3.14
C VAL C 356 -20.38 46.07 2.07
N LEU C 357 -19.09 45.78 2.06
CA LEU C 357 -18.23 46.39 1.07
C LEU C 357 -18.47 45.82 -0.34
N SER C 358 -18.72 44.51 -0.43
CA SER C 358 -19.07 43.88 -1.71
C SER C 358 -20.31 44.54 -2.32
N GLN C 359 -21.36 44.76 -1.53
CA GLN C 359 -22.57 45.36 -2.05
C GLN C 359 -22.38 46.83 -2.42
N LEU C 360 -21.68 47.58 -1.55
CA LEU C 360 -21.37 48.97 -1.88
C LEU C 360 -20.65 49.03 -3.19
N ALA C 361 -19.64 48.18 -3.34
CA ALA C 361 -18.76 48.20 -4.51
C ALA C 361 -19.48 47.78 -5.81
N LEU C 362 -20.46 46.91 -5.71
CA LEU C 362 -21.16 46.42 -6.93
C LEU C 362 -22.45 47.16 -7.22
N THR C 363 -23.09 47.71 -6.17
CA THR C 363 -24.41 48.29 -6.35
C THR C 363 -24.47 49.76 -5.93
N GLY C 364 -23.43 50.23 -5.22
CA GLY C 364 -23.41 51.57 -4.67
C GLY C 364 -24.37 51.71 -3.52
N LYS C 365 -24.92 50.61 -3.03
CA LYS C 365 -25.84 50.63 -1.91
C LYS C 365 -25.56 49.42 -1.07
N THR C 366 -26.30 49.23 0.02
CA THR C 366 -26.19 48.01 0.81
C THR C 366 -27.53 47.75 1.43
N GLU C 367 -27.96 46.51 1.56
CA GLU C 367 -29.23 46.30 2.26
C GLU C 367 -29.12 46.75 3.74
N HIS C 368 -27.91 46.71 4.28
CA HIS C 368 -27.56 47.10 5.65
C HIS C 368 -27.69 48.62 5.95
N ASP C 369 -27.97 48.93 7.22
CA ASP C 369 -28.04 50.32 7.60
C ASP C 369 -26.68 50.77 8.15
N ILE C 370 -26.00 51.61 7.37
CA ILE C 370 -24.65 52.02 7.71
C ILE C 370 -24.52 53.53 7.93
N SER C 371 -25.61 54.20 8.27
CA SER C 371 -25.61 55.65 8.27
C SER C 371 -24.68 56.12 9.36
N ILE C 372 -24.69 55.46 10.50
CA ILE C 372 -23.79 55.88 11.58
C ILE C 372 -22.31 55.76 11.30
N PHE C 373 -21.98 55.23 10.11
CA PHE C 373 -20.61 55.02 9.69
C PHE C 373 -20.35 55.94 8.54
N SER C 374 -21.17 56.96 8.40
CA SER C 374 -21.03 57.83 7.24
C SER C 374 -19.68 58.53 7.22
N ILE C 375 -19.09 58.67 6.07
CA ILE C 375 -17.85 59.42 5.98
C ILE C 375 -18.11 60.97 6.10
N ASN C 376 -19.33 61.43 5.83
CA ASN C 376 -19.61 62.87 5.90
C ASN C 376 -20.12 63.37 7.24
N ARG C 377 -20.03 62.52 8.28
CA ARG C 377 -20.67 62.79 9.56
C ARG C 377 -19.77 63.79 10.30
N PRO C 378 -20.38 64.76 11.03
CA PRO C 378 -19.64 65.86 11.74
C PRO C 378 -18.58 65.45 12.78
N ALA C 379 -18.91 64.47 13.66
CA ALA C 379 -17.98 63.99 14.73
C ALA C 379 -16.67 63.35 14.23
N LEU C 380 -16.57 63.18 12.90
CA LEU C 380 -15.30 62.78 12.29
C LEU C 380 -14.19 63.91 12.28
N LYS C 381 -14.58 65.20 12.12
CA LYS C 381 -13.64 66.39 11.87
C LYS C 381 -12.83 66.51 10.53
N SER D 1 12.88 17.21 -10.07
CA SER D 1 12.85 15.99 -9.17
C SER D 1 13.67 14.77 -9.66
N THR D 2 13.03 13.85 -10.43
CA THR D 2 13.60 12.49 -10.73
C THR D 2 14.62 12.30 -11.88
N HIS D 3 15.83 12.16 -11.39
CA HIS D 3 16.99 11.83 -12.11
C HIS D 3 17.37 10.38 -11.71
N PHE D 4 17.95 9.64 -12.65
CA PHE D 4 18.42 8.27 -12.42
C PHE D 4 19.90 8.14 -12.82
N ASP D 5 20.55 7.02 -12.45
CA ASP D 5 21.89 6.78 -13.01
C ASP D 5 21.77 6.41 -14.49
N VAL D 6 20.85 5.49 -14.80
CA VAL D 6 20.65 5.03 -16.20
C VAL D 6 19.17 5.00 -16.51
N ILE D 7 18.82 5.38 -17.73
CA ILE D 7 17.50 5.14 -18.26
C ILE D 7 17.61 4.10 -19.40
N VAL D 8 16.68 3.14 -19.48
CA VAL D 8 16.71 2.10 -20.54
C VAL D 8 15.42 2.36 -21.22
N VAL D 9 15.46 2.66 -22.49
CA VAL D 9 14.25 2.83 -23.21
C VAL D 9 13.97 1.57 -23.99
N GLY D 10 12.87 0.89 -23.66
CA GLY D 10 12.47 -0.35 -24.30
C GLY D 10 12.99 -1.48 -23.39
N ALA D 11 12.13 -2.00 -22.54
CA ALA D 11 12.53 -2.99 -21.48
C ALA D 11 12.03 -4.31 -21.95
N GLY D 12 12.53 -4.73 -23.10
CA GLY D 12 12.22 -6.08 -23.57
C GLY D 12 13.38 -7.05 -23.39
N SER D 13 13.62 -7.88 -24.40
CA SER D 13 14.67 -8.92 -24.37
C SER D 13 15.95 -8.30 -23.95
N MET D 14 16.37 -7.21 -24.65
CA MET D 14 17.69 -6.67 -24.32
C MET D 14 17.61 -5.73 -23.14
N GLY D 15 16.60 -4.89 -23.09
CA GLY D 15 16.61 -3.86 -22.08
C GLY D 15 16.37 -4.39 -20.67
N MET D 16 15.46 -5.36 -20.55
CA MET D 16 15.16 -5.90 -19.17
C MET D 16 16.37 -6.63 -18.64
N ALA D 17 17.15 -7.25 -19.52
CA ALA D 17 18.42 -7.90 -19.06
C ALA D 17 19.48 -6.90 -18.67
N ALA D 18 19.60 -5.81 -19.45
CA ALA D 18 20.44 -4.72 -19.10
C ALA D 18 20.06 -4.09 -17.72
N GLY D 19 18.78 -3.88 -17.50
CA GLY D 19 18.28 -3.35 -16.25
C GLY D 19 18.57 -4.22 -15.05
N TYR D 20 18.50 -5.54 -15.23
CA TYR D 20 18.90 -6.46 -14.17
C TYR D 20 20.40 -6.35 -13.84
N GLN D 21 21.21 -6.36 -14.90
CA GLN D 21 22.64 -6.19 -14.72
C GLN D 21 22.99 -4.90 -13.95
N LEU D 22 22.27 -3.83 -14.24
CA LEU D 22 22.50 -2.53 -13.65
C LEU D 22 22.08 -2.54 -12.20
N ALA D 23 20.84 -2.92 -11.99
CA ALA D 23 20.21 -2.86 -10.68
C ALA D 23 20.95 -3.74 -9.68
N LYS D 24 21.51 -4.85 -10.18
CA LYS D 24 22.32 -5.77 -9.38
C LYS D 24 23.57 -5.10 -8.81
N GLN D 25 24.15 -4.15 -9.55
CA GLN D 25 25.29 -3.42 -9.01
C GLN D 25 24.93 -2.21 -8.17
N GLY D 26 23.66 -2.05 -7.81
CA GLY D 26 23.27 -0.80 -7.14
C GLY D 26 23.21 0.45 -8.03
N VAL D 27 23.10 0.26 -9.34
CA VAL D 27 22.87 1.42 -10.23
C VAL D 27 21.43 1.77 -10.14
N LYS D 28 21.15 3.06 -9.95
CA LYS D 28 19.80 3.54 -9.89
C LYS D 28 19.24 3.60 -11.35
N THR D 29 18.25 2.75 -11.67
CA THR D 29 17.83 2.56 -13.09
C THR D 29 16.36 2.81 -13.25
N LEU D 30 15.99 3.48 -14.34
CA LEU D 30 14.61 3.55 -14.73
C LEU D 30 14.53 2.80 -16.05
N LEU D 31 13.54 1.93 -16.16
CA LEU D 31 13.24 1.19 -17.36
C LEU D 31 11.89 1.64 -17.89
N VAL D 32 11.75 1.87 -19.19
CA VAL D 32 10.55 2.48 -19.71
C VAL D 32 10.11 1.63 -20.88
N ASP D 33 8.84 1.25 -20.89
CA ASP D 33 8.33 0.43 -21.95
C ASP D 33 7.00 0.94 -22.39
N ALA D 34 6.79 0.91 -23.71
CA ALA D 34 5.50 1.27 -24.30
C ALA D 34 4.36 0.34 -23.89
N PHE D 35 4.68 -0.92 -23.50
CA PHE D 35 3.65 -1.87 -22.99
C PHE D 35 4.00 -2.31 -21.60
N ASP D 36 3.61 -3.52 -21.22
CA ASP D 36 3.92 -4.07 -19.88
C ASP D 36 4.69 -5.40 -20.03
N PRO D 37 6.04 -5.38 -20.03
CA PRO D 37 6.74 -6.61 -20.46
C PRO D 37 6.79 -7.69 -19.33
N PRO D 38 6.80 -8.99 -19.71
CA PRO D 38 6.79 -9.51 -21.09
C PRO D 38 5.39 -9.34 -21.67
N HIS D 39 5.29 -9.12 -22.98
CA HIS D 39 3.98 -8.93 -23.56
C HIS D 39 3.97 -9.51 -24.96
N THR D 40 2.89 -9.29 -25.73
CA THR D 40 2.75 -9.95 -27.02
C THR D 40 2.72 -8.93 -28.14
N ASN D 41 3.41 -7.81 -27.95
CA ASN D 41 3.42 -6.77 -28.93
C ASN D 41 4.78 -6.59 -29.57
N GLY D 42 5.81 -7.24 -29.00
CA GLY D 42 7.21 -7.05 -29.37
C GLY D 42 7.79 -8.26 -30.13
N SER D 43 9.06 -8.57 -29.86
CA SER D 43 9.73 -9.65 -30.56
C SER D 43 10.05 -10.86 -29.61
N HIS D 44 9.42 -10.89 -28.41
CA HIS D 44 9.78 -11.86 -27.37
C HIS D 44 8.73 -12.90 -26.92
N HIS D 45 7.56 -12.91 -27.53
CA HIS D 45 6.56 -13.84 -27.11
C HIS D 45 6.51 -15.09 -27.96
N GLY D 46 5.51 -15.93 -27.75
CA GLY D 46 5.52 -17.20 -28.45
C GLY D 46 6.18 -18.26 -27.56
N ASP D 47 6.47 -17.91 -26.30
CA ASP D 47 6.93 -18.78 -25.18
C ASP D 47 8.38 -19.24 -25.18
N THR D 48 8.86 -19.67 -26.34
CA THR D 48 10.08 -20.44 -26.50
C THR D 48 11.03 -19.89 -27.57
N ARG D 49 12.31 -19.95 -27.26
CA ARG D 49 13.38 -19.49 -28.13
C ARG D 49 14.52 -20.51 -28.15
N ILE D 50 15.08 -20.72 -29.35
CA ILE D 50 16.23 -21.57 -29.52
C ILE D 50 17.47 -20.84 -29.08
N ILE D 51 18.31 -21.53 -28.30
CA ILE D 51 19.70 -21.13 -28.10
C ILE D 51 20.58 -22.26 -28.58
N ARG D 52 21.55 -21.93 -29.42
CA ARG D 52 22.52 -22.93 -29.89
C ARG D 52 23.92 -22.30 -29.87
N HIS D 53 24.97 -23.07 -30.09
CA HIS D 53 26.34 -22.52 -29.83
C HIS D 53 27.26 -22.56 -31.03
N ALA D 54 27.00 -23.48 -31.98
CA ALA D 54 27.81 -23.68 -33.18
C ALA D 54 27.44 -22.61 -34.20
N TYR D 55 27.80 -21.36 -33.93
CA TYR D 55 27.13 -20.25 -34.63
C TYR D 55 27.96 -19.83 -35.83
N GLY D 56 27.67 -20.40 -37.01
CA GLY D 56 28.47 -20.06 -38.18
C GLY D 56 28.41 -18.61 -38.69
N GLU D 57 27.38 -17.85 -38.34
CA GLU D 57 27.31 -16.43 -38.75
C GLU D 57 28.56 -15.62 -38.41
N GLY D 58 29.44 -16.12 -37.55
CA GLY D 58 30.63 -15.33 -37.28
C GLY D 58 31.27 -15.77 -35.98
N ARG D 59 32.60 -15.76 -35.91
CA ARG D 59 33.30 -16.32 -34.78
C ARG D 59 33.00 -15.61 -33.49
N GLU D 60 32.69 -14.32 -33.60
CA GLU D 60 32.41 -13.47 -32.44
C GLU D 60 31.11 -13.92 -31.73
N TYR D 61 30.24 -14.59 -32.46
CA TYR D 61 28.97 -14.98 -31.86
C TYR D 61 29.23 -16.09 -30.84
N VAL D 62 30.13 -17.00 -31.19
CA VAL D 62 30.43 -18.16 -30.32
C VAL D 62 30.66 -17.79 -28.85
N PRO D 63 31.68 -16.94 -28.49
CA PRO D 63 31.86 -16.64 -27.06
C PRO D 63 30.68 -15.91 -26.46
N LEU D 64 29.88 -15.20 -27.28
CA LEU D 64 28.74 -14.47 -26.71
C LEU D 64 27.61 -15.50 -26.38
N ALA D 65 27.46 -16.49 -27.25
CA ALA D 65 26.54 -17.60 -26.99
C ALA D 65 26.97 -18.41 -25.77
N LEU D 66 28.27 -18.65 -25.63
CA LEU D 66 28.76 -19.47 -24.51
C LEU D 66 28.59 -18.73 -23.17
N ARG D 67 28.90 -17.45 -23.18
CA ARG D 67 28.65 -16.56 -22.04
C ARG D 67 27.11 -16.40 -21.74
N SER D 68 26.30 -16.16 -22.76
CA SER D 68 24.85 -16.17 -22.62
C SER D 68 24.33 -17.41 -21.89
N GLN D 69 24.75 -18.57 -22.38
CA GLN D 69 24.45 -19.85 -21.72
C GLN D 69 24.80 -19.88 -20.24
N GLU D 70 26.00 -19.46 -19.86
CA GLU D 70 26.37 -19.37 -18.43
C GLU D 70 25.37 -18.52 -17.66
N LEU D 71 25.00 -17.38 -18.23
CA LEU D 71 24.10 -16.47 -17.59
C LEU D 71 22.69 -17.03 -17.46
N TRP D 72 22.24 -17.81 -18.45
CA TRP D 72 20.95 -18.44 -18.38
C TRP D 72 20.92 -19.50 -17.30
N TYR D 73 21.99 -20.29 -17.19
CA TYR D 73 22.06 -21.23 -16.04
C TYR D 73 22.11 -20.46 -14.72
N GLU D 74 22.81 -19.33 -14.64
CA GLU D 74 22.70 -18.47 -13.45
C GLU D 74 21.33 -17.99 -13.17
N LEU D 75 20.66 -17.49 -14.19
CA LEU D 75 19.30 -17.03 -14.01
C LEU D 75 18.42 -18.19 -13.44
N GLU D 76 18.42 -19.36 -14.09
CA GLU D 76 17.73 -20.54 -13.54
C GLU D 76 17.90 -20.71 -12.01
N LYS D 77 19.09 -20.51 -11.50
CA LYS D 77 19.37 -20.68 -10.10
C LYS D 77 18.78 -19.59 -9.23
N GLU D 78 18.62 -18.39 -9.77
CA GLU D 78 18.17 -17.26 -8.95
C GLU D 78 16.67 -17.04 -8.81
N THR D 79 15.85 -17.63 -9.71
CA THR D 79 14.42 -17.32 -9.76
C THR D 79 13.68 -18.62 -9.71
N HIS D 80 12.39 -18.57 -9.45
CA HIS D 80 11.54 -19.74 -9.44
C HIS D 80 10.90 -19.96 -10.81
N HIS D 81 11.02 -18.98 -11.70
CA HIS D 81 10.52 -19.21 -13.11
C HIS D 81 11.45 -20.11 -13.83
N LYS D 82 10.89 -20.94 -14.74
CA LYS D 82 11.68 -21.92 -15.46
C LYS D 82 12.36 -21.18 -16.62
N ILE D 83 13.66 -21.39 -16.80
CA ILE D 83 14.44 -20.56 -17.78
C ILE D 83 14.80 -21.37 -19.02
N PHE D 84 15.28 -22.58 -18.80
CA PHE D 84 15.98 -23.32 -19.86
C PHE D 84 15.73 -24.78 -19.76
N THR D 85 15.39 -25.39 -20.92
CA THR D 85 15.39 -26.83 -21.02
C THR D 85 16.36 -27.27 -22.07
N LYS D 86 17.21 -28.22 -21.69
CA LYS D 86 18.20 -28.71 -22.58
C LYS D 86 17.74 -29.78 -23.53
N THR D 87 17.05 -29.38 -24.60
CA THR D 87 16.34 -30.30 -25.48
C THR D 87 17.36 -30.84 -26.50
N GLY D 88 18.44 -30.11 -26.68
CA GLY D 88 19.35 -30.39 -27.76
C GLY D 88 18.80 -29.59 -28.98
N VAL D 89 19.70 -29.26 -29.91
CA VAL D 89 19.29 -28.59 -31.19
C VAL D 89 19.88 -29.29 -32.40
N LEU D 90 18.98 -29.70 -33.30
CA LEU D 90 19.30 -30.36 -34.57
C LEU D 90 19.22 -29.38 -35.77
N VAL D 91 20.31 -29.37 -36.52
CA VAL D 91 20.47 -28.59 -37.69
C VAL D 91 20.64 -29.65 -38.80
N PHE D 92 19.72 -29.64 -39.77
CA PHE D 92 19.89 -30.47 -40.96
C PHE D 92 19.62 -29.68 -42.31
N GLY D 93 20.16 -30.18 -43.45
CA GLY D 93 19.86 -29.62 -44.77
C GLY D 93 20.34 -30.58 -45.88
N PRO D 94 20.05 -30.23 -47.16
CA PRO D 94 20.42 -31.12 -48.29
C PRO D 94 21.93 -31.15 -48.35
N LYS D 95 22.55 -32.31 -48.36
CA LYS D 95 24.02 -32.37 -48.41
C LYS D 95 24.60 -31.55 -49.59
N GLY D 96 25.67 -30.77 -49.33
CA GLY D 96 26.24 -29.83 -50.30
C GLY D 96 25.45 -28.55 -50.57
N GLU D 97 24.15 -28.54 -50.28
CA GLU D 97 23.29 -27.45 -50.71
C GLU D 97 22.85 -26.54 -49.57
N SER D 98 23.70 -26.38 -48.57
CA SER D 98 23.37 -25.45 -47.47
C SER D 98 24.59 -24.82 -46.83
N ALA D 99 24.77 -23.53 -47.09
CA ALA D 99 25.81 -22.83 -46.35
C ALA D 99 25.48 -22.80 -44.85
N PHE D 100 24.21 -22.65 -44.48
CA PHE D 100 23.83 -22.71 -43.06
C PHE D 100 24.38 -23.98 -42.36
N VAL D 101 24.03 -25.17 -42.83
CA VAL D 101 24.57 -26.42 -42.27
C VAL D 101 26.11 -26.45 -42.24
N ALA D 102 26.73 -26.16 -43.40
CA ALA D 102 28.18 -26.20 -43.53
C ALA D 102 28.84 -25.32 -42.53
N GLU D 103 28.38 -24.09 -42.44
CA GLU D 103 28.97 -23.19 -41.47
C GLU D 103 28.77 -23.62 -40.00
N THR D 104 27.59 -24.13 -39.67
CA THR D 104 27.33 -24.70 -38.35
C THR D 104 28.43 -25.72 -38.03
N MET D 105 28.62 -26.68 -38.93
CA MET D 105 29.61 -27.72 -38.76
C MET D 105 31.00 -27.20 -38.62
N GLU D 106 31.36 -26.23 -39.45
CA GLU D 106 32.63 -25.55 -39.30
C GLU D 106 32.81 -24.90 -37.95
N ALA D 107 31.79 -24.18 -37.53
CA ALA D 107 31.90 -23.45 -36.26
C ALA D 107 32.07 -24.47 -35.06
N ALA D 108 31.47 -25.63 -35.11
CA ALA D 108 31.60 -26.62 -34.05
C ALA D 108 33.02 -27.15 -34.06
N LYS D 109 33.54 -27.51 -35.24
CA LYS D 109 34.91 -27.99 -35.33
C LYS D 109 35.85 -26.95 -34.77
N GLU D 110 35.68 -25.70 -35.20
CA GLU D 110 36.63 -24.66 -34.84
C GLU D 110 36.64 -24.31 -33.34
N HIS D 111 35.51 -24.50 -32.65
CA HIS D 111 35.46 -24.23 -31.22
C HIS D 111 35.45 -25.55 -30.45
N SER D 112 35.64 -26.63 -31.19
CA SER D 112 35.67 -27.96 -30.60
C SER D 112 34.47 -28.18 -29.70
N LEU D 113 33.29 -27.94 -30.28
CA LEU D 113 32.06 -28.20 -29.60
C LEU D 113 31.69 -29.67 -29.62
N THR D 114 30.92 -30.06 -28.61
CA THR D 114 30.39 -31.39 -28.57
C THR D 114 29.15 -31.55 -29.41
N VAL D 115 29.27 -32.33 -30.49
CA VAL D 115 28.20 -32.52 -31.42
C VAL D 115 28.28 -33.94 -31.99
N ASP D 116 27.13 -34.41 -32.49
CA ASP D 116 26.98 -35.61 -33.31
C ASP D 116 26.75 -35.20 -34.77
N LEU D 117 27.38 -35.91 -35.71
CA LEU D 117 27.12 -35.83 -37.18
C LEU D 117 26.36 -37.04 -37.66
N LEU D 118 25.29 -36.80 -38.40
CA LEU D 118 24.52 -37.92 -38.94
C LEU D 118 24.09 -37.58 -40.35
N GLU D 119 23.70 -38.60 -41.11
CA GLU D 119 23.16 -38.37 -42.44
C GLU D 119 22.04 -39.34 -42.81
N GLY D 120 21.22 -38.84 -43.72
CA GLY D 120 20.09 -39.58 -44.26
C GLY D 120 19.33 -40.37 -43.22
N ASP D 121 19.34 -41.67 -43.45
CA ASP D 121 18.49 -42.55 -42.72
C ASP D 121 18.86 -42.58 -41.22
N GLU D 122 20.08 -42.16 -40.91
CA GLU D 122 20.52 -42.11 -39.53
C GLU D 122 19.65 -41.08 -38.75
N ILE D 123 19.25 -40.01 -39.47
CA ILE D 123 18.38 -38.97 -38.86
C ILE D 123 17.04 -39.52 -38.39
N ASN D 124 16.36 -40.16 -39.33
CA ASN D 124 15.07 -40.70 -39.14
C ASN D 124 15.03 -41.89 -38.15
N LYS D 125 16.08 -42.69 -38.12
CA LYS D 125 16.19 -43.71 -37.11
C LYS D 125 16.45 -43.11 -35.69
N ARG D 126 17.26 -42.06 -35.59
CA ARG D 126 17.48 -41.47 -34.25
C ARG D 126 16.21 -40.79 -33.72
N TRP D 127 15.53 -40.07 -34.63
CA TRP D 127 14.32 -39.32 -34.31
C TRP D 127 13.13 -39.80 -35.14
N PRO D 128 12.47 -40.88 -34.67
CA PRO D 128 11.22 -41.17 -35.36
C PRO D 128 10.40 -39.88 -35.37
N GLY D 129 9.75 -39.62 -36.48
CA GLY D 129 8.90 -38.41 -36.52
C GLY D 129 9.51 -37.39 -37.45
N ILE D 130 10.81 -37.53 -37.71
CA ILE D 130 11.51 -36.78 -38.76
C ILE D 130 11.69 -37.69 -40.00
N THR D 131 11.18 -37.26 -41.18
CA THR D 131 11.43 -37.96 -42.46
C THR D 131 12.11 -37.06 -43.51
N VAL D 132 13.43 -37.15 -43.62
CA VAL D 132 14.23 -36.36 -44.58
C VAL D 132 14.74 -37.30 -45.67
N PRO D 133 15.07 -36.79 -46.88
CA PRO D 133 15.65 -37.71 -47.91
C PRO D 133 17.06 -38.19 -47.54
N GLU D 134 17.59 -39.19 -48.26
CA GLU D 134 18.89 -39.80 -47.92
C GLU D 134 20.04 -38.88 -48.18
N ASN D 135 19.79 -37.83 -48.95
CA ASN D 135 20.86 -36.92 -49.33
C ASN D 135 21.04 -35.78 -48.30
N TYR D 136 20.33 -35.91 -47.18
CA TYR D 136 20.38 -34.89 -46.10
C TYR D 136 21.45 -35.21 -45.12
N ASN D 137 22.10 -34.18 -44.61
CA ASN D 137 22.99 -34.31 -43.50
C ASN D 137 22.61 -33.45 -42.27
N ALA D 138 23.23 -33.73 -41.11
CA ALA D 138 22.78 -33.11 -39.81
C ALA D 138 23.93 -32.95 -38.90
N ILE D 139 23.88 -31.90 -38.09
CA ILE D 139 24.72 -31.75 -36.91
C ILE D 139 23.81 -31.45 -35.68
N PHE D 140 23.98 -32.23 -34.64
CA PHE D 140 23.08 -32.20 -33.45
C PHE D 140 23.96 -31.64 -32.35
N GLU D 141 23.43 -30.69 -31.60
CA GLU D 141 24.10 -29.96 -30.52
C GLU D 141 23.43 -30.38 -29.18
N PRO D 142 23.96 -31.44 -28.51
CA PRO D 142 23.36 -32.00 -27.31
C PRO D 142 23.25 -30.95 -26.17
N ASN D 143 24.12 -29.96 -26.12
CA ASN D 143 24.13 -28.97 -25.02
C ASN D 143 23.33 -27.69 -25.27
N SER D 144 22.61 -27.65 -26.39
CA SER D 144 21.78 -26.50 -26.71
C SER D 144 20.37 -26.79 -26.31
N GLY D 145 19.48 -25.83 -26.46
CA GLY D 145 18.17 -26.10 -25.92
C GLY D 145 17.24 -24.96 -26.17
N VAL D 146 16.26 -24.85 -25.28
CA VAL D 146 15.12 -23.96 -25.50
C VAL D 146 15.01 -23.07 -24.21
N LEU D 147 14.88 -21.77 -24.43
CA LEU D 147 14.65 -20.75 -23.41
C LEU D 147 13.20 -20.38 -23.34
N PHE D 148 12.71 -20.08 -22.12
CA PHE D 148 11.33 -19.64 -21.96
C PHE D 148 11.37 -18.14 -21.82
N SER D 149 11.27 -17.49 -23.00
CA SER D 149 11.67 -16.09 -23.15
C SER D 149 10.84 -15.17 -22.37
N GLU D 150 9.54 -15.48 -22.22
CA GLU D 150 8.69 -14.62 -21.40
C GLU D 150 9.01 -14.72 -19.97
N ASN D 151 9.28 -15.95 -19.50
CA ASN D 151 9.83 -16.21 -18.16
C ASN D 151 11.16 -15.52 -17.89
N CYS D 152 12.04 -15.47 -18.88
CA CYS D 152 13.35 -14.81 -18.79
C CYS D 152 13.16 -13.33 -18.49
N ILE D 153 12.27 -12.71 -19.23
CA ILE D 153 12.08 -11.27 -18.98
C ILE D 153 11.38 -11.01 -17.68
N ARG D 154 10.36 -11.78 -17.39
CA ARG D 154 9.65 -11.58 -16.09
C ARG D 154 10.62 -11.78 -14.94
N ALA D 155 11.44 -12.82 -15.02
CA ALA D 155 12.46 -13.03 -13.95
C ALA D 155 13.44 -11.87 -13.86
N TYR D 156 13.99 -11.49 -15.01
CA TYR D 156 14.92 -10.31 -14.96
C TYR D 156 14.17 -9.10 -14.39
N ARG D 157 12.93 -8.85 -14.81
CA ARG D 157 12.26 -7.63 -14.30
C ARG D 157 12.02 -7.72 -12.79
N GLU D 158 11.60 -8.91 -12.33
CA GLU D 158 11.35 -9.15 -10.89
C GLU D 158 12.60 -8.99 -10.11
N LEU D 159 13.67 -9.57 -10.62
CA LEU D 159 14.90 -9.41 -9.87
C LEU D 159 15.35 -7.95 -9.82
N ALA D 160 15.16 -7.21 -10.91
CA ALA D 160 15.66 -5.81 -10.97
C ALA D 160 14.85 -4.93 -10.02
N GLU D 161 13.52 -5.02 -10.08
CA GLU D 161 12.64 -4.26 -9.12
C GLU D 161 13.00 -4.60 -7.66
N ALA D 162 13.22 -5.88 -7.36
CA ALA D 162 13.66 -6.25 -5.99
C ALA D 162 14.87 -5.45 -5.56
N ARG D 163 15.70 -5.10 -6.52
CA ARG D 163 16.91 -4.36 -6.25
C ARG D 163 16.73 -2.86 -6.31
N GLY D 164 15.50 -2.38 -6.59
CA GLY D 164 15.27 -0.94 -6.51
C GLY D 164 15.03 -0.28 -7.88
N ALA D 165 14.95 -1.06 -8.97
CA ALA D 165 14.80 -0.50 -10.31
C ALA D 165 13.37 -0.16 -10.46
N LYS D 166 13.09 0.86 -11.27
CA LYS D 166 11.74 1.28 -11.54
C LYS D 166 11.40 1.03 -13.00
N VAL D 167 10.20 0.53 -13.19
CA VAL D 167 9.71 0.21 -14.48
C VAL D 167 8.47 1.06 -14.68
N LEU D 168 8.39 1.68 -15.85
CA LEU D 168 7.28 2.56 -16.20
C LEU D 168 6.71 1.96 -17.43
N THR D 169 5.50 1.40 -17.32
CA THR D 169 4.88 0.66 -18.40
C THR D 169 3.89 1.52 -19.16
N HIS D 170 3.45 1.08 -20.33
CA HIS D 170 2.49 1.84 -21.20
C HIS D 170 2.93 3.29 -21.33
N THR D 171 4.19 3.49 -21.66
CA THR D 171 4.76 4.80 -21.83
C THR D 171 5.67 4.72 -23.01
N ARG D 172 5.21 5.32 -24.09
CA ARG D 172 5.93 5.41 -25.33
C ARG D 172 6.91 6.62 -25.26
N VAL D 173 8.23 6.39 -25.25
CA VAL D 173 9.17 7.49 -25.31
C VAL D 173 9.12 8.06 -26.74
N GLU D 174 9.18 9.39 -26.82
CA GLU D 174 8.81 10.13 -28.04
C GLU D 174 9.95 10.94 -28.62
N ASP D 175 10.84 11.45 -27.76
CA ASP D 175 12.03 12.16 -28.19
C ASP D 175 13.09 12.17 -27.08
N PHE D 176 14.31 12.56 -27.46
CA PHE D 176 15.49 12.49 -26.61
C PHE D 176 16.28 13.81 -26.68
N ASP D 177 16.73 14.29 -25.52
CA ASP D 177 17.67 15.40 -25.45
C ASP D 177 18.97 14.97 -24.78
N ILE D 178 20.05 14.94 -25.56
CA ILE D 178 21.36 14.43 -25.13
C ILE D 178 22.44 15.53 -25.06
N SER D 179 23.22 15.57 -23.97
CA SER D 179 24.25 16.56 -23.64
C SER D 179 25.49 15.75 -23.31
N PRO D 180 26.68 16.37 -23.29
CA PRO D 180 27.78 15.46 -22.95
C PRO D 180 27.80 14.96 -21.50
N ASP D 181 26.98 15.53 -20.63
CA ASP D 181 27.04 15.17 -19.20
C ASP D 181 25.70 14.66 -18.65
N SER D 182 24.65 14.80 -19.46
CA SER D 182 23.35 14.35 -19.06
C SER D 182 22.59 13.85 -20.30
N VAL D 183 21.59 12.97 -20.08
CA VAL D 183 20.58 12.47 -21.06
C VAL D 183 19.16 12.72 -20.51
N LYS D 184 18.19 12.87 -21.41
CA LYS D 184 16.79 13.16 -21.07
C LYS D 184 15.83 12.58 -22.11
N ILE D 185 14.69 12.06 -21.64
CA ILE D 185 13.69 11.46 -22.54
C ILE D 185 12.37 12.16 -22.35
N GLU D 186 11.54 12.17 -23.40
CA GLU D 186 10.23 12.79 -23.37
C GLU D 186 9.12 11.89 -23.87
N THR D 187 8.04 11.90 -23.09
CA THR D 187 6.86 11.03 -23.27
C THR D 187 5.58 11.85 -23.19
N ALA D 188 4.44 11.25 -23.55
CA ALA D 188 3.10 11.79 -23.21
C ALA D 188 3.04 12.13 -21.72
N ASN D 189 3.46 11.18 -20.88
CA ASN D 189 3.56 11.36 -19.41
C ASN D 189 4.45 12.54 -18.92
N GLY D 190 5.36 13.04 -19.78
CA GLY D 190 6.45 13.91 -19.33
C GLY D 190 7.88 13.43 -19.63
N SER D 191 8.81 13.73 -18.73
CA SER D 191 10.25 13.64 -19.05
C SER D 191 11.13 13.27 -17.86
N TYR D 192 12.25 12.56 -18.11
CA TYR D 192 13.15 12.04 -17.02
C TYR D 192 14.60 12.18 -17.43
N THR D 193 15.52 12.19 -16.47
CA THR D 193 16.94 12.45 -16.73
C THR D 193 17.89 11.44 -16.10
N ALA D 194 19.07 11.24 -16.71
CA ALA D 194 20.14 10.41 -16.12
C ALA D 194 21.53 10.76 -16.60
N ASP D 195 22.49 9.98 -16.16
CA ASP D 195 23.84 10.14 -16.70
C ASP D 195 24.01 9.40 -18.05
N LYS D 196 23.25 8.31 -18.22
CA LYS D 196 23.46 7.34 -19.28
C LYS D 196 22.16 6.81 -19.81
N LEU D 197 22.17 6.49 -21.10
CA LEU D 197 20.97 5.98 -21.71
C LEU D 197 21.26 4.74 -22.55
N ILE D 198 20.34 3.77 -22.47
CA ILE D 198 20.40 2.59 -23.27
C ILE D 198 19.11 2.62 -24.02
N VAL D 199 19.19 2.40 -25.33
CA VAL D 199 18.05 2.45 -26.22
C VAL D 199 17.88 1.05 -26.81
N SER D 200 16.78 0.38 -26.48
CA SER D 200 16.64 -1.00 -27.00
C SER D 200 15.20 -1.17 -27.29
N MET D 201 14.71 -0.50 -28.33
CA MET D 201 13.28 -0.42 -28.60
C MET D 201 12.73 -1.49 -29.61
N GLY D 202 13.55 -2.50 -29.92
CA GLY D 202 13.11 -3.59 -30.78
C GLY D 202 12.77 -3.09 -32.17
N ALA D 203 11.65 -3.57 -32.68
CA ALA D 203 11.09 -3.20 -33.98
C ALA D 203 10.89 -1.66 -34.16
N TRP D 204 10.72 -0.95 -33.05
CA TRP D 204 10.53 0.48 -33.09
C TRP D 204 11.84 1.24 -33.26
N ASN D 205 12.99 0.59 -33.07
CA ASN D 205 14.25 1.25 -33.34
C ASN D 205 14.24 1.71 -34.83
N SER D 206 13.57 0.97 -35.71
CA SER D 206 13.51 1.37 -37.13
C SER D 206 12.72 2.71 -37.32
N LYS D 207 11.93 3.10 -36.34
CA LYS D 207 11.13 4.32 -36.47
C LYS D 207 11.76 5.42 -35.66
N LEU D 208 12.38 5.08 -34.54
CA LEU D 208 12.73 6.12 -33.56
C LEU D 208 14.22 6.44 -33.47
N LEU D 209 15.07 5.69 -34.15
CA LEU D 209 16.48 6.05 -34.01
C LEU D 209 16.80 7.40 -34.68
N SER D 210 15.93 7.85 -35.59
CA SER D 210 16.08 9.14 -36.30
C SER D 210 16.02 10.28 -35.30
N LYS D 211 15.16 10.13 -34.29
CA LYS D 211 15.15 11.07 -33.14
C LYS D 211 16.48 11.16 -32.38
N LEU D 212 17.43 10.30 -32.71
CA LEU D 212 18.77 10.39 -32.14
C LEU D 212 19.75 10.75 -33.26
N ASN D 213 19.19 11.18 -34.38
CA ASN D 213 20.02 11.71 -35.48
C ASN D 213 20.80 10.55 -36.12
N LEU D 214 20.18 9.36 -36.19
CA LEU D 214 20.86 8.16 -36.70
C LEU D 214 20.06 7.77 -37.87
N ASP D 215 20.75 7.42 -38.95
CA ASP D 215 20.07 6.88 -40.09
C ASP D 215 20.65 5.51 -40.42
N ILE D 216 19.93 4.48 -40.03
CA ILE D 216 20.40 3.13 -40.15
C ILE D 216 19.25 2.34 -40.73
N PRO D 217 19.45 1.73 -41.92
CA PRO D 217 18.47 0.87 -42.53
C PRO D 217 18.15 -0.34 -41.60
N LEU D 218 16.91 -0.43 -41.11
CA LEU D 218 16.38 -1.50 -40.21
C LEU D 218 14.98 -1.90 -40.65
N GLN D 219 14.80 -3.07 -41.25
CA GLN D 219 13.49 -3.49 -41.69
C GLN D 219 12.78 -4.40 -40.67
N PRO D 220 11.68 -3.94 -40.07
CA PRO D 220 10.83 -4.91 -39.36
C PRO D 220 10.00 -5.90 -40.23
N TYR D 221 9.93 -7.17 -39.79
CA TYR D 221 9.19 -8.20 -40.53
C TYR D 221 8.24 -8.88 -39.59
N ARG D 222 7.15 -9.36 -40.17
CA ARG D 222 6.09 -9.96 -39.47
C ARG D 222 6.32 -11.47 -39.52
N GLN D 223 6.56 -12.07 -38.34
CA GLN D 223 7.00 -13.48 -38.29
C GLN D 223 6.02 -14.28 -37.42
N VAL D 224 5.36 -15.26 -38.02
CA VAL D 224 4.40 -16.05 -37.24
C VAL D 224 5.04 -17.41 -36.83
N VAL D 225 4.38 -18.04 -35.88
CA VAL D 225 4.75 -19.33 -35.32
C VAL D 225 3.43 -20.03 -35.16
N GLY D 226 3.32 -21.24 -35.66
CA GLY D 226 2.12 -22.06 -35.42
C GLY D 226 2.33 -23.15 -34.34
N PHE D 227 1.30 -23.45 -33.54
CA PHE D 227 1.37 -24.58 -32.60
C PHE D 227 0.45 -25.72 -33.05
N PHE D 228 0.99 -26.90 -33.28
CA PHE D 228 0.25 -27.98 -33.89
C PHE D 228 0.05 -29.19 -32.94
N GLU D 229 -1.11 -29.84 -32.96
CA GLU D 229 -1.36 -31.12 -32.29
C GLU D 229 -0.45 -32.18 -32.93
N SER D 230 0.21 -33.02 -32.11
CA SER D 230 1.41 -33.80 -32.53
C SER D 230 1.38 -35.18 -31.96
N ASP D 231 2.01 -36.12 -32.62
CA ASP D 231 2.18 -37.47 -32.05
C ASP D 231 3.21 -37.39 -30.88
N GLU D 232 2.68 -37.36 -29.67
CA GLU D 232 3.49 -37.33 -28.45
C GLU D 232 4.55 -38.42 -28.27
N SER D 233 4.29 -39.62 -28.81
CA SER D 233 5.24 -40.75 -28.74
C SER D 233 6.40 -40.38 -29.57
N LYS D 234 6.31 -39.30 -30.35
CA LYS D 234 7.45 -38.92 -31.22
C LYS D 234 8.02 -37.49 -31.09
N TYR D 235 7.17 -36.49 -30.86
CA TYR D 235 7.58 -35.09 -30.87
C TYR D 235 7.71 -34.49 -29.47
N SER D 236 7.51 -35.28 -28.41
CA SER D 236 7.66 -34.75 -27.02
C SER D 236 9.11 -34.41 -26.64
N ASN D 237 9.32 -33.33 -25.88
CA ASN D 237 10.62 -33.15 -25.31
C ASN D 237 10.97 -34.43 -24.41
N ASP D 238 9.98 -35.05 -23.78
CA ASP D 238 10.22 -36.23 -22.89
C ASP D 238 10.77 -37.44 -23.56
N ILE D 239 10.52 -37.59 -24.87
CA ILE D 239 11.14 -38.65 -25.71
C ILE D 239 12.33 -38.11 -26.50
N ASP D 240 12.84 -36.97 -26.04
CA ASP D 240 14.01 -36.37 -26.67
C ASP D 240 13.86 -35.90 -28.13
N PHE D 241 12.65 -35.62 -28.59
CA PHE D 241 12.53 -34.77 -29.81
C PHE D 241 13.27 -33.44 -29.55
N PRO D 242 14.15 -33.00 -30.47
CA PRO D 242 15.00 -31.84 -30.32
C PRO D 242 14.33 -30.51 -30.75
N GLY D 243 14.87 -29.41 -30.24
CA GLY D 243 14.67 -28.16 -30.92
C GLY D 243 15.37 -28.23 -32.25
N PHE D 244 14.97 -27.40 -33.19
CA PHE D 244 15.62 -27.57 -34.49
C PHE D 244 15.72 -26.29 -35.30
N MET D 245 16.66 -26.26 -36.24
CA MET D 245 16.69 -25.19 -37.23
C MET D 245 17.38 -25.76 -38.44
N VAL D 246 16.62 -25.78 -39.52
CA VAL D 246 16.93 -26.62 -40.69
C VAL D 246 16.77 -25.91 -42.06
N GLU D 247 17.51 -26.38 -43.05
CA GLU D 247 17.41 -25.76 -44.39
C GLU D 247 16.81 -26.76 -45.35
N VAL D 248 15.63 -26.44 -45.87
CA VAL D 248 15.00 -27.23 -46.91
C VAL D 248 14.94 -26.37 -48.24
N PRO D 249 14.42 -26.93 -49.40
CA PRO D 249 14.46 -26.15 -50.65
C PRO D 249 13.81 -24.77 -50.54
N ASN D 250 12.58 -24.73 -50.10
CA ASN D 250 11.85 -23.55 -49.63
C ASN D 250 12.59 -22.50 -48.76
N GLY D 251 13.69 -22.87 -48.08
CA GLY D 251 14.31 -21.99 -47.05
C GLY D 251 14.61 -22.67 -45.70
N ILE D 252 14.60 -21.83 -44.65
CA ILE D 252 14.95 -22.15 -43.23
C ILE D 252 13.72 -22.12 -42.32
N TYR D 253 13.54 -23.24 -41.62
CA TYR D 253 12.49 -23.39 -40.65
C TYR D 253 13.11 -23.60 -39.25
N TYR D 254 12.41 -23.19 -38.20
CA TYR D 254 12.90 -23.52 -36.84
C TYR D 254 11.69 -23.98 -36.07
N GLY D 255 11.93 -24.76 -35.01
CA GLY D 255 10.88 -25.47 -34.35
C GLY D 255 11.26 -26.05 -32.97
N PHE D 256 10.22 -26.48 -32.24
CA PHE D 256 10.36 -26.81 -30.81
C PHE D 256 9.63 -28.12 -30.56
N PRO D 257 10.20 -29.02 -29.68
CA PRO D 257 9.41 -30.15 -29.27
C PRO D 257 8.14 -29.80 -28.51
N SER D 258 7.25 -30.76 -28.38
CA SER D 258 6.06 -30.49 -27.61
C SER D 258 6.45 -30.55 -26.13
N PHE D 259 6.04 -29.60 -25.31
CA PHE D 259 6.37 -29.62 -23.89
C PHE D 259 5.07 -29.89 -23.16
N GLY D 260 5.03 -30.82 -22.23
CA GLY D 260 3.74 -31.02 -21.53
C GLY D 260 2.48 -31.31 -22.36
N GLY D 261 2.65 -31.97 -23.51
CA GLY D 261 1.52 -32.39 -24.38
C GLY D 261 0.85 -31.25 -25.13
N CYS D 262 1.57 -30.14 -25.35
CA CYS D 262 0.94 -28.88 -25.84
C CYS D 262 1.19 -28.54 -27.32
N GLY D 263 1.95 -29.35 -28.02
CA GLY D 263 2.05 -29.17 -29.43
C GLY D 263 3.42 -28.72 -29.83
N LEU D 264 3.79 -29.13 -31.04
CA LEU D 264 5.04 -28.75 -31.65
C LEU D 264 4.86 -27.31 -32.19
N ARG D 265 5.84 -26.41 -32.00
CA ARG D 265 5.79 -25.05 -32.59
C ARG D 265 6.71 -25.03 -33.78
N LEU D 266 6.35 -24.25 -34.81
CA LEU D 266 7.18 -24.15 -35.97
C LEU D 266 7.02 -22.75 -36.59
N GLY D 267 8.13 -22.20 -37.07
CA GLY D 267 8.14 -20.92 -37.71
C GLY D 267 8.95 -21.06 -38.98
N TYR D 268 8.65 -20.20 -39.94
CA TYR D 268 9.43 -20.11 -41.15
C TYR D 268 10.28 -18.88 -41.08
N HIS D 269 11.56 -19.08 -41.04
CA HIS D 269 12.51 -18.03 -40.72
C HIS D 269 12.85 -17.12 -41.93
N THR D 270 12.92 -17.72 -43.13
CA THR D 270 13.50 -17.00 -44.31
C THR D 270 12.55 -15.95 -44.98
N PHE D 271 11.24 -16.10 -44.78
CA PHE D 271 10.26 -15.15 -45.25
C PHE D 271 9.38 -14.55 -44.11
N GLY D 272 9.09 -13.26 -44.24
CA GLY D 272 7.92 -12.66 -43.60
C GLY D 272 7.54 -11.34 -44.31
N GLN D 273 6.37 -10.80 -44.00
CA GLN D 273 5.86 -9.50 -44.58
C GLN D 273 6.59 -8.34 -43.94
N LYS D 274 7.19 -7.48 -44.78
CA LYS D 274 7.59 -6.11 -44.40
C LYS D 274 6.46 -5.35 -43.75
N ILE D 275 6.68 -4.79 -42.57
CA ILE D 275 5.60 -4.09 -41.83
C ILE D 275 6.14 -2.88 -41.08
N ASP D 276 5.25 -2.06 -40.58
CA ASP D 276 5.57 -0.98 -39.65
C ASP D 276 5.09 -1.56 -38.33
N PRO D 277 5.87 -1.44 -37.25
CA PRO D 277 5.41 -2.15 -36.01
C PRO D 277 4.18 -1.58 -35.32
N ASP D 278 3.81 -0.36 -35.74
CA ASP D 278 2.58 0.31 -35.22
C ASP D 278 1.39 -0.11 -36.08
N THR D 279 1.58 -0.81 -37.17
CA THR D 279 0.39 -1.08 -37.97
C THR D 279 0.27 -2.56 -38.28
N ILE D 280 1.27 -3.33 -37.83
CA ILE D 280 1.29 -4.80 -38.03
C ILE D 280 -0.04 -5.49 -37.68
N ASN D 281 -0.47 -6.39 -38.57
CA ASN D 281 -1.57 -7.29 -38.25
C ASN D 281 -1.09 -8.49 -37.42
N ARG D 282 -1.43 -8.43 -36.14
CA ARG D 282 -0.98 -9.41 -35.14
C ARG D 282 -1.93 -10.57 -34.98
N GLU D 283 -2.81 -10.78 -35.97
CA GLU D 283 -3.69 -11.93 -35.99
C GLU D 283 -3.10 -13.07 -36.88
N PHE D 284 -3.03 -14.29 -36.32
CA PHE D 284 -2.44 -15.38 -37.08
C PHE D 284 -3.47 -15.90 -38.12
N GLY D 285 -3.06 -16.15 -39.35
CA GLY D 285 -3.96 -16.81 -40.23
C GLY D 285 -4.68 -15.93 -41.22
N VAL D 286 -4.58 -14.61 -41.04
CA VAL D 286 -5.07 -13.62 -42.03
C VAL D 286 -4.31 -13.66 -43.37
N TYR D 287 -3.04 -14.04 -43.41
CA TYR D 287 -2.45 -14.37 -44.70
C TYR D 287 -2.47 -15.90 -44.82
N PRO D 288 -2.76 -16.41 -46.03
CA PRO D 288 -2.79 -17.88 -46.12
C PRO D 288 -1.38 -18.47 -46.01
N GLU D 289 -0.35 -17.66 -46.23
CA GLU D 289 1.06 -18.08 -46.08
C GLU D 289 1.39 -18.49 -44.64
N ASP D 290 0.62 -17.98 -43.68
CA ASP D 290 0.91 -18.10 -42.27
C ASP D 290 0.88 -19.59 -41.92
N GLU D 291 -0.15 -20.27 -42.40
CA GLU D 291 -0.34 -21.69 -42.15
C GLU D 291 0.22 -22.58 -43.25
N SER D 292 0.10 -22.15 -44.50
CA SER D 292 0.45 -23.02 -45.59
C SER D 292 1.94 -23.32 -45.59
N ASN D 293 2.77 -22.32 -45.31
CA ASN D 293 4.25 -22.49 -45.31
C ASN D 293 4.72 -23.46 -44.17
N LEU D 294 3.94 -23.49 -43.08
CA LEU D 294 4.20 -24.36 -41.91
C LEU D 294 3.83 -25.77 -42.32
N ARG D 295 2.58 -25.94 -42.77
CA ARG D 295 2.11 -27.25 -43.22
C ARG D 295 2.93 -27.88 -44.36
N ALA D 296 3.40 -27.02 -45.28
CA ALA D 296 4.33 -27.42 -46.36
C ALA D 296 5.49 -28.24 -45.80
N PHE D 297 6.22 -27.66 -44.84
CA PHE D 297 7.33 -28.32 -44.14
C PHE D 297 6.87 -29.53 -43.38
N LEU D 298 5.87 -29.36 -42.53
CA LEU D 298 5.40 -30.49 -41.65
C LEU D 298 4.99 -31.74 -42.44
N GLU D 299 4.06 -31.57 -43.42
CA GLU D 299 3.63 -32.73 -44.29
C GLU D 299 4.80 -33.50 -44.88
N GLU D 300 5.86 -32.79 -45.24
CA GLU D 300 6.97 -33.45 -45.88
C GLU D 300 7.95 -34.11 -44.91
N TYR D 301 8.31 -33.37 -43.85
CA TYR D 301 9.49 -33.67 -43.02
C TYR D 301 9.15 -34.12 -41.60
N MET D 302 8.06 -33.65 -41.03
CA MET D 302 7.64 -34.16 -39.74
C MET D 302 6.18 -34.43 -39.82
N PRO D 303 5.81 -35.52 -40.56
CA PRO D 303 4.40 -35.67 -40.95
C PRO D 303 3.44 -35.97 -39.77
N GLY D 304 3.95 -36.50 -38.65
CA GLY D 304 3.09 -36.84 -37.47
C GLY D 304 2.90 -35.65 -36.52
N ALA D 305 3.54 -34.55 -36.92
CA ALA D 305 3.39 -33.24 -36.24
C ALA D 305 2.45 -32.25 -36.97
N ASN D 306 1.81 -32.76 -38.03
CA ASN D 306 0.97 -31.96 -38.92
C ASN D 306 -0.46 -32.07 -38.54
N GLY D 307 -0.77 -31.89 -37.26
CA GLY D 307 -2.15 -31.92 -36.76
C GLY D 307 -2.90 -30.60 -36.82
N GLU D 308 -4.04 -30.62 -36.15
CA GLU D 308 -4.77 -29.44 -35.74
C GLU D 308 -3.90 -28.25 -35.39
N LEU D 309 -4.18 -27.09 -36.00
CA LEU D 309 -3.59 -25.86 -35.55
C LEU D 309 -4.26 -25.48 -34.25
N LYS D 310 -3.50 -25.57 -33.15
CA LYS D 310 -4.01 -25.19 -31.85
C LYS D 310 -4.03 -23.67 -31.59
N ARG D 311 -3.06 -22.93 -32.14
CA ARG D 311 -2.82 -21.54 -31.73
C ARG D 311 -1.74 -21.04 -32.72
N GLY D 312 -1.69 -19.74 -32.94
CA GLY D 312 -0.56 -19.15 -33.61
C GLY D 312 -0.15 -17.91 -32.88
N ALA D 313 1.07 -17.43 -33.17
CA ALA D 313 1.59 -16.21 -32.56
C ALA D 313 2.14 -15.33 -33.65
N VAL D 314 2.10 -14.00 -33.46
CA VAL D 314 2.65 -13.12 -34.48
C VAL D 314 3.59 -12.19 -33.86
N CYS D 315 4.83 -12.19 -34.35
CA CYS D 315 5.91 -11.59 -33.62
C CYS D 315 6.81 -10.88 -34.67
N MET D 316 7.90 -10.22 -34.29
CA MET D 316 8.63 -9.40 -35.26
C MET D 316 10.12 -9.57 -35.19
N TYR D 317 10.77 -9.73 -36.38
CA TYR D 317 12.21 -9.52 -36.57
C TYR D 317 12.55 -8.09 -36.95
N THR D 318 13.72 -7.61 -36.59
CA THR D 318 14.09 -6.30 -37.13
C THR D 318 15.44 -6.47 -37.76
N LYS D 319 15.51 -6.57 -39.09
CA LYS D 319 16.77 -6.91 -39.75
C LYS D 319 17.65 -5.69 -40.10
N THR D 320 18.98 -5.83 -39.93
CA THR D 320 19.97 -4.89 -40.47
C THR D 320 20.29 -5.37 -41.89
N LEU D 321 21.03 -4.61 -42.71
CA LEU D 321 21.43 -5.12 -44.03
C LEU D 321 22.29 -6.36 -43.98
N ASP D 322 23.22 -6.46 -43.04
CA ASP D 322 24.07 -7.64 -43.03
C ASP D 322 23.56 -8.75 -42.04
N GLU D 323 22.40 -8.53 -41.46
CA GLU D 323 21.82 -9.45 -40.46
C GLU D 323 22.69 -9.72 -39.18
N HIS D 324 23.69 -8.88 -38.96
CA HIS D 324 24.47 -8.84 -37.75
C HIS D 324 23.90 -7.76 -36.89
N PHE D 325 24.09 -7.88 -35.55
CA PHE D 325 23.45 -6.97 -34.59
C PHE D 325 24.09 -5.59 -34.61
N ILE D 326 23.38 -4.64 -34.03
CA ILE D 326 23.97 -3.37 -33.60
C ILE D 326 24.10 -3.31 -32.06
N ILE D 327 25.34 -3.28 -31.58
CA ILE D 327 25.55 -3.09 -30.15
C ILE D 327 26.78 -2.21 -29.97
N ASP D 328 26.57 -0.94 -29.70
CA ASP D 328 27.66 0.03 -29.68
C ASP D 328 27.22 1.30 -28.96
N LEU D 329 28.19 2.10 -28.49
CA LEU D 329 27.93 3.55 -28.20
C LEU D 329 27.40 4.34 -29.41
N HIS D 330 26.55 5.33 -29.19
CA HIS D 330 26.07 6.22 -30.22
C HIS D 330 27.31 6.97 -30.77
N PRO D 331 27.49 6.98 -32.10
CA PRO D 331 28.73 7.55 -32.66
C PRO D 331 29.01 9.00 -32.21
N GLU D 332 27.99 9.79 -31.94
CA GLU D 332 28.17 11.16 -31.45
C GLU D 332 27.90 11.31 -29.95
N HIS D 333 27.61 10.22 -29.21
CA HIS D 333 27.39 10.35 -27.76
C HIS D 333 27.86 9.12 -27.06
N SER D 334 28.93 9.31 -26.31
CA SER D 334 29.50 8.22 -25.56
C SER D 334 28.63 7.81 -24.37
N ASN D 335 27.61 8.61 -24.03
CA ASN D 335 26.75 8.34 -22.84
C ASN D 335 25.41 7.67 -23.18
N VAL D 336 25.26 7.30 -24.47
CA VAL D 336 24.07 6.64 -25.06
C VAL D 336 24.60 5.33 -25.64
N VAL D 337 23.84 4.24 -25.44
CA VAL D 337 24.21 2.89 -25.91
C VAL D 337 23.06 2.43 -26.82
N ILE D 338 23.34 1.74 -27.91
CA ILE D 338 22.26 1.36 -28.82
C ILE D 338 22.31 -0.16 -28.96
N ALA D 339 21.18 -0.78 -28.81
CA ALA D 339 21.02 -2.21 -29.03
C ALA D 339 19.90 -2.43 -30.05
N ALA D 340 20.24 -2.79 -31.30
CA ALA D 340 19.26 -2.78 -32.30
C ALA D 340 19.51 -3.83 -33.39
N GLY D 341 18.51 -4.00 -34.25
CA GLY D 341 18.66 -4.90 -35.42
C GLY D 341 19.11 -6.35 -35.13
N PHE D 342 18.42 -7.05 -34.22
CA PHE D 342 18.83 -8.43 -33.83
C PHE D 342 18.46 -9.51 -34.87
N SER D 343 17.77 -9.07 -35.91
CA SER D 343 17.62 -9.83 -37.13
C SER D 343 17.07 -11.23 -37.00
N GLY D 344 16.13 -11.40 -36.05
CA GLY D 344 15.48 -12.68 -35.80
C GLY D 344 16.32 -13.76 -35.12
N HIS D 345 17.49 -13.40 -34.55
CA HIS D 345 18.34 -14.39 -33.92
C HIS D 345 18.98 -13.86 -32.65
N GLY D 346 18.36 -12.88 -32.01
CA GLY D 346 18.98 -12.27 -30.87
C GLY D 346 18.60 -12.78 -29.48
N PHE D 347 17.52 -13.54 -29.30
CA PHE D 347 17.05 -13.72 -27.91
C PHE D 347 18.02 -14.61 -27.13
N LYS D 348 18.66 -15.57 -27.77
CA LYS D 348 19.57 -16.50 -27.10
C LYS D 348 20.71 -15.74 -26.50
N PHE D 349 20.96 -14.59 -27.11
CA PHE D 349 22.10 -13.73 -26.67
C PHE D 349 21.69 -12.71 -25.65
N SER D 350 20.40 -12.56 -25.38
CA SER D 350 19.96 -11.42 -24.62
C SER D 350 20.58 -11.33 -23.20
N SER D 351 21.01 -12.45 -22.59
CA SER D 351 21.59 -12.38 -21.25
C SER D 351 22.97 -11.73 -21.39
N GLY D 352 23.68 -12.14 -22.45
CA GLY D 352 25.03 -11.68 -22.72
C GLY D 352 24.96 -10.22 -23.13
N VAL D 353 23.93 -9.90 -23.89
CA VAL D 353 23.76 -8.56 -24.32
C VAL D 353 23.51 -7.69 -23.17
N GLY D 354 22.70 -8.13 -22.19
CA GLY D 354 22.41 -7.20 -21.05
C GLY D 354 23.68 -6.88 -20.30
N GLU D 355 24.53 -7.87 -20.19
CA GLU D 355 25.82 -7.70 -19.55
C GLU D 355 26.68 -6.71 -20.34
N VAL D 356 26.83 -6.95 -21.66
CA VAL D 356 27.46 -5.93 -22.58
C VAL D 356 26.97 -4.47 -22.41
N LEU D 357 25.66 -4.29 -22.43
CA LEU D 357 25.02 -2.97 -22.34
C LEU D 357 25.28 -2.27 -21.00
N SER D 358 25.26 -3.07 -19.92
CA SER D 358 25.56 -2.53 -18.60
C SER D 358 27.00 -1.97 -18.61
N GLN D 359 27.95 -2.76 -19.09
CA GLN D 359 29.37 -2.37 -19.18
C GLN D 359 29.58 -1.12 -20.07
N LEU D 360 29.08 -1.18 -21.31
CA LEU D 360 29.07 -0.01 -22.19
C LEU D 360 28.54 1.22 -21.48
N ALA D 361 27.37 1.11 -20.84
CA ALA D 361 26.79 2.26 -20.18
C ALA D 361 27.58 2.78 -18.98
N LEU D 362 28.03 1.90 -18.07
CA LEU D 362 28.78 2.31 -16.90
C LEU D 362 30.23 2.67 -17.18
N THR D 363 30.86 2.05 -18.19
CA THR D 363 32.29 2.26 -18.39
C THR D 363 32.70 2.72 -19.82
N GLY D 364 31.77 2.84 -20.75
CA GLY D 364 32.13 3.07 -22.18
C GLY D 364 32.87 1.94 -22.94
N LYS D 365 33.23 0.85 -22.27
CA LYS D 365 33.97 -0.27 -22.87
C LYS D 365 33.20 -1.54 -22.48
N THR D 366 33.51 -2.69 -23.11
CA THR D 366 33.01 -4.02 -22.66
C THR D 366 34.16 -5.03 -22.64
N GLU D 367 34.12 -6.04 -21.76
CA GLU D 367 35.15 -7.09 -21.74
C GLU D 367 35.07 -8.05 -22.95
N HIS D 368 33.90 -8.11 -23.59
CA HIS D 368 33.67 -8.97 -24.76
C HIS D 368 34.07 -8.33 -26.07
N ASP D 369 34.29 -9.16 -27.11
CA ASP D 369 34.52 -8.70 -28.50
C ASP D 369 33.20 -8.42 -29.28
N ILE D 370 32.87 -7.15 -29.48
CA ILE D 370 31.62 -6.77 -30.14
C ILE D 370 31.91 -6.03 -31.46
N SER D 371 33.10 -6.32 -32.02
CA SER D 371 33.70 -5.60 -33.14
C SER D 371 32.75 -5.70 -34.32
N ILE D 372 32.28 -6.91 -34.62
CA ILE D 372 31.31 -7.10 -35.71
C ILE D 372 29.94 -6.45 -35.54
N PHE D 373 29.64 -5.93 -34.35
CA PHE D 373 28.34 -5.22 -34.09
C PHE D 373 28.46 -3.70 -34.04
N SER D 374 29.65 -3.19 -34.30
CA SER D 374 29.91 -1.76 -34.27
C SER D 374 28.96 -1.06 -35.22
N ILE D 375 28.51 0.08 -34.74
CA ILE D 375 27.56 0.90 -35.47
C ILE D 375 28.32 1.71 -36.59
N ASN D 376 29.66 1.62 -36.59
CA ASN D 376 30.58 2.29 -37.52
C ASN D 376 30.96 1.42 -38.79
N ARG D 377 30.58 0.13 -38.80
CA ARG D 377 30.90 -0.80 -39.92
C ARG D 377 30.16 -0.43 -41.23
N PRO D 378 30.84 -0.57 -42.41
CA PRO D 378 30.21 -0.20 -43.70
C PRO D 378 28.96 -0.96 -44.15
N ALA D 379 28.89 -2.26 -43.84
CA ALA D 379 27.76 -3.07 -44.32
C ALA D 379 26.39 -2.64 -43.76
N LEU D 380 26.39 -1.88 -42.68
CA LEU D 380 25.13 -1.35 -42.14
C LEU D 380 24.51 -0.44 -43.19
N LYS D 381 25.42 0.15 -43.97
CA LYS D 381 25.25 1.23 -44.99
C LYS D 381 25.58 2.63 -44.47
PA FAD E . 5.28 -40.29 -0.47
O1A FAD E . 5.86 -39.26 -1.47
O2A FAD E . 4.12 -39.87 0.32
O5B FAD E . 4.96 -41.50 -1.47
C5B FAD E . 4.39 -42.73 -0.99
C4B FAD E . 3.30 -43.09 -2.00
O4B FAD E . 2.74 -44.33 -1.66
C3B FAD E . 2.09 -42.16 -2.06
O3B FAD E . 1.98 -41.62 -3.40
C2B FAD E . 0.85 -42.99 -1.66
O2B FAD E . -0.34 -42.57 -2.44
C1B FAD E . 1.35 -44.35 -2.08
N9A FAD E . 0.65 -45.47 -1.36
C8A FAD E . 0.38 -45.54 -0.07
N7A FAD E . -0.26 -46.71 0.19
C5A FAD E . -0.34 -47.37 -0.98
C6A FAD E . -0.96 -48.66 -1.39
N6A FAD E . -1.57 -49.50 -0.52
N1A FAD E . -0.90 -48.99 -2.67
C2A FAD E . -0.32 -48.15 -3.58
N3A FAD E . 0.21 -46.95 -3.25
C4A FAD E . 0.22 -46.57 -1.94
N1 FAD E . 12.21 -33.49 3.27
C2 FAD E . 13.30 -32.76 2.89
O2 FAD E . 14.26 -33.42 2.54
N3 FAD E . 13.38 -31.40 2.94
C4 FAD E . 12.32 -30.73 3.42
O4 FAD E . 12.29 -29.40 3.48
C4X FAD E . 11.14 -31.50 3.86
N5 FAD E . 10.00 -30.86 4.36
C5X FAD E . 8.87 -31.54 4.61
C6 FAD E . 7.73 -30.83 4.99
C7 FAD E . 6.56 -31.50 5.37
C7M FAD E . 5.31 -30.69 5.88
C8 FAD E . 6.57 -32.90 5.25
C8M FAD E . 5.37 -33.74 5.60
C9 FAD E . 7.69 -33.65 4.80
C9A FAD E . 8.86 -32.93 4.51
N10 FAD E . 10.02 -33.61 4.12
C10 FAD E . 11.15 -32.88 3.76
C1' FAD E . 9.96 -35.07 4.01
C2' FAD E . 9.74 -35.63 2.62
O2' FAD E . 8.67 -34.88 2.03
C3' FAD E . 9.40 -37.09 2.89
O3' FAD E . 10.45 -37.76 3.67
C4' FAD E . 9.30 -37.87 1.60
O4' FAD E . 8.38 -37.24 0.70
C5' FAD E . 8.95 -39.32 1.80
O5' FAD E . 8.74 -39.80 0.44
P FAD E . 8.00 -41.20 0.15
O1P FAD E . 8.36 -42.15 1.24
O2P FAD E . 8.17 -41.68 -1.27
O3P FAD E . 6.46 -40.98 0.42
CL CL F . 8.94 -38.73 5.90
PA FAD G . -10.89 2.69 19.17
O1A FAD G . -11.25 4.11 18.82
O2A FAD G . -9.67 2.02 18.64
O5B FAD G . -10.85 2.58 20.81
C5B FAD G . -10.37 1.41 21.49
C4B FAD G . -9.43 1.88 22.60
O4B FAD G . -9.23 0.79 23.51
C3B FAD G . -8.05 2.19 22.02
O3B FAD G . -7.60 3.51 22.29
C2B FAD G . -7.11 1.11 22.62
O2B FAD G . -5.84 1.65 22.94
C1B FAD G . -7.86 0.74 23.86
N9A FAD G . -7.61 -0.61 24.39
C8A FAD G . -7.51 -1.75 23.68
N7A FAD G . -7.29 -2.80 24.53
C5A FAD G . -7.23 -2.26 25.77
C6A FAD G . -7.03 -2.86 27.12
N6A FAD G . -6.81 -4.19 27.22
N1A FAD G . -7.04 -2.03 28.21
C2A FAD G . -7.22 -0.69 28.06
N3A FAD G . -7.42 -0.10 26.85
C4A FAD G . -7.43 -0.88 25.69
N1 FAD G . -16.48 5.33 10.62
C2 FAD G . -17.30 6.26 10.04
O2 FAD G . -18.39 6.43 10.57
N3 FAD G . -16.96 6.96 8.91
C4 FAD G . -15.79 6.74 8.30
O4 FAD G . -15.33 7.43 7.23
C4X FAD G . -14.90 5.72 8.86
N5 FAD G . -13.70 5.50 8.25
C5X FAD G . -12.79 4.62 8.76
C6 FAD G . -11.54 4.50 8.14
C7 FAD G . -10.65 3.59 8.67
C7M FAD G . -9.31 3.40 8.00
C8 FAD G . -10.99 2.87 9.81
C8M FAD G . -10.02 1.86 10.36
C9 FAD G . -12.20 3.02 10.45
C9A FAD G . -13.11 3.89 9.88
N10 FAD G . -14.38 4.13 10.52
C10 FAD G . -15.27 5.04 10.01
C1' FAD G . -14.77 3.36 11.72
C2' FAD G . -14.42 3.96 13.04
O2' FAD G . -13.10 4.56 12.96
C3' FAD G . -14.45 2.77 14.01
O3' FAD G . -15.64 1.95 13.85
C4' FAD G . -14.45 3.31 15.44
O4' FAD G . -13.33 4.20 15.54
C5' FAD G . -14.36 2.22 16.54
O5' FAD G . -14.18 2.88 17.81
P FAD G . -13.68 2.12 19.13
O1P FAD G . -14.48 0.83 19.15
O2P FAD G . -13.75 3.07 20.29
O3P FAD G . -12.14 1.74 18.90
CL CL H . -14.62 -0.61 13.47
P PO4 I . -28.74 15.27 4.84
O1 PO4 I . -29.63 16.00 5.86
O2 PO4 I . -29.34 13.94 4.41
O3 PO4 I . -27.40 14.98 5.47
O4 PO4 I . -28.53 16.13 3.63
PA FAD J . -5.91 44.82 8.98
O1A FAD J . -6.57 43.51 9.40
O2A FAD J . -4.63 45.20 9.66
O5B FAD J . -5.80 44.93 7.36
C5B FAD J . -5.26 46.08 6.70
C4B FAD J . -4.43 45.57 5.55
O4B FAD J . -4.04 46.60 4.60
C3B FAD J . -3.19 44.92 6.10
O3B FAD J . -3.15 43.58 5.64
C2B FAD J . -2.09 45.76 5.42
O2B FAD J . -0.95 45.03 5.08
C1B FAD J . -2.73 46.27 4.15
N9A FAD J . -2.05 47.48 3.66
C8A FAD J . -1.59 48.48 4.44
N7A FAD J . -1.05 49.43 3.67
C5A FAD J . -1.17 49.01 2.41
C6A FAD J . -0.76 49.59 1.10
N6A FAD J . -0.11 50.77 1.14
N1A FAD J . -1.02 48.88 -0.07
C2A FAD J . -1.64 47.69 0.00
N3A FAD J . -2.03 47.15 1.19
C4A FAD J . -1.80 47.77 2.39
N1 FAD J . -11.89 43.60 17.49
C2 FAD J . -12.93 42.84 17.95
O2 FAD J . -14.06 42.96 17.38
N3 FAD J . -12.80 42.05 19.03
C4 FAD J . -11.62 42.00 19.67
O4 FAD J . -11.36 41.23 20.73
C4X FAD J . -10.51 42.80 19.20
N5 FAD J . -9.31 42.73 19.85
C5X FAD J . -8.20 43.35 19.32
C6 FAD J . -6.94 43.25 19.97
C7 FAD J . -5.85 43.96 19.49
C7M FAD J . -4.55 43.77 20.22
C8 FAD J . -6.01 44.73 18.33
C8M FAD J . -4.96 45.60 17.70
C9 FAD J . -7.26 44.85 17.74
C9A FAD J . -8.35 44.14 18.23
N10 FAD J . -9.63 44.27 17.61
C10 FAD J . -10.68 43.57 18.06
C1' FAD J . -9.78 45.13 16.43
C2' FAD J . -9.61 44.44 15.10
O2' FAD J . -8.46 43.62 15.27
C3' FAD J . -9.39 45.55 14.08
O3' FAD J . -10.39 46.57 14.27
C4' FAD J . -9.53 45.00 12.69
O4' FAD J . -8.58 43.92 12.58
C5' FAD J . -9.22 46.03 11.63
O5' FAD J . -9.14 45.38 10.34
P FAD J . -8.53 46.11 9.05
O1P FAD J . -8.97 47.51 8.98
O2P FAD J . -8.90 45.33 7.78
O3P FAD J . -6.93 46.08 9.16
CL CL K . -8.75 49.08 14.55
PA FAD L . 11.82 -6.63 -27.78
O1A FAD L . 12.10 -7.92 -26.93
O2A FAD L . 10.61 -6.73 -28.65
O5B FAD L . 11.97 -5.36 -26.75
C5B FAD L . 11.77 -4.04 -27.23
C4B FAD L . 10.85 -3.33 -26.27
O4B FAD L . 10.83 -1.94 -26.66
C3B FAD L . 9.42 -3.82 -26.26
O3B FAD L . 9.16 -4.17 -24.89
C2B FAD L . 8.56 -2.61 -26.72
O2B FAD L . 7.24 -2.50 -26.05
C1B FAD L . 9.52 -1.49 -26.31
N9A FAD L . 9.32 -0.16 -26.91
C8A FAD L . 9.12 0.05 -28.20
N7A FAD L . 8.98 1.41 -28.40
C5A FAD L . 9.10 2.01 -27.17
C6A FAD L . 9.05 3.43 -26.73
N6A FAD L . 8.83 4.38 -27.67
N1A FAD L . 9.24 3.73 -25.42
C2A FAD L . 9.46 2.71 -24.57
N3A FAD L . 9.53 1.38 -24.97
C4A FAD L . 9.33 1.01 -26.24
N1 FAD L . 16.06 -15.55 -31.30
C2 FAD L . 16.79 -16.61 -30.88
O2 FAD L . 17.96 -16.44 -30.43
N3 FAD L . 16.33 -17.88 -30.99
C4 FAD L . 15.07 -18.11 -31.47
O4 FAD L . 14.55 -19.32 -31.60
C4X FAD L . 14.25 -16.97 -31.95
N5 FAD L . 12.99 -17.19 -32.46
C5X FAD L . 12.22 -16.13 -32.79
C6 FAD L . 10.92 -16.34 -33.26
C7 FAD L . 10.14 -15.23 -33.65
C7M FAD L . 8.74 -15.41 -34.18
C8 FAD L . 10.67 -13.95 -33.50
C8M FAD L . 9.87 -12.73 -33.91
C9 FAD L . 11.95 -13.75 -32.99
C9A FAD L . 12.75 -14.83 -32.67
N10 FAD L . 14.07 -14.61 -32.21
C10 FAD L . 14.80 -15.68 -31.82
C1' FAD L . 14.64 -13.24 -32.10
C2' FAD L . 14.41 -12.53 -30.78
O2' FAD L . 13.12 -12.89 -30.30
C3' FAD L . 14.55 -11.03 -31.02
O3' FAD L . 15.72 -10.83 -31.82
C4' FAD L . 14.76 -10.29 -29.75
O4' FAD L . 13.67 -10.58 -28.90
C5' FAD L . 14.81 -8.80 -29.90
O5' FAD L . 14.87 -8.24 -28.57
P FAD L . 14.59 -6.67 -28.30
O1P FAD L . 15.29 -5.95 -29.47
O2P FAD L . 14.94 -6.25 -26.91
O3P FAD L . 13.08 -6.42 -28.75
CL CL M . 14.85 -9.37 -34.09
P PO4 N . 26.93 -27.71 -27.86
O1 PO4 N . 25.69 -26.91 -27.64
O2 PO4 N . 27.36 -27.38 -29.27
O3 PO4 N . 26.50 -29.19 -27.69
O4 PO4 N . 28.09 -27.40 -26.95
#